data_4HL6
#
_entry.id   4HL6
#
_cell.length_a   111.422
_cell.length_b   79.527
_cell.length_c   276.189
_cell.angle_alpha   90.000
_cell.angle_beta   99.950
_cell.angle_gamma   90.000
#
_symmetry.space_group_name_H-M   'C 1 2 1'
#
loop_
_entity.id
_entity.type
_entity.pdbx_description
1 polymer 'Uncharacterized protein YfdE'
2 water water
#
_entity_poly.entity_id   1
_entity_poly.type   'polypeptide(L)'
_entity_poly.pdbx_seq_one_letter_code
;MGSSHHHHHHSSGLVPRGSHMTNNESKGPFEGLLVIDMTHVLNGPFGTQLLCNMGARVIKVEPPGHGDDTRTFGPYVDGQ
SLYYSFINHGKESVVLDLKNDHDKSIFINMLKQADVLAENFRPGTMEKLGFSWETLQEINPRLIYASSSGFGHTGPLKDA
PAYDTIIQAMSGIMMETGYPDAPPVRVGTSLADLCGGVYLFSGIVSALYGREKSQRGAHVDIAMFDATLSFLEHGLMAYI
ATGKSPQRLGNRHPYMAPFDVFNTQDKPITICCGNDKLFSALCQALELTELVNDPRFSSNILRVQNQAILKQYIERTLKT
QAAEVWLARIHEVGVPVAPLLSVAEAIKLPQTQARNMLIEAGGIMMPGNPIKISGCADPHVMPGAATLDQHGEQIRQEFS
S
;
_entity_poly.pdbx_strand_id   A,B,C,D,E,F
#
# COMPACT_ATOMS: atom_id res chain seq x y z
N LYS A 27 19.55 -5.45 16.80
CA LYS A 27 18.71 -5.80 17.94
C LYS A 27 18.34 -7.28 17.99
N GLY A 28 19.05 -8.09 17.21
CA GLY A 28 18.83 -9.53 17.23
C GLY A 28 18.62 -10.15 15.86
N PRO A 29 18.90 -11.46 15.75
CA PRO A 29 18.86 -12.20 14.48
C PRO A 29 17.48 -12.36 13.87
N PHE A 30 16.41 -12.19 14.66
CA PHE A 30 15.06 -12.43 14.17
C PHE A 30 14.31 -11.16 13.81
N GLU A 31 15.03 -10.04 13.75
CA GLU A 31 14.45 -8.77 13.33
C GLU A 31 13.87 -8.90 11.93
N GLY A 32 12.61 -8.51 11.78
CA GLY A 32 11.96 -8.59 10.48
C GLY A 32 11.04 -9.79 10.35
N LEU A 33 11.05 -10.66 11.36
CA LEU A 33 10.17 -11.82 11.35
C LEU A 33 8.84 -11.53 12.01
N LEU A 34 7.78 -12.14 11.50
CA LEU A 34 6.45 -11.99 12.07
C LEU A 34 5.97 -13.31 12.63
N VAL A 35 5.75 -13.35 13.94
CA VAL A 35 5.25 -14.54 14.59
C VAL A 35 3.81 -14.33 15.02
N ILE A 36 2.91 -15.14 14.47
CA ILE A 36 1.54 -15.17 14.96
C ILE A 36 1.44 -16.18 16.10
N ASP A 37 1.22 -15.68 17.31
CA ASP A 37 1.35 -16.48 18.51
C ASP A 37 0.02 -16.76 19.20
N MET A 38 -0.46 -18.00 19.08
CA MET A 38 -1.71 -18.40 19.71
C MET A 38 -1.47 -19.25 20.96
N THR A 39 -0.20 -19.40 21.34
CA THR A 39 0.12 -20.21 22.52
C THR A 39 -0.39 -19.57 23.80
N HIS A 40 -0.63 -20.39 24.81
CA HIS A 40 -1.07 -19.92 26.11
C HIS A 40 -0.45 -20.76 27.23
N VAL A 41 -0.71 -20.36 28.47
CA VAL A 41 -0.12 -20.99 29.66
C VAL A 41 1.42 -20.81 29.67
N LEU A 42 2.18 -21.88 29.90
CA LEU A 42 3.62 -21.74 30.08
C LEU A 42 4.47 -22.30 28.94
N ASN A 43 4.19 -23.54 28.55
CA ASN A 43 5.01 -24.27 27.60
C ASN A 43 5.20 -23.57 26.25
N GLY A 44 4.10 -23.20 25.60
CA GLY A 44 4.15 -22.50 24.33
C GLY A 44 4.71 -21.09 24.38
N PRO A 45 4.19 -20.24 25.29
CA PRO A 45 4.70 -18.87 25.40
C PRO A 45 6.17 -18.76 25.79
N PHE A 46 6.71 -19.73 26.51
CA PHE A 46 8.13 -19.68 26.88
C PHE A 46 8.99 -19.74 25.63
N GLY A 47 8.57 -20.57 24.68
CA GLY A 47 9.27 -20.69 23.41
C GLY A 47 9.21 -19.42 22.58
N THR A 48 8.03 -18.82 22.48
CA THR A 48 7.86 -17.63 21.65
C THR A 48 8.47 -16.38 22.28
N GLN A 49 8.50 -16.33 23.61
CA GLN A 49 9.11 -15.22 24.33
C GLN A 49 10.59 -15.08 23.94
N LEU A 50 11.22 -16.22 23.69
CA LEU A 50 12.61 -16.24 23.26
C LEU A 50 12.78 -15.60 21.89
N LEU A 51 11.89 -15.93 20.96
CA LEU A 51 11.88 -15.30 19.65
C LEU A 51 11.69 -13.78 19.78
N CYS A 52 10.77 -13.38 20.65
CA CYS A 52 10.47 -11.97 20.87
C CYS A 52 11.68 -11.25 21.46
N ASN A 53 12.34 -11.90 22.42
CA ASN A 53 13.53 -11.36 23.05
C ASN A 53 14.61 -11.01 22.03
N MET A 54 14.73 -11.84 20.99
CA MET A 54 15.79 -11.68 20.00
C MET A 54 15.33 -11.09 18.66
N GLY A 55 14.32 -10.21 18.71
CA GLY A 55 14.03 -9.36 17.57
C GLY A 55 12.79 -9.62 16.73
N ALA A 56 12.12 -10.75 16.97
CA ALA A 56 10.92 -11.06 16.20
C ALA A 56 9.73 -10.23 16.67
N ARG A 57 8.89 -9.81 15.72
CA ARG A 57 7.62 -9.21 16.08
C ARG A 57 6.68 -10.34 16.44
N VAL A 58 6.24 -10.37 17.69
CA VAL A 58 5.35 -11.43 18.15
C VAL A 58 3.96 -10.88 18.48
N ILE A 59 2.97 -11.27 17.68
CA ILE A 59 1.60 -10.87 17.91
C ILE A 59 0.83 -12.00 18.60
N LYS A 60 0.48 -11.76 19.85
CA LYS A 60 -0.23 -12.76 20.64
C LYS A 60 -1.73 -12.70 20.36
N VAL A 61 -2.28 -13.79 19.84
CA VAL A 61 -3.70 -13.87 19.54
C VAL A 61 -4.44 -14.53 20.68
N GLU A 62 -5.21 -13.74 21.43
CA GLU A 62 -5.89 -14.21 22.62
C GLU A 62 -7.41 -14.29 22.42
N PRO A 63 -8.09 -15.18 23.15
CA PRO A 63 -9.55 -15.21 23.11
C PRO A 63 -10.14 -13.95 23.75
N PRO A 64 -11.18 -13.38 23.12
CA PRO A 64 -11.86 -12.21 23.69
C PRO A 64 -12.41 -12.47 25.08
N GLY A 65 -12.30 -11.48 25.96
CA GLY A 65 -12.82 -11.61 27.31
C GLY A 65 -11.80 -12.09 28.32
N HIS A 66 -11.46 -13.38 28.27
CA HIS A 66 -10.55 -13.98 29.23
C HIS A 66 -9.08 -13.74 28.87
N GLY A 67 -8.77 -13.86 27.58
CA GLY A 67 -7.40 -13.78 27.11
C GLY A 67 -6.63 -15.03 27.52
N ASP A 68 -5.30 -14.96 27.41
CA ASP A 68 -4.44 -16.06 27.84
C ASP A 68 -4.76 -16.41 29.29
N ASP A 69 -4.83 -17.71 29.57
CA ASP A 69 -5.15 -18.22 30.90
C ASP A 69 -4.29 -17.58 32.00
N THR A 70 -3.05 -17.26 31.66
CA THR A 70 -2.09 -16.75 32.62
C THR A 70 -2.42 -15.33 33.11
N ARG A 71 -3.28 -14.63 32.38
CA ARG A 71 -3.74 -13.31 32.84
C ARG A 71 -4.54 -13.47 34.13
N THR A 72 -5.11 -14.64 34.33
CA THR A 72 -5.84 -14.94 35.56
C THR A 72 -5.08 -15.94 36.44
N PHE A 73 -3.77 -16.01 36.23
CA PHE A 73 -2.87 -16.75 37.13
C PHE A 73 -2.26 -15.76 38.12
N GLY A 74 -2.19 -16.15 39.39
CA GLY A 74 -1.51 -15.34 40.37
C GLY A 74 0.00 -15.47 40.20
N PRO A 75 0.78 -14.66 40.95
CA PRO A 75 0.28 -13.62 41.85
C PRO A 75 0.14 -12.30 41.10
N TYR A 76 -0.55 -11.34 41.70
CA TYR A 76 -0.79 -10.08 41.01
C TYR A 76 0.04 -8.91 41.56
N VAL A 77 0.54 -8.08 40.65
CA VAL A 77 1.32 -6.91 41.01
C VAL A 77 0.90 -5.73 40.15
N ASP A 78 0.45 -4.66 40.81
CA ASP A 78 0.02 -3.44 40.13
C ASP A 78 -0.90 -3.70 38.95
N GLY A 79 -1.90 -4.54 39.17
CA GLY A 79 -2.89 -4.84 38.15
C GLY A 79 -2.60 -6.12 37.38
N GLN A 80 -1.34 -6.31 36.97
CA GLN A 80 -1.01 -7.42 36.08
C GLN A 80 -0.62 -8.72 36.79
N SER A 81 -0.87 -9.82 36.10
CA SER A 81 -0.41 -11.13 36.54
C SER A 81 1.08 -11.23 36.31
N LEU A 82 1.82 -11.64 37.34
CA LEU A 82 3.26 -11.85 37.19
C LEU A 82 3.51 -13.02 36.25
N TYR A 83 2.66 -14.04 36.33
CA TYR A 83 2.81 -15.21 35.48
C TYR A 83 2.72 -14.83 34.01
N TYR A 84 1.73 -14.01 33.66
CA TYR A 84 1.58 -13.54 32.29
C TYR A 84 2.76 -12.67 31.87
N SER A 85 3.10 -11.71 32.72
CA SER A 85 4.11 -10.71 32.37
C SER A 85 5.51 -11.30 32.20
N PHE A 86 5.82 -12.32 32.99
CA PHE A 86 7.12 -12.98 32.93
C PHE A 86 7.40 -13.58 31.56
N ILE A 87 6.39 -14.19 30.96
CA ILE A 87 6.60 -14.95 29.72
C ILE A 87 5.88 -14.37 28.50
N ASN A 88 5.42 -13.12 28.60
CA ASN A 88 4.75 -12.48 27.47
C ASN A 88 5.10 -11.01 27.27
N HIS A 89 6.13 -10.53 27.97
CA HIS A 89 6.55 -9.14 27.83
C HIS A 89 7.08 -8.86 26.43
N GLY A 90 6.58 -7.80 25.81
CA GLY A 90 7.04 -7.42 24.48
C GLY A 90 6.18 -7.98 23.36
N LYS A 91 5.27 -8.88 23.70
CA LYS A 91 4.35 -9.43 22.71
C LYS A 91 3.14 -8.51 22.58
N GLU A 92 2.70 -8.26 21.35
CA GLU A 92 1.50 -7.46 21.11
C GLU A 92 0.27 -8.31 21.37
N SER A 93 -0.85 -7.68 21.69
CA SER A 93 -2.05 -8.43 22.03
C SER A 93 -3.27 -8.08 21.16
N VAL A 94 -3.81 -9.10 20.49
CA VAL A 94 -5.08 -8.96 19.80
C VAL A 94 -6.04 -10.05 20.23
N VAL A 95 -7.29 -9.66 20.45
CA VAL A 95 -8.33 -10.64 20.68
C VAL A 95 -9.01 -10.96 19.35
N LEU A 96 -9.24 -12.24 19.10
CA LEU A 96 -9.88 -12.69 17.88
C LEU A 96 -10.70 -13.94 18.16
N ASP A 97 -11.84 -14.06 17.50
CA ASP A 97 -12.65 -15.26 17.61
C ASP A 97 -12.65 -15.97 16.26
N LEU A 98 -11.90 -17.06 16.17
CA LEU A 98 -11.70 -17.77 14.91
C LEU A 98 -12.96 -18.48 14.44
N LYS A 99 -14.00 -18.46 15.26
CA LYS A 99 -15.32 -18.96 14.87
C LYS A 99 -16.11 -17.83 14.24
N ASN A 100 -15.74 -16.60 14.58
CA ASN A 100 -16.33 -15.41 13.99
C ASN A 100 -15.65 -15.07 12.66
N ASP A 101 -16.45 -14.96 11.60
CA ASP A 101 -15.91 -14.84 10.25
C ASP A 101 -15.06 -13.58 10.00
N HIS A 102 -15.50 -12.44 10.55
CA HIS A 102 -14.77 -11.18 10.39
C HIS A 102 -13.35 -11.30 10.93
N ASP A 103 -13.20 -11.99 12.07
CA ASP A 103 -11.90 -12.17 12.70
C ASP A 103 -11.05 -13.20 11.99
N LYS A 104 -11.66 -14.32 11.63
CA LYS A 104 -11.00 -15.40 10.92
C LYS A 104 -10.38 -14.88 9.62
N SER A 105 -11.04 -13.89 9.02
CA SER A 105 -10.55 -13.26 7.81
C SER A 105 -9.30 -12.42 8.09
N ILE A 106 -9.31 -11.69 9.20
CA ILE A 106 -8.15 -10.92 9.63
C ILE A 106 -7.01 -11.87 9.98
N PHE A 107 -7.34 -12.92 10.72
CA PHE A 107 -6.37 -13.94 11.12
C PHE A 107 -5.70 -14.58 9.90
N ILE A 108 -6.47 -14.79 8.85
CA ILE A 108 -5.95 -15.40 7.63
C ILE A 108 -4.97 -14.47 6.91
N ASN A 109 -5.30 -13.19 6.86
CA ASN A 109 -4.39 -12.19 6.28
C ASN A 109 -3.07 -12.14 7.04
N MET A 110 -3.14 -12.40 8.35
CA MET A 110 -1.95 -12.47 9.17
C MET A 110 -1.04 -13.61 8.72
N LEU A 111 -1.65 -14.78 8.51
CA LEU A 111 -0.91 -15.97 8.13
C LEU A 111 -0.18 -15.82 6.80
N LYS A 112 -0.83 -15.14 5.85
CA LYS A 112 -0.26 -14.93 4.52
C LYS A 112 0.95 -14.00 4.57
N GLN A 113 1.11 -13.28 5.66
CA GLN A 113 2.26 -12.40 5.86
C GLN A 113 3.22 -12.93 6.93
N ALA A 114 2.77 -13.93 7.68
CA ALA A 114 3.53 -14.42 8.82
C ALA A 114 4.68 -15.34 8.40
N ASP A 115 5.68 -15.44 9.26
CA ASP A 115 6.76 -16.40 9.06
C ASP A 115 6.51 -17.63 9.93
N VAL A 116 5.93 -17.42 11.10
CA VAL A 116 5.68 -18.50 12.04
C VAL A 116 4.30 -18.41 12.70
N LEU A 117 3.59 -19.53 12.73
CA LEU A 117 2.37 -19.65 13.55
C LEU A 117 2.62 -20.67 14.65
N ALA A 118 2.51 -20.23 15.90
CA ALA A 118 2.75 -21.11 17.03
C ALA A 118 1.48 -21.33 17.85
N GLU A 119 1.24 -22.56 18.26
CA GLU A 119 0.09 -22.88 19.10
C GLU A 119 0.40 -24.05 20.02
N ASN A 120 -0.16 -24.02 21.23
CA ASN A 120 -0.03 -25.16 22.14
C ASN A 120 -1.37 -25.64 22.70
N PHE A 121 -2.38 -25.62 21.82
CA PHE A 121 -3.69 -26.20 22.14
C PHE A 121 -3.55 -27.72 22.19
N ARG A 122 -4.63 -28.38 22.59
CA ARG A 122 -4.69 -29.84 22.48
C ARG A 122 -4.66 -30.17 21.00
N PRO A 123 -4.09 -31.32 20.62
CA PRO A 123 -4.06 -31.74 19.22
C PRO A 123 -5.46 -31.78 18.61
N GLY A 124 -5.58 -31.32 17.37
CA GLY A 124 -6.86 -31.32 16.67
C GLY A 124 -7.62 -30.02 16.79
N THR A 125 -7.37 -29.26 17.86
CA THR A 125 -8.07 -28.01 18.09
C THR A 125 -7.88 -27.02 16.95
N MET A 126 -6.64 -26.83 16.53
CA MET A 126 -6.34 -25.91 15.45
C MET A 126 -6.96 -26.41 14.15
N GLU A 127 -7.03 -27.73 14.00
CA GLU A 127 -7.66 -28.33 12.82
C GLU A 127 -9.16 -28.10 12.82
N LYS A 128 -9.80 -28.37 13.94
CA LYS A 128 -11.26 -28.24 14.05
C LYS A 128 -11.72 -26.80 13.82
N LEU A 129 -10.81 -25.85 13.99
CA LEU A 129 -11.11 -24.45 13.71
C LEU A 129 -10.88 -24.12 12.25
N GLY A 130 -10.48 -25.13 11.48
CA GLY A 130 -10.32 -24.99 10.04
C GLY A 130 -8.89 -24.78 9.59
N PHE A 131 -7.93 -25.21 10.40
CA PHE A 131 -6.52 -24.95 10.10
C PHE A 131 -5.61 -26.16 10.28
N SER A 132 -5.80 -27.17 9.44
CA SER A 132 -4.88 -28.28 9.36
C SER A 132 -3.55 -27.77 8.83
N TRP A 133 -2.49 -28.55 9.03
CA TRP A 133 -1.19 -28.23 8.46
C TRP A 133 -1.32 -28.14 6.94
N GLU A 134 -2.12 -29.04 6.38
CA GLU A 134 -2.41 -29.04 4.95
C GLU A 134 -3.02 -27.72 4.49
N THR A 135 -4.07 -27.27 5.18
CA THR A 135 -4.72 -26.00 4.86
C THR A 135 -3.74 -24.84 5.04
N LEU A 136 -2.98 -24.88 6.12
CA LEU A 136 -1.97 -23.86 6.40
C LEU A 136 -0.93 -23.76 5.28
N GLN A 137 -0.53 -24.90 4.75
CA GLN A 137 0.46 -24.96 3.67
C GLN A 137 0.01 -24.16 2.45
N GLU A 138 -1.26 -24.27 2.09
CA GLU A 138 -1.76 -23.60 0.89
C GLU A 138 -2.31 -22.21 1.17
N ILE A 139 -2.23 -21.78 2.42
CA ILE A 139 -2.52 -20.39 2.78
C ILE A 139 -1.24 -19.59 2.65
N ASN A 140 -0.13 -20.22 3.05
CA ASN A 140 1.19 -19.61 3.00
C ASN A 140 2.25 -20.70 3.01
N PRO A 141 2.77 -21.05 1.82
CA PRO A 141 3.71 -22.17 1.66
C PRO A 141 5.04 -21.98 2.39
N ARG A 142 5.33 -20.74 2.79
CA ARG A 142 6.58 -20.44 3.48
C ARG A 142 6.39 -20.44 5.00
N LEU A 143 5.15 -20.57 5.44
CA LEU A 143 4.82 -20.47 6.87
C LEU A 143 5.34 -21.65 7.67
N ILE A 144 6.07 -21.35 8.75
CA ILE A 144 6.46 -22.36 9.71
C ILE A 144 5.33 -22.54 10.71
N TYR A 145 4.78 -23.74 10.79
CA TYR A 145 3.74 -24.06 11.76
C TYR A 145 4.38 -24.84 12.90
N ALA A 146 4.26 -24.31 14.12
CA ALA A 146 4.93 -24.90 15.27
C ALA A 146 3.95 -25.18 16.39
N SER A 147 3.92 -26.44 16.84
CA SER A 147 2.99 -26.83 17.89
C SER A 147 3.71 -27.50 19.05
N SER A 148 3.26 -27.19 20.25
CA SER A 148 3.78 -27.81 21.46
C SER A 148 2.62 -28.42 22.22
N SER A 149 2.72 -29.68 22.61
CA SER A 149 1.66 -30.30 23.38
C SER A 149 2.24 -31.29 24.38
N GLY A 150 1.36 -31.89 25.18
CA GLY A 150 1.79 -32.82 26.19
C GLY A 150 2.52 -34.03 25.62
N PHE A 151 1.97 -34.62 24.57
CA PHE A 151 2.52 -35.84 24.00
C PHE A 151 2.81 -35.75 22.51
N GLY A 152 2.62 -34.56 21.93
CA GLY A 152 2.83 -34.37 20.51
C GLY A 152 1.55 -34.60 19.74
N HIS A 153 1.61 -34.45 18.43
CA HIS A 153 0.43 -34.62 17.59
C HIS A 153 0.28 -36.04 17.04
N THR A 154 1.17 -36.93 17.45
CA THR A 154 1.09 -38.34 17.07
C THR A 154 1.20 -39.24 18.29
N GLY A 155 0.75 -40.49 18.15
CA GLY A 155 0.85 -41.46 19.23
C GLY A 155 -0.47 -41.71 19.93
N PRO A 156 -0.58 -42.84 20.63
CA PRO A 156 -1.80 -43.25 21.35
C PRO A 156 -2.19 -42.33 22.50
N LEU A 157 -1.25 -41.51 22.99
CA LEU A 157 -1.53 -40.63 24.12
C LEU A 157 -1.66 -39.17 23.68
N LYS A 158 -1.85 -38.94 22.39
CA LYS A 158 -1.84 -37.58 21.85
C LYS A 158 -2.97 -36.70 22.41
N ASP A 159 -4.12 -37.31 22.67
CA ASP A 159 -5.27 -36.54 23.14
C ASP A 159 -5.45 -36.66 24.66
N ALA A 160 -4.45 -37.24 25.32
CA ALA A 160 -4.51 -37.43 26.77
C ALA A 160 -4.17 -36.14 27.51
N PRO A 161 -4.81 -35.92 28.68
CA PRO A 161 -4.50 -34.78 29.54
C PRO A 161 -3.02 -34.84 29.91
N ALA A 162 -2.35 -33.69 29.91
CA ALA A 162 -0.90 -33.70 30.09
C ALA A 162 -0.34 -32.40 30.68
N TYR A 163 -0.82 -32.02 31.86
CA TYR A 163 -0.20 -30.95 32.61
C TYR A 163 1.25 -31.33 32.90
N ASP A 164 2.05 -30.33 33.29
CA ASP A 164 3.44 -30.55 33.61
C ASP A 164 3.64 -31.67 34.64
N THR A 165 2.79 -31.68 35.66
CA THR A 165 2.91 -32.66 36.75
C THR A 165 2.65 -34.08 36.26
N ILE A 166 1.72 -34.23 35.32
CA ILE A 166 1.44 -35.53 34.72
C ILE A 166 2.64 -36.02 33.92
N ILE A 167 3.27 -35.13 33.17
CA ILE A 167 4.44 -35.49 32.36
C ILE A 167 5.62 -35.92 33.22
N GLN A 168 5.89 -35.17 34.27
CA GLN A 168 6.97 -35.51 35.20
C GLN A 168 6.73 -36.88 35.81
N ALA A 169 5.49 -37.16 36.16
CA ALA A 169 5.12 -38.44 36.77
C ALA A 169 5.35 -39.60 35.81
N MET A 170 4.94 -39.43 34.56
CA MET A 170 5.01 -40.51 33.59
C MET A 170 6.38 -40.66 32.91
N SER A 171 7.23 -39.66 33.04
CA SER A 171 8.51 -39.66 32.34
C SER A 171 9.62 -40.36 33.14
N GLY A 172 9.39 -40.50 34.44
CA GLY A 172 10.36 -41.13 35.32
C GLY A 172 11.13 -40.15 36.19
N ILE A 173 11.02 -38.86 35.88
CA ILE A 173 11.82 -37.85 36.58
C ILE A 173 11.45 -37.71 38.06
N MET A 174 10.17 -37.88 38.38
CA MET A 174 9.72 -37.82 39.77
C MET A 174 10.36 -38.95 40.58
N MET A 175 10.41 -40.12 39.97
CA MET A 175 10.96 -41.31 40.62
C MET A 175 12.45 -41.18 40.88
N GLU A 176 13.13 -40.41 40.04
CA GLU A 176 14.57 -40.21 40.17
C GLU A 176 14.89 -39.12 41.19
N THR A 177 13.89 -38.34 41.55
CA THR A 177 14.12 -37.12 42.32
C THR A 177 13.84 -37.28 43.81
N GLY A 178 14.80 -36.86 44.62
CA GLY A 178 14.63 -36.83 46.06
C GLY A 178 15.65 -37.67 46.80
N TYR A 179 15.61 -37.58 48.13
CA TYR A 179 16.47 -38.41 48.96
C TYR A 179 16.14 -39.89 48.77
N PRO A 180 17.18 -40.74 48.78
CA PRO A 180 17.11 -42.18 48.48
C PRO A 180 15.89 -42.91 49.04
N ASP A 181 15.65 -42.80 50.34
CA ASP A 181 14.58 -43.57 50.99
C ASP A 181 13.29 -42.78 51.15
N ALA A 182 13.21 -41.64 50.48
CA ALA A 182 12.03 -40.78 50.56
C ALA A 182 11.10 -41.04 49.38
N PRO A 183 9.80 -40.67 49.52
CA PRO A 183 8.85 -40.81 48.40
C PRO A 183 9.29 -40.02 47.17
N PRO A 184 8.77 -40.38 45.99
CA PRO A 184 9.11 -39.64 44.77
C PRO A 184 8.62 -38.21 44.87
N VAL A 185 9.33 -37.27 44.26
CA VAL A 185 8.90 -35.88 44.31
C VAL A 185 9.18 -35.14 43.00
N ARG A 186 8.27 -34.25 42.65
CA ARG A 186 8.39 -33.38 41.49
C ARG A 186 9.66 -32.53 41.63
N VAL A 187 10.30 -32.21 40.51
CA VAL A 187 11.39 -31.25 40.56
C VAL A 187 10.79 -29.85 40.82
N GLY A 188 11.55 -29.00 41.51
CA GLY A 188 11.02 -27.74 42.01
C GLY A 188 10.59 -26.70 40.98
N THR A 189 10.26 -27.15 39.78
CA THR A 189 9.79 -26.24 38.74
C THR A 189 9.00 -27.03 37.70
N SER A 190 8.34 -26.32 36.80
CA SER A 190 7.60 -26.97 35.72
C SER A 190 8.57 -27.40 34.61
N LEU A 191 9.37 -28.43 34.90
CA LEU A 191 10.44 -28.86 34.00
C LEU A 191 9.95 -29.28 32.62
N ALA A 192 8.83 -30.00 32.57
CA ALA A 192 8.31 -30.51 31.30
C ALA A 192 7.91 -29.39 30.35
N ASP A 193 7.21 -28.39 30.87
CA ASP A 193 6.78 -27.25 30.08
C ASP A 193 7.99 -26.46 29.58
N LEU A 194 8.95 -26.24 30.44
CA LEU A 194 10.13 -25.44 30.12
C LEU A 194 11.01 -26.15 29.10
N CYS A 195 11.17 -27.47 29.25
CA CYS A 195 11.87 -28.28 28.27
C CYS A 195 11.25 -28.17 26.89
N GLY A 196 9.94 -28.43 26.83
CA GLY A 196 9.20 -28.32 25.60
C GLY A 196 9.29 -26.92 25.04
N GLY A 197 9.33 -25.94 25.94
CA GLY A 197 9.46 -24.54 25.55
C GLY A 197 10.73 -24.27 24.77
N VAL A 198 11.88 -24.62 25.34
CA VAL A 198 13.16 -24.37 24.68
C VAL A 198 13.31 -25.23 23.43
N TYR A 199 12.75 -26.43 23.45
CA TYR A 199 12.75 -27.30 22.27
C TYR A 199 11.85 -26.73 21.18
N LEU A 200 10.75 -26.11 21.58
CA LEU A 200 9.86 -25.44 20.64
C LEU A 200 10.59 -24.28 19.99
N PHE A 201 11.29 -23.49 20.81
CA PHE A 201 12.04 -22.36 20.29
C PHE A 201 13.16 -22.80 19.34
N SER A 202 13.94 -23.78 19.77
CA SER A 202 15.07 -24.25 18.98
C SER A 202 14.61 -24.96 17.72
N GLY A 203 13.45 -25.62 17.80
CA GLY A 203 12.87 -26.28 16.65
C GLY A 203 12.38 -25.28 15.61
N ILE A 204 11.78 -24.20 16.08
CA ILE A 204 11.31 -23.13 15.20
C ILE A 204 12.48 -22.50 14.45
N VAL A 205 13.55 -22.17 15.18
CA VAL A 205 14.69 -21.50 14.58
C VAL A 205 15.46 -22.44 13.63
N SER A 206 15.41 -23.73 13.91
CA SER A 206 15.99 -24.72 13.00
C SER A 206 15.22 -24.73 11.68
N ALA A 207 13.90 -24.69 11.77
CA ALA A 207 13.04 -24.68 10.59
C ALA A 207 13.25 -23.38 9.80
N LEU A 208 13.50 -22.29 10.52
CA LEU A 208 13.74 -21.00 9.89
C LEU A 208 15.06 -21.00 9.12
N TYR A 209 16.09 -21.62 9.70
CA TYR A 209 17.35 -21.76 8.97
C TYR A 209 17.15 -22.63 7.75
N GLY A 210 16.43 -23.73 7.92
CA GLY A 210 16.14 -24.64 6.82
C GLY A 210 15.44 -23.94 5.68
N ARG A 211 14.42 -23.15 6.02
CA ARG A 211 13.62 -22.44 5.03
C ARG A 211 14.46 -21.45 4.21
N GLU A 212 15.55 -20.98 4.78
CA GLU A 212 16.37 -19.97 4.12
C GLU A 212 17.00 -20.52 2.83
N LYS A 213 17.06 -21.84 2.72
CA LYS A 213 17.53 -22.47 1.49
C LYS A 213 16.37 -23.12 0.74
N SER A 214 15.49 -23.79 1.48
CA SER A 214 14.39 -24.53 0.89
C SER A 214 13.28 -23.62 0.34
N GLN A 215 13.19 -22.41 0.87
CA GLN A 215 12.12 -21.46 0.56
C GLN A 215 10.73 -22.03 0.84
N ARG A 216 10.68 -23.02 1.73
CA ARG A 216 9.42 -23.63 2.12
C ARG A 216 9.32 -23.81 3.63
N GLY A 217 8.10 -23.73 4.15
CA GLY A 217 7.86 -23.92 5.57
C GLY A 217 7.88 -25.39 5.94
N ALA A 218 7.60 -25.67 7.21
CA ALA A 218 7.53 -27.05 7.71
C ALA A 218 6.76 -27.07 9.03
N HIS A 219 6.37 -28.27 9.47
CA HIS A 219 5.66 -28.39 10.74
C HIS A 219 6.57 -28.86 11.86
N VAL A 220 6.81 -27.96 12.81
CA VAL A 220 7.57 -28.30 14.02
C VAL A 220 6.63 -28.84 15.09
N ASP A 221 6.86 -30.08 15.52
CA ASP A 221 5.94 -30.78 16.41
C ASP A 221 6.66 -31.28 17.65
N ILE A 222 6.51 -30.56 18.76
CA ILE A 222 7.23 -30.87 20.00
C ILE A 222 6.32 -31.51 21.04
N ALA A 223 6.84 -32.52 21.72
CA ALA A 223 6.12 -33.15 22.82
C ALA A 223 6.87 -32.89 24.13
N MET A 224 6.14 -32.42 25.14
CA MET A 224 6.70 -32.22 26.47
C MET A 224 7.22 -33.53 27.05
N PHE A 225 6.60 -34.63 26.64
CA PHE A 225 6.99 -35.95 27.09
C PHE A 225 8.33 -36.37 26.46
N ASP A 226 8.45 -36.17 25.15
CA ASP A 226 9.70 -36.44 24.45
C ASP A 226 10.82 -35.57 25.02
N ALA A 227 10.48 -34.29 25.22
CA ALA A 227 11.44 -33.32 25.74
C ALA A 227 11.97 -33.75 27.09
N THR A 228 11.08 -34.15 27.98
CA THR A 228 11.46 -34.55 29.33
C THR A 228 12.32 -35.81 29.33
N LEU A 229 11.97 -36.76 28.48
CA LEU A 229 12.75 -38.01 28.37
C LEU A 229 14.19 -37.74 27.97
N SER A 230 14.40 -36.70 27.17
CA SER A 230 15.75 -36.36 26.71
C SER A 230 16.60 -35.76 27.83
N PHE A 231 15.96 -35.46 28.95
CA PHE A 231 16.63 -34.84 30.10
C PHE A 231 16.88 -35.84 31.23
N LEU A 232 16.69 -37.13 30.95
CA LEU A 232 16.81 -38.15 32.00
C LEU A 232 18.25 -38.52 32.35
N GLU A 233 19.18 -38.31 31.43
CA GLU A 233 20.63 -38.49 31.66
C GLU A 233 21.00 -39.80 32.39
N HIS A 234 21.61 -39.69 33.56
CA HIS A 234 22.15 -40.86 34.26
C HIS A 234 21.06 -41.84 34.66
N GLY A 235 19.85 -41.33 34.83
CA GLY A 235 18.71 -42.16 35.15
C GLY A 235 18.47 -43.24 34.10
N LEU A 236 18.46 -42.83 32.83
CA LEU A 236 18.20 -43.76 31.73
C LEU A 236 19.44 -44.61 31.38
N MET A 237 20.62 -43.98 31.43
CA MET A 237 21.87 -44.69 31.15
C MET A 237 22.03 -45.89 32.08
N ALA A 238 21.89 -45.62 33.38
CA ALA A 238 22.04 -46.65 34.40
C ALA A 238 21.05 -47.80 34.19
N TYR A 239 19.83 -47.46 33.76
CA TYR A 239 18.85 -48.51 33.49
C TYR A 239 19.24 -49.37 32.31
N ILE A 240 19.59 -48.72 31.20
CA ILE A 240 20.03 -49.41 29.99
C ILE A 240 21.20 -50.35 30.30
N ALA A 241 22.05 -49.94 31.23
CA ALA A 241 23.25 -50.69 31.58
C ALA A 241 22.99 -51.84 32.55
N THR A 242 22.17 -51.61 33.57
CA THR A 242 22.03 -52.59 34.65
C THR A 242 20.62 -53.18 34.81
N GLY A 243 19.63 -52.53 34.20
CA GLY A 243 18.26 -53.01 34.30
C GLY A 243 17.59 -52.62 35.60
N LYS A 244 18.29 -51.84 36.42
CA LYS A 244 17.75 -51.30 37.65
C LYS A 244 17.11 -49.94 37.39
N SER A 245 15.94 -49.71 37.98
CA SER A 245 15.24 -48.43 37.84
C SER A 245 14.13 -48.34 38.87
N PRO A 246 14.04 -47.22 39.61
CA PRO A 246 14.85 -45.99 39.51
C PRO A 246 16.22 -46.10 40.20
N GLN A 247 16.93 -44.98 40.26
CA GLN A 247 18.27 -44.94 40.84
C GLN A 247 18.30 -44.22 42.20
N ARG A 248 17.63 -43.08 42.28
CA ARG A 248 17.50 -42.30 43.52
C ARG A 248 18.80 -42.10 44.28
N LEU A 249 19.58 -41.11 43.89
CA LEU A 249 20.88 -40.86 44.51
C LEU A 249 20.90 -39.61 45.37
N GLY A 250 19.80 -38.86 45.35
CA GLY A 250 19.72 -37.61 46.09
C GLY A 250 20.77 -36.62 45.62
N ASN A 251 21.46 -36.02 46.58
CA ASN A 251 22.48 -35.02 46.29
C ASN A 251 23.83 -35.61 45.91
N ARG A 252 23.95 -36.94 45.99
CA ARG A 252 25.23 -37.60 45.89
C ARG A 252 25.62 -38.03 44.47
N HIS A 253 26.85 -37.72 44.07
CA HIS A 253 27.37 -38.17 42.78
C HIS A 253 27.57 -39.67 42.83
N PRO A 254 27.24 -40.36 41.72
CA PRO A 254 27.34 -41.83 41.70
C PRO A 254 28.76 -42.37 41.60
N TYR A 255 29.73 -41.56 41.15
CA TYR A 255 31.07 -42.08 40.90
C TYR A 255 32.20 -41.32 41.59
N MET A 256 31.86 -40.24 42.29
CA MET A 256 32.87 -39.45 42.99
C MET A 256 32.49 -39.20 44.45
N ALA A 257 33.49 -39.16 45.32
CA ALA A 257 33.27 -38.90 46.75
C ALA A 257 34.51 -38.27 47.38
N PRO A 258 34.30 -37.31 48.30
CA PRO A 258 32.99 -36.80 48.70
C PRO A 258 32.46 -35.75 47.69
N PHE A 259 31.29 -36.03 47.14
CA PHE A 259 30.70 -35.19 46.11
C PHE A 259 29.20 -35.13 46.41
N ASP A 260 28.81 -34.18 47.24
CA ASP A 260 27.52 -34.26 47.92
C ASP A 260 27.14 -32.91 48.56
N VAL A 261 25.96 -32.87 49.19
CA VAL A 261 25.56 -31.72 49.99
C VAL A 261 25.77 -32.02 51.48
N PHE A 262 26.40 -31.09 52.19
CA PHE A 262 26.75 -31.29 53.60
C PHE A 262 26.23 -30.17 54.49
N ASN A 263 25.78 -30.51 55.69
CA ASN A 263 25.35 -29.51 56.66
C ASN A 263 26.51 -28.89 57.42
N THR A 264 26.33 -27.64 57.84
CA THR A 264 27.30 -26.97 58.70
C THR A 264 26.60 -26.56 59.99
N GLN A 265 27.17 -25.59 60.71
CA GLN A 265 26.56 -25.09 61.93
C GLN A 265 25.23 -24.39 61.65
N ASP A 266 25.12 -23.74 60.49
CA ASP A 266 23.92 -22.96 60.19
C ASP A 266 23.18 -23.37 58.91
N LYS A 267 23.91 -23.54 57.80
CA LYS A 267 23.25 -23.88 56.54
C LYS A 267 24.09 -24.76 55.62
N PRO A 268 23.44 -25.59 54.79
CA PRO A 268 24.15 -26.59 53.98
C PRO A 268 25.04 -25.99 52.91
N ILE A 269 26.06 -26.75 52.52
CA ILE A 269 26.91 -26.39 51.38
C ILE A 269 27.14 -27.62 50.53
N THR A 270 27.64 -27.45 49.32
CA THR A 270 28.06 -28.60 48.55
C THR A 270 29.57 -28.62 48.38
N ILE A 271 30.15 -29.80 48.62
CA ILE A 271 31.58 -30.02 48.39
C ILE A 271 31.71 -31.00 47.23
N CYS A 272 32.46 -30.61 46.21
CA CYS A 272 32.57 -31.43 45.01
C CYS A 272 34.01 -31.82 44.77
N CYS A 273 34.40 -32.93 45.39
CA CYS A 273 35.78 -33.35 45.46
C CYS A 273 36.01 -34.61 44.63
N GLY A 274 36.53 -34.45 43.42
CA GLY A 274 36.55 -35.53 42.45
C GLY A 274 37.83 -36.35 42.25
N ASN A 275 38.87 -36.02 43.00
CA ASN A 275 40.11 -36.79 42.93
C ASN A 275 40.90 -36.81 44.24
N ASP A 276 41.95 -37.62 44.27
CA ASP A 276 42.78 -37.79 45.47
C ASP A 276 43.47 -36.49 45.86
N LYS A 277 43.97 -35.76 44.86
CA LYS A 277 44.66 -34.50 45.12
C LYS A 277 43.75 -33.50 45.84
N LEU A 278 42.51 -33.42 45.38
CA LEU A 278 41.53 -32.53 46.01
C LEU A 278 41.13 -33.05 47.38
N PHE A 279 41.03 -34.37 47.54
CA PHE A 279 40.67 -34.95 48.83
C PHE A 279 41.71 -34.67 49.89
N SER A 280 42.99 -34.72 49.51
CA SER A 280 44.06 -34.38 50.42
C SER A 280 43.95 -32.92 50.85
N ALA A 281 43.71 -32.05 49.87
CA ALA A 281 43.57 -30.62 50.13
C ALA A 281 42.39 -30.33 51.04
N LEU A 282 41.26 -31.01 50.80
CA LEU A 282 40.06 -30.83 51.61
C LEU A 282 40.28 -31.30 53.05
N CYS A 283 40.99 -32.41 53.21
CA CYS A 283 41.30 -32.93 54.54
C CYS A 283 42.16 -31.95 55.32
N GLN A 284 43.01 -31.22 54.59
CA GLN A 284 43.85 -30.19 55.19
C GLN A 284 42.98 -29.07 55.76
N ALA A 285 42.00 -28.63 54.97
CA ALA A 285 41.13 -27.53 55.36
C ALA A 285 40.24 -27.90 56.56
N LEU A 286 39.87 -29.17 56.65
CA LEU A 286 38.97 -29.62 57.70
C LEU A 286 39.70 -30.19 58.91
N GLU A 287 41.03 -30.20 58.86
CA GLU A 287 41.85 -30.84 59.88
C GLU A 287 41.45 -32.30 60.06
N LEU A 288 41.37 -33.00 58.94
CA LEU A 288 41.07 -34.43 58.92
C LEU A 288 42.13 -35.17 58.11
N THR A 289 43.39 -34.78 58.31
CA THR A 289 44.50 -35.33 57.55
C THR A 289 44.64 -36.83 57.73
N GLU A 290 44.17 -37.35 58.86
CA GLU A 290 44.25 -38.78 59.14
C GLU A 290 43.46 -39.61 58.14
N LEU A 291 42.50 -38.98 57.48
CA LEU A 291 41.66 -39.66 56.50
C LEU A 291 42.39 -39.94 55.18
N VAL A 292 43.41 -39.14 54.89
CA VAL A 292 44.13 -39.23 53.61
C VAL A 292 44.69 -40.61 53.34
N ASN A 293 45.38 -41.18 54.34
CA ASN A 293 45.97 -42.49 54.20
C ASN A 293 45.14 -43.61 54.80
N ASP A 294 43.98 -43.27 55.35
CA ASP A 294 43.07 -44.26 55.90
C ASP A 294 42.68 -45.22 54.79
N PRO A 295 42.80 -46.54 55.04
CA PRO A 295 42.53 -47.55 54.02
C PRO A 295 41.08 -47.53 53.53
N ARG A 296 40.20 -46.84 54.23
CA ARG A 296 38.81 -46.72 53.83
C ARG A 296 38.63 -45.62 52.78
N PHE A 297 39.56 -44.66 52.75
CA PHE A 297 39.38 -43.47 51.93
C PHE A 297 40.59 -43.12 51.07
N SER A 298 41.49 -44.08 50.86
CA SER A 298 42.74 -43.80 50.14
C SER A 298 42.57 -43.52 48.65
N SER A 299 41.48 -44.02 48.06
CA SER A 299 41.21 -43.78 46.64
C SER A 299 39.80 -43.23 46.46
N ASN A 300 39.49 -42.77 45.25
CA ASN A 300 38.14 -42.29 44.96
C ASN A 300 37.11 -43.41 45.01
N ILE A 301 37.49 -44.57 44.49
CA ILE A 301 36.62 -45.74 44.50
C ILE A 301 36.28 -46.18 45.92
N LEU A 302 37.27 -46.09 46.81
CA LEU A 302 37.05 -46.46 48.21
C LEU A 302 36.21 -45.42 48.94
N ARG A 303 36.37 -44.15 48.57
CA ARG A 303 35.59 -43.08 49.18
C ARG A 303 34.12 -43.18 48.78
N VAL A 304 33.86 -43.65 47.58
CA VAL A 304 32.50 -43.86 47.12
C VAL A 304 31.85 -45.03 47.88
N GLN A 305 32.60 -46.11 48.04
CA GLN A 305 32.10 -47.25 48.80
C GLN A 305 31.77 -46.87 50.24
N ASN A 306 32.65 -46.07 50.85
CA ASN A 306 32.51 -45.70 52.25
C ASN A 306 32.05 -44.26 52.43
N GLN A 307 31.23 -43.76 51.51
CA GLN A 307 30.83 -42.36 51.52
C GLN A 307 29.99 -41.97 52.74
N ALA A 308 29.17 -42.90 53.21
CA ALA A 308 28.27 -42.62 54.33
C ALA A 308 29.04 -42.30 55.60
N ILE A 309 29.96 -43.18 55.97
CA ILE A 309 30.78 -42.96 57.15
C ILE A 309 31.70 -41.75 56.96
N LEU A 310 32.18 -41.55 55.73
CA LEU A 310 33.00 -40.39 55.42
C LEU A 310 32.22 -39.09 55.62
N LYS A 311 30.97 -39.10 55.17
CA LYS A 311 30.10 -37.94 55.35
C LYS A 311 29.90 -37.64 56.83
N GLN A 312 29.78 -38.68 57.63
CA GLN A 312 29.60 -38.51 59.07
C GLN A 312 30.82 -37.83 59.69
N TYR A 313 32.02 -38.20 59.24
CA TYR A 313 33.25 -37.56 59.70
C TYR A 313 33.27 -36.08 59.33
N ILE A 314 32.92 -35.80 58.08
CA ILE A 314 32.96 -34.45 57.54
C ILE A 314 32.01 -33.51 58.27
N GLU A 315 30.78 -33.95 58.48
CA GLU A 315 29.77 -33.10 59.10
C GLU A 315 30.07 -32.84 60.57
N ARG A 316 30.68 -33.81 61.25
CA ARG A 316 31.06 -33.64 62.65
C ARG A 316 32.03 -32.49 62.80
N THR A 317 32.88 -32.30 61.80
CA THR A 317 33.79 -31.16 61.75
C THR A 317 33.05 -29.89 61.34
N LEU A 318 32.29 -29.97 60.26
CA LEU A 318 31.60 -28.82 59.67
C LEU A 318 30.63 -28.13 60.63
N LYS A 319 30.00 -28.90 61.51
CA LYS A 319 29.00 -28.34 62.42
C LYS A 319 29.60 -27.40 63.46
N THR A 320 30.93 -27.29 63.47
CA THR A 320 31.61 -26.41 64.41
C THR A 320 31.72 -24.97 63.91
N GLN A 321 31.55 -24.77 62.60
CA GLN A 321 31.64 -23.43 62.02
C GLN A 321 30.47 -23.11 61.09
N ALA A 322 30.18 -21.83 60.95
CA ALA A 322 29.14 -21.38 60.03
C ALA A 322 29.60 -21.59 58.58
N ALA A 323 28.65 -21.65 57.67
CA ALA A 323 28.92 -21.95 56.26
C ALA A 323 29.93 -21.01 55.63
N GLU A 324 29.82 -19.71 55.95
CA GLU A 324 30.72 -18.70 55.41
C GLU A 324 32.18 -19.02 55.74
N VAL A 325 32.42 -19.49 56.96
CA VAL A 325 33.75 -19.87 57.38
C VAL A 325 34.29 -21.01 56.51
N TRP A 326 33.46 -22.02 56.28
CA TRP A 326 33.87 -23.17 55.50
C TRP A 326 34.05 -22.88 54.01
N LEU A 327 33.24 -21.98 53.47
CA LEU A 327 33.38 -21.57 52.08
C LEU A 327 34.75 -20.93 51.87
N ALA A 328 35.19 -20.14 52.84
CA ALA A 328 36.50 -19.51 52.77
C ALA A 328 37.63 -20.53 52.89
N ARG A 329 37.56 -21.39 53.90
CA ARG A 329 38.62 -22.36 54.18
C ARG A 329 38.79 -23.38 53.06
N ILE A 330 37.70 -23.75 52.42
CA ILE A 330 37.73 -24.80 51.40
C ILE A 330 38.10 -24.25 50.02
N HIS A 331 37.65 -23.03 49.73
CA HIS A 331 38.05 -22.35 48.50
C HIS A 331 39.55 -22.04 48.53
N GLU A 332 40.04 -21.71 49.73
CA GLU A 332 41.45 -21.37 49.92
C GLU A 332 42.38 -22.49 49.47
N VAL A 333 41.97 -23.74 49.72
CA VAL A 333 42.79 -24.89 49.35
C VAL A 333 42.43 -25.45 47.98
N GLY A 334 41.59 -24.73 47.25
CA GLY A 334 41.30 -25.04 45.86
C GLY A 334 40.35 -26.20 45.60
N VAL A 335 39.47 -26.47 46.56
CA VAL A 335 38.44 -27.50 46.39
C VAL A 335 37.11 -26.85 46.03
N PRO A 336 36.45 -27.34 44.97
CA PRO A 336 35.17 -26.78 44.53
C PRO A 336 34.12 -26.85 45.63
N VAL A 337 33.54 -25.71 45.98
CA VAL A 337 32.58 -25.62 47.07
C VAL A 337 31.60 -24.49 46.79
N ALA A 338 30.37 -24.61 47.30
CA ALA A 338 29.34 -23.60 47.06
C ALA A 338 28.23 -23.66 48.10
N PRO A 339 27.62 -22.51 48.41
CA PRO A 339 26.48 -22.48 49.32
C PRO A 339 25.20 -22.89 48.61
N LEU A 340 24.27 -23.50 49.34
CA LEU A 340 22.92 -23.70 48.82
C LEU A 340 22.15 -22.42 49.03
N LEU A 341 21.69 -21.81 47.94
CA LEU A 341 21.02 -20.51 48.01
C LEU A 341 19.54 -20.62 47.70
N SER A 342 18.77 -19.71 48.28
CA SER A 342 17.38 -19.54 47.90
C SER A 342 17.37 -18.80 46.58
N VAL A 343 16.23 -18.83 45.89
CA VAL A 343 16.06 -18.06 44.66
C VAL A 343 16.30 -16.57 44.93
N ALA A 344 15.85 -16.12 46.10
CA ALA A 344 16.02 -14.74 46.52
C ALA A 344 17.49 -14.31 46.53
N GLU A 345 18.36 -15.20 47.02
CA GLU A 345 19.78 -14.90 47.10
C GLU A 345 20.47 -15.04 45.76
N ALA A 346 20.01 -15.98 44.95
CA ALA A 346 20.56 -16.20 43.62
C ALA A 346 20.45 -14.97 42.74
N ILE A 347 19.26 -14.39 42.67
CA ILE A 347 19.03 -13.24 41.80
C ILE A 347 19.70 -11.96 42.31
N LYS A 348 20.23 -12.00 43.53
CA LYS A 348 20.92 -10.84 44.11
C LYS A 348 22.45 -10.93 44.02
N LEU A 349 22.96 -12.08 43.59
CA LEU A 349 24.39 -12.24 43.36
C LEU A 349 24.83 -11.23 42.30
N PRO A 350 26.04 -10.66 42.49
CA PRO A 350 26.60 -9.74 41.49
C PRO A 350 26.74 -10.38 40.11
N GLN A 351 26.92 -11.71 40.07
CA GLN A 351 27.05 -12.44 38.81
C GLN A 351 25.77 -12.32 37.98
N THR A 352 24.62 -12.37 38.64
CA THR A 352 23.34 -12.25 37.96
C THR A 352 23.23 -10.90 37.25
N GLN A 353 23.67 -9.84 37.93
CA GLN A 353 23.67 -8.50 37.36
C GLN A 353 24.67 -8.39 36.22
N ALA A 354 25.80 -9.08 36.35
CA ALA A 354 26.84 -9.06 35.34
C ALA A 354 26.35 -9.69 34.04
N ARG A 355 25.45 -10.66 34.16
CA ARG A 355 24.93 -11.38 33.00
C ARG A 355 23.57 -10.84 32.55
N ASN A 356 23.11 -9.76 33.19
CA ASN A 356 21.81 -9.17 32.86
C ASN A 356 20.68 -10.20 32.90
N MET A 357 20.68 -11.03 33.94
CA MET A 357 19.66 -12.07 34.05
C MET A 357 18.45 -11.63 34.87
N LEU A 358 18.54 -10.44 35.46
CA LEU A 358 17.38 -9.82 36.08
C LEU A 358 17.12 -8.47 35.44
N ILE A 359 16.17 -8.45 34.50
CA ILE A 359 15.84 -7.25 33.75
C ILE A 359 14.55 -6.66 34.30
N GLU A 360 14.17 -5.48 33.81
CA GLU A 360 12.86 -4.93 34.16
C GLU A 360 12.02 -4.63 32.93
N ALA A 361 10.82 -5.19 32.91
CA ALA A 361 9.89 -5.00 31.81
C ALA A 361 8.57 -4.47 32.34
N GLY A 362 8.25 -3.21 31.99
CA GLY A 362 7.04 -2.59 32.45
C GLY A 362 6.99 -2.46 33.97
N GLY A 363 8.13 -2.12 34.56
CA GLY A 363 8.24 -1.91 35.99
C GLY A 363 8.47 -3.17 36.81
N ILE A 364 8.36 -4.32 36.16
CA ILE A 364 8.48 -5.60 36.86
C ILE A 364 9.83 -6.27 36.64
N MET A 365 10.49 -6.66 37.73
CA MET A 365 11.74 -7.40 37.65
C MET A 365 11.45 -8.86 37.28
N MET A 366 12.18 -9.38 36.30
CA MET A 366 11.92 -10.71 35.80
C MET A 366 13.18 -11.34 35.17
N PRO A 367 13.16 -12.65 34.88
CA PRO A 367 14.35 -13.28 34.30
C PRO A 367 14.71 -12.73 32.93
N GLY A 368 16.01 -12.62 32.65
CA GLY A 368 16.48 -12.17 31.37
C GLY A 368 16.67 -13.30 30.38
N ASN A 369 17.44 -13.03 29.33
CA ASN A 369 17.67 -14.00 28.27
C ASN A 369 19.06 -14.63 28.40
N PRO A 370 19.11 -15.95 28.63
CA PRO A 370 20.37 -16.68 28.85
C PRO A 370 21.18 -16.82 27.58
N ILE A 371 20.56 -16.60 26.43
CA ILE A 371 21.27 -16.67 25.16
C ILE A 371 21.97 -15.35 24.85
N LYS A 372 23.26 -15.29 25.12
CA LYS A 372 24.04 -14.09 24.83
C LYS A 372 24.77 -14.28 23.52
N ILE A 373 24.52 -13.40 22.57
CA ILE A 373 25.19 -13.43 21.29
C ILE A 373 25.85 -12.07 21.04
N SER A 374 27.15 -12.10 20.77
CA SER A 374 27.91 -10.89 20.51
C SER A 374 27.28 -10.09 19.37
N GLY A 375 27.25 -8.77 19.51
CA GLY A 375 26.71 -7.91 18.48
C GLY A 375 25.20 -7.69 18.60
N CYS A 376 24.54 -8.56 19.38
CA CYS A 376 23.10 -8.44 19.57
C CYS A 376 22.80 -7.73 20.89
N ALA A 377 21.91 -6.74 20.83
CA ALA A 377 21.57 -5.93 21.98
C ALA A 377 20.98 -6.77 23.11
N ASP A 378 21.30 -6.39 24.34
CA ASP A 378 20.78 -7.09 25.52
C ASP A 378 20.50 -6.08 26.63
N PRO A 379 19.48 -5.24 26.42
CA PRO A 379 19.20 -4.12 27.35
C PRO A 379 18.59 -4.59 28.66
N HIS A 380 18.82 -3.83 29.73
CA HIS A 380 18.25 -4.16 31.03
C HIS A 380 16.77 -3.79 31.10
N VAL A 381 16.39 -2.77 30.35
CA VAL A 381 15.00 -2.34 30.32
C VAL A 381 14.32 -2.78 29.02
N MET A 382 13.29 -3.60 29.16
CA MET A 382 12.54 -4.10 28.02
C MET A 382 11.08 -3.64 28.10
N PRO A 383 10.37 -3.61 26.97
CA PRO A 383 8.95 -3.28 26.98
C PRO A 383 8.14 -4.25 27.83
N GLY A 384 7.18 -3.73 28.59
CA GLY A 384 6.40 -4.54 29.50
C GLY A 384 5.37 -5.42 28.80
N ALA A 385 4.62 -6.18 29.59
CA ALA A 385 3.56 -7.02 29.05
C ALA A 385 2.45 -6.14 28.48
N ALA A 386 1.67 -6.70 27.56
CA ALA A 386 0.58 -5.96 26.94
C ALA A 386 -0.74 -6.27 27.65
N THR A 387 -1.54 -5.24 27.87
CA THR A 387 -2.89 -5.45 28.38
C THR A 387 -3.71 -6.12 27.29
N LEU A 388 -4.84 -6.71 27.67
CA LEU A 388 -5.66 -7.46 26.72
C LEU A 388 -6.20 -6.58 25.61
N ASP A 389 -5.95 -7.00 24.36
CA ASP A 389 -6.40 -6.30 23.15
C ASP A 389 -5.69 -4.95 22.93
N GLN A 390 -4.71 -4.64 23.77
CA GLN A 390 -4.00 -3.36 23.73
C GLN A 390 -3.61 -2.91 22.32
N HIS A 391 -3.26 -3.86 21.47
CA HIS A 391 -2.86 -3.55 20.10
C HIS A 391 -3.95 -3.95 19.11
N GLY A 392 -5.11 -4.34 19.63
CA GLY A 392 -6.19 -4.86 18.82
C GLY A 392 -6.74 -3.95 17.74
N GLU A 393 -7.01 -2.70 18.10
CA GLU A 393 -7.55 -1.75 17.13
C GLU A 393 -6.58 -1.52 15.98
N GLN A 394 -5.32 -1.24 16.30
CA GLN A 394 -4.33 -0.94 15.27
C GLN A 394 -3.91 -2.17 14.45
N ILE A 395 -3.93 -3.34 15.06
CA ILE A 395 -3.56 -4.55 14.33
C ILE A 395 -4.68 -5.03 13.40
N ARG A 396 -5.92 -4.97 13.89
CA ARG A 396 -7.07 -5.36 13.08
C ARG A 396 -7.20 -4.48 11.83
N GLN A 397 -6.79 -3.23 11.95
CA GLN A 397 -6.75 -2.32 10.81
C GLN A 397 -5.65 -2.79 9.87
N GLU A 398 -4.46 -2.99 10.44
CA GLU A 398 -3.27 -3.38 9.70
C GLU A 398 -3.47 -4.62 8.84
N PHE A 399 -4.33 -5.53 9.30
CA PHE A 399 -4.49 -6.82 8.61
C PHE A 399 -5.89 -7.06 8.03
N SER A 400 -6.75 -6.04 8.08
CA SER A 400 -8.02 -6.13 7.38
C SER A 400 -7.83 -5.81 5.89
N SER A 401 -8.13 -6.78 5.04
CA SER A 401 -7.99 -6.64 3.60
C SER A 401 -8.58 -7.85 2.89
N SER B 26 14.83 -36.20 3.71
CA SER B 26 15.89 -35.23 3.97
C SER B 26 16.61 -35.51 5.29
N LYS B 27 17.90 -35.21 5.34
CA LYS B 27 18.71 -35.55 6.50
C LYS B 27 18.83 -34.42 7.53
N GLY B 28 18.03 -33.37 7.37
CA GLY B 28 17.99 -32.30 8.34
C GLY B 28 18.36 -30.93 7.80
N PRO B 29 17.97 -29.86 8.52
CA PRO B 29 18.18 -28.48 8.10
C PRO B 29 19.63 -28.00 8.22
N PHE B 30 20.50 -28.79 8.82
CA PHE B 30 21.90 -28.38 8.98
C PHE B 30 22.84 -29.18 8.09
N GLU B 31 22.27 -30.00 7.21
CA GLU B 31 23.06 -30.75 6.25
C GLU B 31 23.90 -29.81 5.42
N GLY B 32 25.22 -29.99 5.49
CA GLY B 32 26.14 -29.13 4.76
C GLY B 32 26.92 -28.21 5.68
N LEU B 33 26.60 -28.24 6.97
CA LEU B 33 27.32 -27.43 7.95
C LEU B 33 28.48 -28.21 8.55
N LEU B 34 29.56 -27.51 8.84
CA LEU B 34 30.71 -28.13 9.47
C LEU B 34 30.90 -27.58 10.88
N VAL B 35 30.83 -28.47 11.87
CA VAL B 35 31.05 -28.07 13.25
C VAL B 35 32.36 -28.64 13.78
N ILE B 36 33.24 -27.77 14.25
CA ILE B 36 34.45 -28.23 14.92
C ILE B 36 34.17 -28.23 16.41
N ASP B 37 34.10 -29.44 16.98
CA ASP B 37 33.52 -29.65 18.30
C ASP B 37 34.56 -30.07 19.33
N MET B 38 34.97 -29.13 20.18
CA MET B 38 35.95 -29.41 21.22
C MET B 38 35.27 -29.68 22.56
N THR B 39 33.94 -29.73 22.57
CA THR B 39 33.20 -29.87 23.81
C THR B 39 33.45 -31.23 24.47
N HIS B 40 33.35 -31.26 25.80
CA HIS B 40 33.52 -32.49 26.56
C HIS B 40 32.58 -32.54 27.76
N VAL B 41 32.54 -33.68 28.44
CA VAL B 41 31.58 -33.96 29.52
C VAL B 41 30.14 -33.93 28.98
N LEU B 42 29.24 -33.20 29.64
CA LEU B 42 27.82 -33.27 29.29
C LEU B 42 27.27 -32.00 28.65
N ASN B 43 27.54 -30.86 29.28
CA ASN B 43 26.91 -29.59 28.92
C ASN B 43 27.13 -29.18 27.45
N GLY B 44 28.38 -29.11 27.02
CA GLY B 44 28.70 -28.82 25.63
C GLY B 44 28.23 -29.87 24.62
N PRO B 45 28.63 -31.14 24.82
CA PRO B 45 28.30 -32.21 23.87
C PRO B 45 26.81 -32.48 23.68
N PHE B 46 25.99 -32.29 24.72
CA PHE B 46 24.55 -32.44 24.58
C PHE B 46 24.03 -31.45 23.53
N GLY B 47 24.56 -30.24 23.57
CA GLY B 47 24.20 -29.22 22.60
C GLY B 47 24.60 -29.56 21.17
N THR B 48 25.83 -30.07 21.00
CA THR B 48 26.33 -30.37 19.67
C THR B 48 25.70 -31.62 19.09
N GLN B 49 25.26 -32.53 19.96
CA GLN B 49 24.58 -33.75 19.52
C GLN B 49 23.32 -33.40 18.72
N LEU B 50 22.62 -32.37 19.15
CA LEU B 50 21.42 -31.92 18.46
C LEU B 50 21.72 -31.42 17.04
N LEU B 51 22.82 -30.69 16.89
CA LEU B 51 23.26 -30.26 15.56
C LEU B 51 23.54 -31.48 14.67
N CYS B 52 24.16 -32.50 15.26
CA CYS B 52 24.48 -33.72 14.54
C CYS B 52 23.22 -34.51 14.20
N ASN B 53 22.28 -34.54 15.14
CA ASN B 53 20.99 -35.19 14.93
C ASN B 53 20.26 -34.64 13.71
N MET B 54 20.38 -33.33 13.51
CA MET B 54 19.66 -32.67 12.44
C MET B 54 20.52 -32.28 11.24
N GLY B 55 21.54 -33.07 10.94
CA GLY B 55 22.23 -33.00 9.66
C GLY B 55 23.67 -32.55 9.61
N ALA B 56 24.10 -31.74 10.58
CA ALA B 56 25.43 -31.15 10.53
C ALA B 56 26.52 -32.21 10.67
N ARG B 57 27.64 -32.00 9.97
CA ARG B 57 28.81 -32.84 10.19
C ARG B 57 29.55 -32.33 11.42
N VAL B 58 29.71 -33.20 12.41
CA VAL B 58 30.36 -32.80 13.64
C VAL B 58 31.66 -33.55 13.88
N ILE B 59 32.77 -32.83 13.86
CA ILE B 59 34.07 -33.42 14.11
C ILE B 59 34.49 -33.15 15.55
N LYS B 60 34.50 -34.19 16.37
CA LYS B 60 34.97 -34.07 17.74
C LYS B 60 36.49 -33.99 17.80
N VAL B 61 37.01 -32.84 18.21
CA VAL B 61 38.43 -32.70 18.45
C VAL B 61 38.72 -33.01 19.90
N GLU B 62 39.36 -34.15 20.14
CA GLU B 62 39.65 -34.59 21.50
C GLU B 62 41.12 -34.40 21.83
N PRO B 63 41.43 -34.12 23.10
CA PRO B 63 42.83 -33.88 23.50
C PRO B 63 43.60 -35.18 23.61
N PRO B 64 44.94 -35.12 23.61
CA PRO B 64 45.71 -36.33 23.84
C PRO B 64 45.48 -36.88 25.25
N GLY B 65 45.68 -38.17 25.44
CA GLY B 65 45.36 -38.82 26.70
C GLY B 65 44.18 -39.75 26.52
N HIS B 66 43.23 -39.68 27.44
CA HIS B 66 42.02 -40.50 27.34
C HIS B 66 40.97 -39.83 26.47
N GLY B 67 41.21 -38.56 26.12
CA GLY B 67 40.30 -37.80 25.28
C GLY B 67 39.19 -37.14 26.08
N ASP B 68 37.98 -37.15 25.52
CA ASP B 68 36.80 -36.62 26.20
C ASP B 68 36.62 -37.38 27.52
N ASP B 69 36.35 -36.64 28.59
CA ASP B 69 36.22 -37.21 29.93
C ASP B 69 35.17 -38.31 30.03
N THR B 70 34.13 -38.24 29.21
CA THR B 70 33.02 -39.19 29.30
C THR B 70 33.41 -40.60 28.86
N ARG B 71 34.55 -40.74 28.19
CA ARG B 71 35.05 -42.05 27.85
C ARG B 71 35.46 -42.81 29.11
N THR B 72 35.65 -42.07 30.21
CA THR B 72 35.98 -42.65 31.49
C THR B 72 34.81 -42.57 32.47
N PHE B 73 33.62 -42.29 31.95
CA PHE B 73 32.43 -42.21 32.79
C PHE B 73 31.64 -43.51 32.79
N GLY B 74 31.15 -43.91 33.96
CA GLY B 74 30.19 -45.00 34.04
C GLY B 74 28.83 -44.48 33.61
N PRO B 75 27.90 -45.39 33.27
CA PRO B 75 28.07 -46.85 33.31
C PRO B 75 28.72 -47.38 32.03
N TYR B 76 29.18 -48.62 32.07
CA TYR B 76 29.87 -49.23 30.93
C TYR B 76 29.12 -50.42 30.35
N VAL B 77 29.14 -50.53 29.03
CA VAL B 77 28.61 -51.70 28.33
C VAL B 77 29.62 -52.15 27.28
N ASP B 78 30.09 -53.39 27.41
CA ASP B 78 31.14 -53.95 26.56
C ASP B 78 32.41 -53.11 26.63
N GLY B 79 32.78 -52.70 27.84
CA GLY B 79 33.99 -51.92 28.05
C GLY B 79 33.91 -50.49 27.52
N GLN B 80 32.78 -50.16 26.90
CA GLN B 80 32.59 -48.85 26.30
C GLN B 80 31.57 -48.03 27.09
N SER B 81 31.90 -46.77 27.35
CA SER B 81 31.06 -45.91 28.16
C SER B 81 29.74 -45.59 27.47
N LEU B 82 28.64 -46.01 28.08
CA LEU B 82 27.30 -45.62 27.62
C LEU B 82 27.14 -44.11 27.68
N TYR B 83 27.84 -43.48 28.61
CA TYR B 83 27.76 -42.04 28.79
C TYR B 83 28.27 -41.31 27.55
N TYR B 84 29.45 -41.73 27.07
CA TYR B 84 30.00 -41.14 25.85
C TYR B 84 29.09 -41.38 24.66
N SER B 85 28.62 -42.63 24.53
CA SER B 85 27.81 -43.04 23.39
C SER B 85 26.49 -42.28 23.29
N PHE B 86 25.86 -42.04 24.43
CA PHE B 86 24.55 -41.37 24.47
C PHE B 86 24.58 -39.98 23.85
N ILE B 87 25.67 -39.25 24.06
CA ILE B 87 25.71 -37.85 23.66
C ILE B 87 26.78 -37.55 22.61
N ASN B 88 27.32 -38.59 21.98
CA ASN B 88 28.30 -38.39 20.90
C ASN B 88 28.10 -39.33 19.71
N HIS B 89 26.93 -39.94 19.60
CA HIS B 89 26.67 -40.82 18.47
C HIS B 89 26.60 -40.02 17.18
N GLY B 90 27.30 -40.50 16.15
CA GLY B 90 27.30 -39.83 14.86
C GLY B 90 28.37 -38.77 14.71
N LYS B 91 29.10 -38.50 15.79
CA LYS B 91 30.19 -37.54 15.72
C LYS B 91 31.49 -38.25 15.37
N GLU B 92 32.23 -37.70 14.41
CA GLU B 92 33.55 -38.23 14.07
C GLU B 92 34.52 -37.88 15.19
N SER B 93 35.64 -38.59 15.26
CA SER B 93 36.63 -38.33 16.30
C SER B 93 38.06 -38.22 15.77
N VAL B 94 38.72 -37.12 16.12
CA VAL B 94 40.14 -36.97 15.83
C VAL B 94 40.83 -36.39 17.05
N VAL B 95 41.96 -36.98 17.44
CA VAL B 95 42.76 -36.42 18.52
C VAL B 95 43.74 -35.40 17.96
N LEU B 96 43.67 -34.18 18.48
CA LEU B 96 44.60 -33.12 18.09
C LEU B 96 45.24 -32.52 19.34
N ASP B 97 46.50 -32.14 19.22
CA ASP B 97 47.20 -31.46 20.31
C ASP B 97 47.53 -30.05 19.89
N LEU B 98 46.75 -29.08 20.35
CA LEU B 98 46.90 -27.69 19.93
C LEU B 98 48.18 -27.04 20.43
N LYS B 99 48.88 -27.73 21.33
CA LYS B 99 50.20 -27.28 21.78
C LYS B 99 51.27 -27.61 20.75
N ASN B 100 50.93 -28.53 19.84
CA ASN B 100 51.82 -28.89 18.73
C ASN B 100 51.53 -28.07 17.49
N ASP B 101 52.57 -27.44 16.93
CA ASP B 101 52.41 -26.53 15.80
C ASP B 101 51.81 -27.18 14.55
N HIS B 102 52.18 -28.43 14.29
CA HIS B 102 51.63 -29.16 13.16
C HIS B 102 50.12 -29.37 13.31
N ASP B 103 49.72 -29.86 14.48
CA ASP B 103 48.31 -30.04 14.79
C ASP B 103 47.57 -28.72 14.77
N LYS B 104 48.22 -27.68 15.29
CA LYS B 104 47.65 -26.35 15.35
C LYS B 104 47.34 -25.85 13.95
N SER B 105 48.27 -26.11 13.03
CA SER B 105 48.08 -25.76 11.62
C SER B 105 46.85 -26.47 11.04
N ILE B 106 46.69 -27.74 11.38
CA ILE B 106 45.53 -28.52 10.93
C ILE B 106 44.22 -27.93 11.48
N PHE B 107 44.23 -27.58 12.76
CA PHE B 107 43.06 -27.02 13.44
C PHE B 107 42.63 -25.71 12.79
N ILE B 108 43.61 -24.89 12.43
CA ILE B 108 43.34 -23.61 11.77
C ILE B 108 42.70 -23.81 10.38
N ASN B 109 43.20 -24.78 9.63
CA ASN B 109 42.60 -25.13 8.35
C ASN B 109 41.16 -25.62 8.51
N MET B 110 40.89 -26.32 9.61
CA MET B 110 39.53 -26.74 9.94
C MET B 110 38.64 -25.52 10.14
N LEU B 111 39.10 -24.60 10.98
CA LEU B 111 38.36 -23.37 11.30
C LEU B 111 38.00 -22.58 10.04
N LYS B 112 38.90 -22.55 9.07
CA LYS B 112 38.67 -21.79 7.84
C LYS B 112 37.56 -22.40 6.98
N GLN B 113 37.33 -23.70 7.16
CA GLN B 113 36.25 -24.39 6.47
C GLN B 113 34.99 -24.46 7.32
N ALA B 114 35.12 -24.13 8.60
CA ALA B 114 34.07 -24.40 9.58
C ALA B 114 33.04 -23.30 9.68
N ASP B 115 31.83 -23.68 10.08
CA ASP B 115 30.75 -22.73 10.34
C ASP B 115 30.67 -22.45 11.83
N VAL B 116 30.95 -23.46 12.63
CA VAL B 116 30.83 -23.39 14.08
C VAL B 116 32.03 -24.00 14.79
N LEU B 117 32.61 -23.25 15.73
CA LEU B 117 33.58 -23.82 16.68
C LEU B 117 32.95 -23.82 18.06
N ALA B 118 32.78 -25.00 18.63
CA ALA B 118 32.16 -25.14 19.94
C ALA B 118 33.12 -25.67 20.99
N GLU B 119 33.01 -25.15 22.20
CA GLU B 119 33.84 -25.61 23.31
C GLU B 119 33.19 -25.28 24.65
N ASN B 120 33.42 -26.13 25.64
CA ASN B 120 32.98 -25.85 26.98
C ASN B 120 34.08 -26.00 28.02
N PHE B 121 35.27 -25.52 27.68
CA PHE B 121 36.37 -25.43 28.63
C PHE B 121 36.05 -24.33 29.63
N ARG B 122 36.84 -24.25 30.70
CA ARG B 122 36.79 -23.11 31.58
C ARG B 122 37.08 -21.87 30.74
N PRO B 123 36.48 -20.72 31.10
CA PRO B 123 36.77 -19.50 30.35
C PRO B 123 38.25 -19.18 30.36
N GLY B 124 38.76 -18.73 29.22
CA GLY B 124 40.17 -18.37 29.09
C GLY B 124 41.06 -19.45 28.49
N THR B 125 40.62 -20.71 28.56
CA THR B 125 41.42 -21.82 28.06
C THR B 125 41.75 -21.67 26.57
N MET B 126 40.73 -21.42 25.76
CA MET B 126 40.93 -21.26 24.32
C MET B 126 41.82 -20.07 23.98
N GLU B 127 41.72 -19.00 24.76
CA GLU B 127 42.55 -17.82 24.52
C GLU B 127 44.03 -18.13 24.72
N LYS B 128 44.32 -18.94 25.73
CA LYS B 128 45.71 -19.25 26.07
C LYS B 128 46.37 -20.22 25.08
N LEU B 129 45.54 -20.95 24.33
CA LEU B 129 46.06 -21.81 23.27
C LEU B 129 46.21 -21.00 21.98
N GLY B 130 45.80 -19.73 22.04
CA GLY B 130 45.97 -18.83 20.92
C GLY B 130 44.71 -18.62 20.10
N PHE B 131 43.56 -18.73 20.75
CA PHE B 131 42.29 -18.57 20.03
C PHE B 131 41.27 -17.74 20.81
N SER B 132 41.54 -16.44 20.93
CA SER B 132 40.58 -15.50 21.46
C SER B 132 39.46 -15.33 20.44
N TRP B 133 38.33 -14.78 20.87
CA TRP B 133 37.24 -14.50 19.95
C TRP B 133 37.71 -13.56 18.84
N GLU B 134 38.59 -12.63 19.20
CA GLU B 134 39.13 -11.67 18.24
C GLU B 134 40.06 -12.33 17.20
N THR B 135 40.84 -13.31 17.64
CA THR B 135 41.70 -14.05 16.72
C THR B 135 40.86 -14.93 15.79
N LEU B 136 39.82 -15.53 16.34
CA LEU B 136 38.92 -16.40 15.58
C LEU B 136 38.25 -15.63 14.44
N GLN B 137 37.83 -14.40 14.72
CA GLN B 137 37.20 -13.55 13.71
C GLN B 137 38.16 -13.29 12.55
N GLU B 138 39.44 -13.12 12.89
CA GLU B 138 40.47 -12.86 11.90
C GLU B 138 40.73 -14.08 11.03
N ILE B 139 40.63 -15.26 11.64
CA ILE B 139 40.83 -16.52 10.93
C ILE B 139 39.68 -16.78 9.96
N ASN B 140 38.46 -16.66 10.47
CA ASN B 140 37.26 -16.83 9.68
C ASN B 140 36.16 -15.86 10.12
N PRO B 141 35.85 -14.88 9.27
CA PRO B 141 34.83 -13.86 9.57
C PRO B 141 33.42 -14.44 9.64
N ARG B 142 33.24 -15.63 9.08
CA ARG B 142 31.92 -16.27 9.03
C ARG B 142 31.76 -17.34 10.10
N LEU B 143 32.77 -17.49 10.96
CA LEU B 143 32.79 -18.55 11.96
C LEU B 143 31.93 -18.23 13.17
N ILE B 144 31.01 -19.13 13.50
CA ILE B 144 30.25 -19.01 14.75
C ILE B 144 31.07 -19.64 15.87
N TYR B 145 31.32 -18.88 16.92
CA TYR B 145 32.07 -19.40 18.07
C TYR B 145 31.10 -19.60 19.23
N ALA B 146 30.88 -20.85 19.60
CA ALA B 146 29.91 -21.18 20.63
C ALA B 146 30.58 -21.68 21.89
N SER B 147 30.37 -20.96 22.99
CA SER B 147 31.01 -21.26 24.25
C SER B 147 29.96 -21.63 25.29
N SER B 148 30.26 -22.62 26.12
CA SER B 148 29.37 -23.00 27.21
C SER B 148 30.17 -23.20 28.49
N SER B 149 29.73 -22.57 29.57
CA SER B 149 30.42 -22.75 30.83
C SER B 149 29.46 -22.55 32.00
N GLY B 150 29.97 -22.77 33.21
CA GLY B 150 29.14 -22.69 34.40
C GLY B 150 28.57 -21.30 34.63
N PHE B 151 29.36 -20.27 34.38
CA PHE B 151 28.95 -18.90 34.65
C PHE B 151 29.10 -17.96 33.46
N GLY B 152 29.59 -18.49 32.34
CA GLY B 152 29.80 -17.68 31.15
C GLY B 152 31.20 -17.08 31.12
N HIS B 153 31.52 -16.40 30.02
CA HIS B 153 32.85 -15.84 29.85
C HIS B 153 33.00 -14.47 30.50
N THR B 154 31.93 -13.99 31.14
CA THR B 154 31.95 -12.68 31.79
C THR B 154 31.50 -12.78 33.26
N GLY B 155 31.79 -11.74 34.03
CA GLY B 155 31.33 -11.66 35.40
C GLY B 155 32.37 -12.08 36.43
N PRO B 156 32.15 -11.71 37.70
CA PRO B 156 33.08 -12.00 38.80
C PRO B 156 33.25 -13.50 39.09
N LEU B 157 32.27 -14.31 38.70
CA LEU B 157 32.33 -15.74 38.97
C LEU B 157 32.72 -16.56 37.74
N LYS B 158 33.27 -15.89 36.72
CA LYS B 158 33.57 -16.57 35.46
C LYS B 158 34.62 -17.68 35.59
N ASP B 159 35.54 -17.54 36.54
CA ASP B 159 36.61 -18.52 36.69
C ASP B 159 36.34 -19.52 37.82
N ALA B 160 35.20 -19.37 38.49
CA ALA B 160 34.84 -20.23 39.61
C ALA B 160 34.52 -21.64 39.13
N PRO B 161 34.81 -22.66 39.96
CA PRO B 161 34.40 -24.02 39.64
C PRO B 161 32.88 -24.10 39.58
N ALA B 162 32.36 -24.89 38.65
CA ALA B 162 30.92 -24.90 38.43
C ALA B 162 30.38 -26.22 37.89
N TYR B 163 30.53 -27.28 38.69
CA TYR B 163 29.86 -28.54 38.39
C TYR B 163 28.35 -28.33 38.40
N ASP B 164 27.62 -29.28 37.81
CA ASP B 164 26.17 -29.20 37.76
C ASP B 164 25.56 -29.07 39.15
N THR B 165 26.12 -29.82 40.10
CA THR B 165 25.64 -29.78 41.48
C THR B 165 25.81 -28.39 42.09
N ILE B 166 26.95 -27.77 41.82
CA ILE B 166 27.24 -26.42 42.30
C ILE B 166 26.25 -25.40 41.74
N ILE B 167 25.96 -25.49 40.44
CA ILE B 167 25.03 -24.56 39.80
C ILE B 167 23.61 -24.77 40.33
N GLN B 168 23.21 -26.03 40.51
CA GLN B 168 21.90 -26.31 41.09
C GLN B 168 21.77 -25.72 42.48
N ALA B 169 22.86 -25.76 43.24
CA ALA B 169 22.88 -25.23 44.60
C ALA B 169 22.72 -23.71 44.62
N MET B 170 23.50 -23.03 43.79
CA MET B 170 23.53 -21.58 43.79
C MET B 170 22.35 -20.93 43.07
N SER B 171 21.69 -21.69 42.20
CA SER B 171 20.62 -21.14 41.37
C SER B 171 19.31 -21.01 42.16
N GLY B 172 19.17 -21.81 43.20
CA GLY B 172 17.96 -21.79 44.01
C GLY B 172 17.09 -23.01 43.80
N ILE B 173 17.39 -23.79 42.76
CA ILE B 173 16.54 -24.93 42.40
C ILE B 173 16.58 -26.04 43.46
N MET B 174 17.71 -26.19 44.15
CA MET B 174 17.84 -27.19 45.20
C MET B 174 16.87 -26.86 46.33
N MET B 175 16.81 -25.58 46.70
CA MET B 175 15.95 -25.16 47.79
C MET B 175 14.48 -25.10 47.41
N GLU B 176 14.18 -25.09 46.12
CA GLU B 176 12.79 -25.16 45.66
C GLU B 176 12.32 -26.62 45.57
N THR B 177 13.25 -27.56 45.71
CA THR B 177 12.96 -28.96 45.40
C THR B 177 12.86 -29.85 46.64
N GLY B 178 11.85 -30.71 46.65
CA GLY B 178 11.66 -31.68 47.72
C GLY B 178 10.43 -31.35 48.54
N TYR B 179 10.08 -32.24 49.47
CA TYR B 179 8.96 -32.00 50.37
C TYR B 179 9.29 -30.85 51.31
N PRO B 180 8.30 -29.99 51.60
CA PRO B 180 8.46 -28.71 52.29
C PRO B 180 9.23 -28.76 53.61
N ASP B 181 9.04 -29.81 54.40
CA ASP B 181 9.73 -29.94 55.68
C ASP B 181 11.05 -30.70 55.53
N ALA B 182 11.19 -31.40 54.43
CA ALA B 182 12.40 -32.17 54.13
C ALA B 182 13.56 -31.23 53.79
N PRO B 183 14.81 -31.73 53.84
CA PRO B 183 15.95 -30.90 53.44
C PRO B 183 15.95 -30.63 51.95
N PRO B 184 16.62 -29.54 51.52
CA PRO B 184 16.75 -29.22 50.09
C PRO B 184 17.42 -30.35 49.34
N VAL B 185 17.00 -30.60 48.10
CA VAL B 185 17.59 -31.70 47.33
C VAL B 185 17.77 -31.35 45.85
N ARG B 186 18.81 -31.91 45.26
CA ARG B 186 19.12 -31.80 43.85
C ARG B 186 17.99 -32.36 42.99
N VAL B 187 17.77 -31.77 41.84
CA VAL B 187 16.85 -32.32 40.83
C VAL B 187 17.40 -33.67 40.38
N GLY B 188 16.53 -34.64 40.12
CA GLY B 188 16.93 -35.99 39.77
C GLY B 188 17.72 -36.19 38.49
N THR B 189 18.32 -35.11 37.98
CA THR B 189 19.16 -35.19 36.79
C THR B 189 20.11 -33.99 36.74
N SER B 190 20.99 -33.97 35.75
CA SER B 190 21.95 -32.88 35.60
C SER B 190 21.32 -31.70 34.91
N LEU B 191 20.38 -31.06 35.61
CA LEU B 191 19.55 -30.00 35.04
C LEU B 191 20.34 -28.81 34.50
N ALA B 192 21.33 -28.34 35.26
CA ALA B 192 22.11 -27.18 34.86
C ALA B 192 22.91 -27.45 33.60
N ASP B 193 23.54 -28.62 33.55
CA ASP B 193 24.28 -29.06 32.35
C ASP B 193 23.36 -29.13 31.14
N LEU B 194 22.18 -29.71 31.33
CA LEU B 194 21.25 -29.93 30.24
C LEU B 194 20.62 -28.62 29.73
N CYS B 195 20.29 -27.72 30.64
CA CYS B 195 19.78 -26.41 30.27
C CYS B 195 20.83 -25.65 29.48
N GLY B 196 22.06 -25.69 29.95
CA GLY B 196 23.17 -25.08 29.23
C GLY B 196 23.27 -25.65 27.84
N GLY B 197 23.14 -26.98 27.74
CA GLY B 197 23.21 -27.67 26.46
C GLY B 197 22.18 -27.22 25.45
N VAL B 198 20.91 -27.15 25.86
CA VAL B 198 19.84 -26.78 24.94
C VAL B 198 19.89 -25.31 24.54
N TYR B 199 20.37 -24.47 25.46
CA TYR B 199 20.53 -23.06 25.15
C TYR B 199 21.75 -22.84 24.26
N LEU B 200 22.74 -23.71 24.39
CA LEU B 200 23.90 -23.68 23.52
C LEU B 200 23.45 -23.97 22.10
N PHE B 201 22.71 -25.05 21.93
CA PHE B 201 22.16 -25.41 20.63
C PHE B 201 21.25 -24.33 20.08
N SER B 202 20.43 -23.76 20.95
CA SER B 202 19.53 -22.68 20.55
C SER B 202 20.30 -21.46 20.06
N GLY B 203 21.30 -21.05 20.85
CA GLY B 203 22.11 -19.91 20.51
C GLY B 203 22.85 -20.08 19.20
N ILE B 204 23.34 -21.30 18.95
CA ILE B 204 24.04 -21.60 17.71
C ILE B 204 23.15 -21.43 16.49
N VAL B 205 22.00 -22.09 16.51
CA VAL B 205 21.06 -22.02 15.38
C VAL B 205 20.56 -20.59 15.16
N SER B 206 20.34 -19.86 16.25
CA SER B 206 19.98 -18.44 16.15
C SER B 206 21.06 -17.66 15.41
N ALA B 207 22.32 -17.95 15.74
CA ALA B 207 23.46 -17.27 15.12
C ALA B 207 23.59 -17.67 13.65
N LEU B 208 23.32 -18.93 13.36
CA LEU B 208 23.35 -19.42 11.98
C LEU B 208 22.30 -18.74 11.12
N TYR B 209 21.11 -18.54 11.68
CA TYR B 209 20.06 -17.83 10.97
C TYR B 209 20.45 -16.37 10.75
N GLY B 210 20.96 -15.73 11.80
CA GLY B 210 21.36 -14.34 11.73
C GLY B 210 22.51 -14.10 10.78
N ARG B 211 23.48 -15.01 10.78
CA ARG B 211 24.65 -14.89 9.92
C ARG B 211 24.24 -14.89 8.44
N GLU B 212 23.14 -15.55 8.13
CA GLU B 212 22.70 -15.71 6.76
C GLU B 212 22.51 -14.38 6.02
N LYS B 213 22.02 -13.38 6.72
CA LYS B 213 21.90 -12.05 6.15
C LYS B 213 23.17 -11.24 6.35
N SER B 214 23.69 -11.26 7.57
CA SER B 214 24.84 -10.43 7.95
C SER B 214 26.14 -10.91 7.35
N GLN B 215 26.21 -12.20 7.01
CA GLN B 215 27.42 -12.83 6.52
C GLN B 215 28.61 -12.75 7.48
N ARG B 216 28.33 -12.68 8.78
CA ARG B 216 29.40 -12.76 9.78
C ARG B 216 29.01 -13.61 10.97
N GLY B 217 29.99 -14.30 11.53
CA GLY B 217 29.76 -15.12 12.70
C GLY B 217 29.61 -14.27 13.94
N ALA B 218 29.41 -14.93 15.07
CA ALA B 218 29.29 -14.24 16.35
C ALA B 218 29.72 -15.19 17.46
N HIS B 219 29.90 -14.63 18.65
CA HIS B 219 30.24 -15.44 19.81
C HIS B 219 28.99 -15.75 20.64
N VAL B 220 28.55 -17.00 20.60
CA VAL B 220 27.48 -17.45 21.48
C VAL B 220 28.08 -17.86 22.82
N ASP B 221 27.68 -17.16 23.87
CA ASP B 221 28.28 -17.33 25.20
C ASP B 221 27.21 -17.74 26.22
N ILE B 222 27.12 -19.05 26.47
CA ILE B 222 26.08 -19.58 27.35
C ILE B 222 26.60 -19.87 28.74
N ALA B 223 25.84 -19.45 29.75
CA ALA B 223 26.14 -19.78 31.14
C ALA B 223 25.14 -20.77 31.69
N MET B 224 25.65 -21.82 32.34
CA MET B 224 24.80 -22.80 32.99
C MET B 224 23.96 -22.14 34.07
N PHE B 225 24.57 -21.18 34.77
CA PHE B 225 23.91 -20.46 35.85
C PHE B 225 22.75 -19.62 35.32
N ASP B 226 22.99 -18.88 34.24
CA ASP B 226 21.92 -18.11 33.59
C ASP B 226 20.81 -19.03 33.13
N ALA B 227 21.21 -20.12 32.47
CA ALA B 227 20.27 -21.10 31.93
C ALA B 227 19.34 -21.64 33.01
N THR B 228 19.92 -22.00 34.16
CA THR B 228 19.13 -22.53 35.27
C THR B 228 18.19 -21.48 35.86
N LEU B 229 18.68 -20.24 35.94
CA LEU B 229 17.85 -19.15 36.45
C LEU B 229 16.58 -18.99 35.63
N SER B 230 16.67 -19.24 34.33
CA SER B 230 15.54 -19.07 33.43
C SER B 230 14.48 -20.18 33.57
N PHE B 231 14.82 -21.23 34.32
CA PHE B 231 13.90 -22.34 34.54
C PHE B 231 13.22 -22.30 35.91
N LEU B 232 13.37 -21.19 36.62
CA LEU B 232 12.89 -21.10 37.99
C LEU B 232 11.36 -20.95 38.11
N GLU B 233 10.74 -20.36 37.08
CA GLU B 233 9.29 -20.23 37.01
C GLU B 233 8.65 -19.68 38.27
N HIS B 234 7.87 -20.51 38.96
CA HIS B 234 7.07 -20.07 40.10
C HIS B 234 7.93 -19.67 41.30
N GLY B 235 9.07 -20.33 41.46
CA GLY B 235 9.97 -20.04 42.55
C GLY B 235 10.37 -18.58 42.60
N LEU B 236 10.58 -17.98 41.43
CA LEU B 236 10.98 -16.59 41.34
C LEU B 236 9.79 -15.62 41.31
N MET B 237 8.73 -16.01 40.60
CA MET B 237 7.53 -15.18 40.51
C MET B 237 6.99 -14.86 41.90
N ALA B 238 6.80 -15.91 42.69
CA ALA B 238 6.29 -15.77 44.05
C ALA B 238 7.17 -14.86 44.90
N TYR B 239 8.49 -15.02 44.78
CA TYR B 239 9.39 -14.20 45.56
C TYR B 239 9.29 -12.71 45.20
N ILE B 240 9.35 -12.42 43.91
CA ILE B 240 9.27 -11.04 43.42
C ILE B 240 8.02 -10.33 43.96
N ALA B 241 6.93 -11.08 44.08
CA ALA B 241 5.66 -10.50 44.51
C ALA B 241 5.45 -10.51 46.03
N THR B 242 5.89 -11.57 46.71
CA THR B 242 5.60 -11.71 48.14
C THR B 242 6.81 -11.50 49.05
N GLY B 243 8.00 -11.76 48.53
CA GLY B 243 9.21 -11.59 49.33
C GLY B 243 9.57 -12.83 50.11
N LYS B 244 8.78 -13.89 49.94
CA LYS B 244 9.06 -15.17 50.56
C LYS B 244 9.97 -15.98 49.65
N SER B 245 10.94 -16.69 50.24
CA SER B 245 11.82 -17.57 49.49
C SER B 245 12.60 -18.44 50.46
N PRO B 246 12.60 -19.76 50.23
CA PRO B 246 12.02 -20.44 49.07
C PRO B 246 10.54 -20.78 49.26
N GLN B 247 9.92 -21.31 48.20
CA GLN B 247 8.53 -21.72 48.27
C GLN B 247 8.37 -23.11 48.87
N ARG B 248 9.05 -24.08 48.26
CA ARG B 248 8.99 -25.49 48.69
C ARG B 248 7.58 -26.03 48.76
N LEU B 249 7.01 -26.36 47.60
CA LEU B 249 5.63 -26.82 47.52
C LEU B 249 5.52 -28.34 47.43
N GLY B 250 6.64 -29.01 47.21
CA GLY B 250 6.63 -30.44 47.00
C GLY B 250 5.86 -30.76 45.72
N ASN B 251 4.95 -31.72 45.82
CA ASN B 251 4.19 -32.19 44.66
C ASN B 251 2.96 -31.35 44.30
N ARG B 252 2.50 -30.49 45.21
CA ARG B 252 1.23 -29.81 45.01
C ARG B 252 1.33 -28.50 44.24
N HIS B 253 0.30 -28.20 43.46
CA HIS B 253 0.22 -26.97 42.70
C HIS B 253 0.01 -25.78 43.63
N PRO B 254 0.60 -24.63 43.31
CA PRO B 254 0.45 -23.45 44.16
C PRO B 254 -0.94 -22.83 44.12
N TYR B 255 -1.65 -22.94 43.00
CA TYR B 255 -2.91 -22.21 42.85
C TYR B 255 -4.15 -23.06 42.52
N MET B 256 -3.96 -24.37 42.40
CA MET B 256 -5.09 -25.27 42.16
C MET B 256 -5.08 -26.47 43.10
N ALA B 257 -6.26 -26.96 43.44
CA ALA B 257 -6.40 -28.10 44.34
C ALA B 257 -7.77 -28.77 44.17
N PRO B 258 -7.82 -30.11 44.28
CA PRO B 258 -6.70 -31.02 44.52
C PRO B 258 -5.85 -31.24 43.27
N PHE B 259 -4.57 -30.91 43.38
CA PHE B 259 -3.67 -30.94 42.23
C PHE B 259 -2.31 -31.30 42.80
N ASP B 260 -2.04 -32.59 42.88
CA ASP B 260 -0.98 -33.09 43.76
C ASP B 260 -0.68 -34.55 43.47
N VAL B 261 0.27 -35.12 44.21
CA VAL B 261 0.53 -36.56 44.17
C VAL B 261 -0.12 -37.23 45.39
N PHE B 262 -0.86 -38.29 45.15
CA PHE B 262 -1.58 -38.97 46.22
C PHE B 262 -1.23 -40.45 46.28
N ASN B 263 -1.17 -40.99 47.49
CA ASN B 263 -0.93 -42.41 47.69
C ASN B 263 -2.21 -43.23 47.51
N THR B 264 -2.04 -44.50 47.15
CA THR B 264 -3.16 -45.43 47.07
C THR B 264 -2.83 -46.66 47.91
N GLN B 265 -3.48 -47.77 47.61
CA GLN B 265 -3.22 -49.01 48.35
C GLN B 265 -1.82 -49.54 48.04
N ASP B 266 -1.40 -49.42 46.80
CA ASP B 266 -0.11 -50.00 46.38
C ASP B 266 0.94 -48.97 45.96
N LYS B 267 0.60 -48.07 45.05
CA LYS B 267 1.57 -47.09 44.56
C LYS B 267 0.94 -45.74 44.19
N PRO B 268 1.73 -44.65 44.30
CA PRO B 268 1.17 -43.29 44.17
C PRO B 268 0.72 -42.93 42.76
N ILE B 269 -0.26 -42.03 42.69
CA ILE B 269 -0.71 -41.47 41.42
C ILE B 269 -0.84 -39.96 41.55
N THR B 270 -0.87 -39.26 40.43
CA THR B 270 -1.11 -37.83 40.46
C THR B 270 -2.53 -37.51 39.96
N ILE B 271 -3.23 -36.66 40.71
CA ILE B 271 -4.56 -36.20 40.32
C ILE B 271 -4.49 -34.70 40.11
N CYS B 272 -4.83 -34.26 38.92
CA CYS B 272 -4.75 -32.85 38.58
C CYS B 272 -6.14 -32.28 38.33
N CYS B 273 -6.73 -31.75 39.40
CA CYS B 273 -8.12 -31.33 39.39
C CYS B 273 -8.21 -29.81 39.49
N GLY B 274 -8.21 -29.15 38.34
CA GLY B 274 -7.98 -27.71 38.29
C GLY B 274 -9.18 -26.78 38.32
N ASN B 275 -10.40 -27.32 38.42
CA ASN B 275 -11.59 -26.48 38.52
C ASN B 275 -12.75 -27.15 39.26
N ASP B 276 -13.81 -26.37 39.48
CA ASP B 276 -14.96 -26.86 40.24
C ASP B 276 -15.64 -28.04 39.56
N LYS B 277 -15.83 -27.94 38.24
CA LYS B 277 -16.43 -29.02 37.46
C LYS B 277 -15.67 -30.32 37.66
N LEU B 278 -14.34 -30.24 37.62
CA LEU B 278 -13.51 -31.43 37.76
C LEU B 278 -13.54 -31.95 39.19
N PHE B 279 -13.59 -31.06 40.17
CA PHE B 279 -13.64 -31.48 41.56
C PHE B 279 -14.88 -32.29 41.85
N SER B 280 -16.01 -31.86 41.27
CA SER B 280 -17.26 -32.57 41.41
C SER B 280 -17.15 -33.98 40.82
N ALA B 281 -16.55 -34.09 39.64
CA ALA B 281 -16.34 -35.37 38.99
C ALA B 281 -15.50 -36.29 39.86
N LEU B 282 -14.38 -35.78 40.35
CA LEU B 282 -13.48 -36.53 41.23
C LEU B 282 -14.22 -37.09 42.43
N CYS B 283 -15.00 -36.23 43.09
CA CYS B 283 -15.75 -36.63 44.28
C CYS B 283 -16.75 -37.73 43.96
N GLN B 284 -17.35 -37.66 42.78
CA GLN B 284 -18.26 -38.70 42.32
C GLN B 284 -17.54 -40.04 42.24
N ALA B 285 -16.38 -40.05 41.57
CA ALA B 285 -15.60 -41.26 41.38
C ALA B 285 -15.04 -41.83 42.68
N LEU B 286 -14.76 -40.95 43.64
CA LEU B 286 -14.23 -41.41 44.93
C LEU B 286 -15.34 -41.67 45.93
N GLU B 287 -16.58 -41.45 45.49
CA GLU B 287 -17.75 -41.52 46.37
C GLU B 287 -17.55 -40.60 47.57
N LEU B 288 -17.26 -39.34 47.29
CA LEU B 288 -17.08 -38.31 48.30
C LEU B 288 -17.91 -37.09 47.91
N THR B 289 -19.09 -37.35 47.38
CA THR B 289 -19.96 -36.30 46.87
C THR B 289 -20.37 -35.28 47.94
N GLU B 290 -20.22 -35.65 49.21
CA GLU B 290 -20.56 -34.76 50.31
C GLU B 290 -19.60 -33.57 50.40
N LEU B 291 -18.42 -33.70 49.80
CA LEU B 291 -17.40 -32.67 49.89
C LEU B 291 -17.59 -31.55 48.86
N VAL B 292 -18.35 -31.80 47.81
CA VAL B 292 -18.51 -30.85 46.72
C VAL B 292 -19.06 -29.50 47.20
N ASN B 293 -20.10 -29.53 48.01
CA ASN B 293 -20.68 -28.30 48.53
C ASN B 293 -20.29 -28.04 50.00
N ASP B 294 -19.26 -28.76 50.47
CA ASP B 294 -18.73 -28.53 51.81
C ASP B 294 -18.08 -27.15 51.82
N PRO B 295 -18.37 -26.35 52.86
CA PRO B 295 -17.85 -24.98 52.94
C PRO B 295 -16.32 -24.88 52.97
N ARG B 296 -15.65 -26.00 53.19
CA ARG B 296 -14.18 -26.03 53.15
C ARG B 296 -13.66 -26.22 51.72
N PHE B 297 -14.45 -26.86 50.88
CA PHE B 297 -13.96 -27.31 49.57
C PHE B 297 -14.80 -26.87 48.37
N SER B 298 -15.73 -25.95 48.57
CA SER B 298 -16.70 -25.63 47.51
C SER B 298 -16.11 -24.88 46.31
N SER B 299 -15.06 -24.10 46.51
CA SER B 299 -14.41 -23.39 45.42
C SER B 299 -12.94 -23.77 45.34
N ASN B 300 -12.28 -23.41 44.25
CA ASN B 300 -10.86 -23.74 44.08
C ASN B 300 -9.97 -23.07 45.12
N ILE B 301 -10.18 -21.78 45.34
CA ILE B 301 -9.38 -21.02 46.30
C ILE B 301 -9.53 -21.57 47.73
N LEU B 302 -10.69 -22.12 48.03
CA LEU B 302 -10.93 -22.73 49.34
C LEU B 302 -10.20 -24.08 49.42
N ARG B 303 -10.22 -24.83 48.33
CA ARG B 303 -9.55 -26.12 48.28
C ARG B 303 -8.03 -25.97 48.37
N VAL B 304 -7.51 -24.90 47.79
CA VAL B 304 -6.09 -24.59 47.90
C VAL B 304 -5.74 -24.26 49.34
N GLN B 305 -6.56 -23.43 49.96
CA GLN B 305 -6.39 -23.02 51.35
C GLN B 305 -6.43 -24.22 52.29
N ASN B 306 -7.40 -25.10 52.08
CA ASN B 306 -7.60 -26.27 52.94
C ASN B 306 -7.13 -27.56 52.27
N GLN B 307 -6.03 -27.47 51.53
CA GLN B 307 -5.56 -28.61 50.73
C GLN B 307 -5.17 -29.81 51.59
N ALA B 308 -4.62 -29.55 52.77
CA ALA B 308 -4.12 -30.62 53.62
C ALA B 308 -5.24 -31.53 54.12
N ILE B 309 -6.31 -30.93 54.65
CA ILE B 309 -7.43 -31.71 55.13
C ILE B 309 -8.16 -32.40 53.97
N LEU B 310 -8.19 -31.74 52.82
CA LEU B 310 -8.81 -32.34 51.63
C LEU B 310 -8.04 -33.59 51.22
N LYS B 311 -6.72 -33.50 51.26
CA LYS B 311 -5.87 -34.61 50.90
C LYS B 311 -6.06 -35.79 51.85
N GLN B 312 -6.31 -35.47 53.12
CA GLN B 312 -6.56 -36.51 54.12
C GLN B 312 -7.81 -37.31 53.78
N TYR B 313 -8.86 -36.61 53.37
CA TYR B 313 -10.08 -37.24 52.88
C TYR B 313 -9.76 -38.14 51.69
N ILE B 314 -9.02 -37.59 50.73
CA ILE B 314 -8.76 -38.26 49.48
C ILE B 314 -7.95 -39.54 49.66
N GLU B 315 -6.85 -39.44 50.40
CA GLU B 315 -5.97 -40.60 50.58
C GLU B 315 -6.58 -41.69 51.47
N ARG B 316 -7.54 -41.32 52.31
CA ARG B 316 -8.25 -42.32 53.12
C ARG B 316 -9.13 -43.20 52.26
N THR B 317 -9.68 -42.62 51.19
CA THR B 317 -10.49 -43.37 50.24
C THR B 317 -9.61 -44.15 49.26
N LEU B 318 -8.54 -43.51 48.79
CA LEU B 318 -7.62 -44.13 47.83
C LEU B 318 -6.90 -45.36 48.38
N LYS B 319 -6.63 -45.35 49.69
CA LYS B 319 -5.87 -46.42 50.33
C LYS B 319 -6.59 -47.78 50.24
N THR B 320 -7.88 -47.76 49.88
CA THR B 320 -8.67 -48.98 49.86
C THR B 320 -8.65 -49.69 48.50
N GLN B 321 -7.97 -49.10 47.53
CA GLN B 321 -7.88 -49.70 46.20
C GLN B 321 -6.52 -49.50 45.54
N ALA B 322 -6.12 -50.47 44.71
CA ALA B 322 -4.87 -50.39 43.98
C ALA B 322 -4.93 -49.23 42.98
N ALA B 323 -3.77 -48.69 42.64
CA ALA B 323 -3.68 -47.54 41.74
C ALA B 323 -4.37 -47.77 40.41
N GLU B 324 -4.26 -48.99 39.88
CA GLU B 324 -4.82 -49.32 38.58
C GLU B 324 -6.34 -49.20 38.57
N VAL B 325 -6.97 -49.46 39.72
CA VAL B 325 -8.41 -49.30 39.85
C VAL B 325 -8.79 -47.83 39.74
N TRP B 326 -8.07 -46.97 40.45
CA TRP B 326 -8.37 -45.54 40.45
C TRP B 326 -8.09 -44.89 39.10
N LEU B 327 -7.05 -45.34 38.42
CA LEU B 327 -6.73 -44.82 37.09
C LEU B 327 -7.92 -45.00 36.16
N ALA B 328 -8.60 -46.14 36.28
CA ALA B 328 -9.79 -46.41 35.49
C ALA B 328 -10.97 -45.54 35.94
N ARG B 329 -11.24 -45.54 37.24
CA ARG B 329 -12.42 -44.86 37.78
C ARG B 329 -12.36 -43.34 37.66
N ILE B 330 -11.17 -42.77 37.93
CA ILE B 330 -10.99 -41.32 37.85
C ILE B 330 -10.99 -40.83 36.41
N HIS B 331 -10.33 -41.57 35.53
CA HIS B 331 -10.31 -41.23 34.11
C HIS B 331 -11.71 -41.32 33.50
N GLU B 332 -12.48 -42.31 33.97
CA GLU B 332 -13.84 -42.52 33.47
C GLU B 332 -14.72 -41.28 33.62
N VAL B 333 -14.55 -40.54 34.72
CA VAL B 333 -15.32 -39.32 34.93
C VAL B 333 -14.65 -38.09 34.31
N GLY B 334 -13.53 -38.31 33.63
CA GLY B 334 -12.90 -37.24 32.86
C GLY B 334 -11.94 -36.34 33.61
N VAL B 335 -11.40 -36.83 34.72
CA VAL B 335 -10.45 -36.07 35.52
C VAL B 335 -9.02 -36.47 35.17
N PRO B 336 -8.15 -35.48 34.89
CA PRO B 336 -6.75 -35.75 34.59
C PRO B 336 -6.07 -36.52 35.72
N VAL B 337 -5.45 -37.65 35.37
CA VAL B 337 -4.85 -38.54 36.35
C VAL B 337 -3.78 -39.40 35.66
N ALA B 338 -2.73 -39.79 36.40
CA ALA B 338 -1.63 -40.56 35.84
C ALA B 338 -0.82 -41.26 36.91
N PRO B 339 -0.25 -42.43 36.59
CA PRO B 339 0.60 -43.13 37.55
C PRO B 339 1.97 -42.48 37.62
N LEU B 340 2.69 -42.72 38.71
CA LEU B 340 4.11 -42.35 38.75
C LEU B 340 4.93 -43.52 38.22
N LEU B 341 5.59 -43.29 37.09
CA LEU B 341 6.34 -44.35 36.43
C LEU B 341 7.84 -44.18 36.63
N SER B 342 8.57 -45.29 36.60
CA SER B 342 10.01 -45.24 36.61
C SER B 342 10.50 -44.97 35.19
N VAL B 343 11.79 -44.67 35.05
CA VAL B 343 12.39 -44.45 33.74
C VAL B 343 12.19 -45.68 32.85
N ALA B 344 12.38 -46.85 33.45
CA ALA B 344 12.19 -48.12 32.75
C ALA B 344 10.79 -48.24 32.15
N GLU B 345 9.77 -47.95 32.94
CA GLU B 345 8.39 -48.02 32.49
C GLU B 345 8.10 -46.98 31.42
N ALA B 346 8.66 -45.78 31.61
CA ALA B 346 8.43 -44.67 30.70
C ALA B 346 8.90 -44.95 29.28
N ILE B 347 10.09 -45.54 29.15
CA ILE B 347 10.65 -45.80 27.83
C ILE B 347 10.02 -47.00 27.14
N LYS B 348 9.23 -47.77 27.88
CA LYS B 348 8.56 -48.95 27.33
C LYS B 348 7.13 -48.66 26.88
N LEU B 349 6.66 -47.45 27.17
CA LEU B 349 5.33 -47.02 26.75
C LEU B 349 5.24 -47.02 25.23
N PRO B 350 4.07 -47.42 24.69
CA PRO B 350 3.82 -47.36 23.25
C PRO B 350 4.02 -45.95 22.68
N GLN B 351 3.76 -44.93 23.50
CA GLN B 351 3.96 -43.54 23.07
C GLN B 351 5.41 -43.23 22.76
N THR B 352 6.32 -43.75 23.59
CA THR B 352 7.75 -43.57 23.37
C THR B 352 8.16 -44.10 22.00
N GLN B 353 7.71 -45.31 21.70
CA GLN B 353 8.04 -45.95 20.42
C GLN B 353 7.37 -45.23 19.26
N ALA B 354 6.18 -44.71 19.50
CA ALA B 354 5.45 -43.95 18.48
C ALA B 354 6.17 -42.66 18.13
N ARG B 355 6.91 -42.12 19.10
CA ARG B 355 7.63 -40.86 18.89
C ARG B 355 9.10 -41.08 18.57
N ASN B 356 9.49 -42.34 18.40
CA ASN B 356 10.89 -42.69 18.14
C ASN B 356 11.84 -42.04 19.12
N MET B 357 11.48 -42.05 20.40
CA MET B 357 12.30 -41.42 21.43
C MET B 357 13.31 -42.41 22.03
N LEU B 358 13.24 -43.65 21.57
CA LEU B 358 14.29 -44.61 21.89
C LEU B 358 14.85 -45.17 20.59
N ILE B 359 16.06 -44.73 20.24
CA ILE B 359 16.70 -45.15 19.00
C ILE B 359 17.78 -46.19 19.27
N GLU B 360 18.27 -46.81 18.20
CA GLU B 360 19.39 -47.72 18.29
C GLU B 360 20.57 -47.15 17.52
N ALA B 361 21.62 -46.80 18.23
CA ALA B 361 22.83 -46.25 17.62
C ALA B 361 24.05 -47.04 18.06
N GLY B 362 24.74 -47.65 17.10
CA GLY B 362 25.87 -48.51 17.40
C GLY B 362 25.43 -49.73 18.19
N GLY B 363 24.21 -50.18 17.90
CA GLY B 363 23.66 -51.34 18.57
C GLY B 363 23.26 -51.06 20.01
N ILE B 364 23.24 -49.79 20.38
CA ILE B 364 22.88 -49.37 21.73
C ILE B 364 21.57 -48.60 21.74
N MET B 365 20.69 -48.91 22.69
CA MET B 365 19.44 -48.18 22.84
C MET B 365 19.67 -46.90 23.62
N MET B 366 19.24 -45.77 23.04
CA MET B 366 19.47 -44.46 23.66
C MET B 366 18.37 -43.48 23.25
N PRO B 367 18.21 -42.38 24.02
CA PRO B 367 17.12 -41.43 23.75
C PRO B 367 17.21 -40.76 22.38
N GLY B 368 16.06 -40.56 21.75
CA GLY B 368 16.00 -39.97 20.42
C GLY B 368 15.95 -38.45 20.43
N ASN B 369 15.58 -37.89 19.28
CA ASN B 369 15.51 -36.44 19.11
C ASN B 369 14.08 -35.93 19.25
N PRO B 370 13.82 -35.15 20.31
CA PRO B 370 12.47 -34.66 20.58
C PRO B 370 12.01 -33.57 19.62
N ILE B 371 12.95 -32.97 18.88
CA ILE B 371 12.60 -32.00 17.86
C ILE B 371 12.14 -32.70 16.58
N LYS B 372 10.84 -32.68 16.33
CA LYS B 372 10.27 -33.33 15.16
C LYS B 372 9.89 -32.28 14.12
N ILE B 373 10.47 -32.40 12.92
CA ILE B 373 10.20 -31.46 11.84
C ILE B 373 9.80 -32.21 10.57
N SER B 374 8.61 -31.93 10.06
CA SER B 374 8.12 -32.58 8.85
C SER B 374 9.09 -32.37 7.69
N GLY B 375 9.28 -33.42 6.89
CA GLY B 375 10.20 -33.36 5.77
C GLY B 375 11.62 -33.63 6.18
N CYS B 376 11.82 -33.95 7.45
CA CYS B 376 13.13 -34.32 7.96
C CYS B 376 13.10 -35.74 8.51
N ALA B 377 13.96 -36.60 7.98
CA ALA B 377 14.01 -37.99 8.39
C ALA B 377 14.30 -38.12 9.89
N ASP B 378 13.75 -39.18 10.48
CA ASP B 378 13.97 -39.45 11.90
C ASP B 378 14.13 -40.95 12.09
N PRO B 379 15.27 -41.50 11.62
CA PRO B 379 15.51 -42.95 11.61
C PRO B 379 15.56 -43.54 13.02
N HIS B 380 15.10 -44.78 13.16
CA HIS B 380 15.19 -45.48 14.43
C HIS B 380 16.61 -46.03 14.61
N VAL B 381 17.25 -46.35 13.49
CA VAL B 381 18.63 -46.85 13.51
C VAL B 381 19.59 -45.77 13.04
N MET B 382 20.59 -45.47 13.85
CA MET B 382 21.51 -44.37 13.58
C MET B 382 22.97 -44.82 13.68
N PRO B 383 23.88 -44.08 13.01
CA PRO B 383 25.31 -44.34 13.15
C PRO B 383 25.74 -44.19 14.60
N GLY B 384 26.56 -45.12 15.08
CA GLY B 384 26.97 -45.14 16.47
C GLY B 384 28.07 -44.15 16.80
N ALA B 385 28.47 -44.14 18.06
CA ALA B 385 29.53 -43.25 18.51
C ALA B 385 30.88 -43.74 18.02
N ALA B 386 31.82 -42.82 17.84
CA ALA B 386 33.14 -43.17 17.36
C ALA B 386 34.05 -43.61 18.51
N THR B 387 34.97 -44.52 18.21
CA THR B 387 36.03 -44.84 19.14
C THR B 387 37.04 -43.71 19.12
N LEU B 388 37.94 -43.69 20.09
CA LEU B 388 38.90 -42.59 20.23
C LEU B 388 39.81 -42.47 19.00
N ASP B 389 39.83 -41.27 18.41
CA ASP B 389 40.64 -40.98 17.22
C ASP B 389 40.32 -41.89 16.04
N GLN B 390 39.07 -42.37 15.97
CA GLN B 390 38.67 -43.31 14.94
C GLN B 390 38.86 -42.77 13.52
N HIS B 391 38.59 -41.49 13.33
CA HIS B 391 38.66 -40.88 12.01
C HIS B 391 39.87 -39.98 11.86
N GLY B 392 40.80 -40.10 12.81
CA GLY B 392 41.97 -39.24 12.85
C GLY B 392 42.86 -39.26 11.62
N GLU B 393 43.10 -40.46 11.08
CA GLU B 393 43.92 -40.58 9.89
C GLU B 393 43.34 -39.81 8.70
N GLN B 394 42.09 -40.10 8.36
CA GLN B 394 41.46 -39.47 7.20
C GLN B 394 41.20 -37.98 7.40
N ILE B 395 40.90 -37.58 8.63
CA ILE B 395 40.64 -36.18 8.93
C ILE B 395 41.92 -35.33 8.83
N ARG B 396 43.03 -35.87 9.35
CA ARG B 396 44.32 -35.19 9.25
C ARG B 396 44.74 -34.97 7.80
N GLN B 397 44.46 -35.96 6.95
CA GLN B 397 44.70 -35.83 5.52
C GLN B 397 43.83 -34.72 4.93
N GLU B 398 42.57 -34.74 5.32
CA GLU B 398 41.56 -33.83 4.77
C GLU B 398 41.92 -32.37 5.00
N PHE B 399 42.48 -32.06 6.17
CA PHE B 399 42.73 -30.67 6.54
C PHE B 399 44.21 -30.29 6.65
N SER B 400 45.08 -31.12 6.08
CA SER B 400 46.51 -30.79 6.02
C SER B 400 46.81 -29.93 4.80
N SER B 401 47.54 -28.85 5.02
CA SER B 401 48.02 -27.99 3.94
C SER B 401 49.01 -26.97 4.47
N LYS C 27 -49.84 9.85 -2.71
CA LYS C 27 -50.93 10.78 -2.40
C LYS C 27 -50.38 12.11 -1.87
N GLY C 28 -49.07 12.25 -1.87
CA GLY C 28 -48.42 13.49 -1.49
C GLY C 28 -47.89 13.49 -0.07
N PRO C 29 -46.60 13.82 0.10
CA PRO C 29 -45.95 13.90 1.40
C PRO C 29 -46.44 15.05 2.28
N PHE C 30 -47.29 15.93 1.76
CA PHE C 30 -47.77 17.08 2.53
C PHE C 30 -49.24 16.98 2.90
N GLU C 31 -49.81 15.78 2.71
CA GLU C 31 -51.18 15.51 3.13
C GLU C 31 -51.31 15.80 4.63
N GLY C 32 -52.32 16.59 4.98
CA GLY C 32 -52.55 16.96 6.36
C GLY C 32 -52.08 18.37 6.67
N LEU C 33 -51.23 18.92 5.82
CA LEU C 33 -50.72 20.27 6.02
C LEU C 33 -51.74 21.31 5.56
N LEU C 34 -51.81 22.42 6.29
CA LEU C 34 -52.70 23.51 5.93
C LEU C 34 -51.88 24.75 5.59
N VAL C 35 -52.05 25.24 4.37
CA VAL C 35 -51.35 26.43 3.93
C VAL C 35 -52.32 27.58 3.70
N ILE C 36 -52.14 28.67 4.43
CA ILE C 36 -52.92 29.87 4.21
C ILE C 36 -52.15 30.72 3.22
N ASP C 37 -52.74 30.90 2.03
CA ASP C 37 -52.03 31.43 0.88
C ASP C 37 -52.55 32.79 0.44
N MET C 38 -51.74 33.82 0.66
CA MET C 38 -52.10 35.17 0.24
C MET C 38 -51.32 35.61 -0.99
N THR C 39 -50.55 34.70 -1.57
CA THR C 39 -49.73 35.04 -2.72
C THR C 39 -50.56 35.40 -3.95
N HIS C 40 -49.96 36.19 -4.84
CA HIS C 40 -50.63 36.61 -6.06
C HIS C 40 -49.61 36.80 -7.18
N VAL C 41 -50.10 37.04 -8.40
CA VAL C 41 -49.28 37.09 -9.61
C VAL C 41 -48.60 35.73 -9.86
N LEU C 42 -47.28 35.72 -10.08
CA LEU C 42 -46.59 34.49 -10.46
C LEU C 42 -45.61 33.98 -9.41
N ASN C 43 -44.83 34.89 -8.84
CA ASN C 43 -43.79 34.57 -7.87
C ASN C 43 -44.26 33.63 -6.77
N GLY C 44 -45.04 34.16 -5.84
CA GLY C 44 -45.59 33.36 -4.75
C GLY C 44 -46.45 32.16 -5.13
N PRO C 45 -47.45 32.36 -6.01
CA PRO C 45 -48.36 31.25 -6.33
C PRO C 45 -47.71 30.05 -7.02
N PHE C 46 -46.62 30.27 -7.77
CA PHE C 46 -45.93 29.17 -8.42
C PHE C 46 -45.38 28.22 -7.36
N GLY C 47 -44.86 28.79 -6.29
CA GLY C 47 -44.31 28.01 -5.20
C GLY C 47 -45.37 27.27 -4.41
N THR C 48 -46.50 27.92 -4.16
CA THR C 48 -47.57 27.28 -3.40
C THR C 48 -48.30 26.23 -4.23
N GLN C 49 -48.20 26.33 -5.55
CA GLN C 49 -48.78 25.32 -6.43
C GLN C 49 -48.09 23.97 -6.22
N LEU C 50 -46.77 24.02 -6.01
CA LEU C 50 -45.99 22.82 -5.79
C LEU C 50 -46.37 22.14 -4.47
N LEU C 51 -46.67 22.94 -3.45
CA LEU C 51 -47.16 22.39 -2.18
C LEU C 51 -48.48 21.68 -2.40
N CYS C 52 -49.35 22.31 -3.21
CA CYS C 52 -50.67 21.76 -3.49
C CYS C 52 -50.59 20.46 -4.27
N ASN C 53 -49.72 20.43 -5.27
CA ASN C 53 -49.51 19.23 -6.10
C ASN C 53 -49.15 18.01 -5.27
N MET C 54 -48.53 18.25 -4.12
CA MET C 54 -47.97 17.18 -3.32
C MET C 54 -48.69 16.99 -1.98
N GLY C 55 -49.99 17.25 -1.96
CA GLY C 55 -50.83 16.87 -0.83
C GLY C 55 -51.35 17.97 0.08
N ALA C 56 -50.67 19.12 0.10
CA ALA C 56 -51.01 20.18 1.03
C ALA C 56 -52.35 20.83 0.74
N ARG C 57 -53.12 21.13 1.78
CA ARG C 57 -54.34 21.90 1.61
C ARG C 57 -53.95 23.38 1.52
N VAL C 58 -54.29 23.98 0.39
CA VAL C 58 -53.94 25.37 0.17
C VAL C 58 -55.19 26.23 0.01
N ILE C 59 -55.40 27.12 0.97
CA ILE C 59 -56.53 28.05 0.90
C ILE C 59 -56.03 29.40 0.42
N LYS C 60 -56.42 29.79 -0.79
CA LYS C 60 -56.09 31.12 -1.30
C LYS C 60 -56.96 32.16 -0.63
N VAL C 61 -56.32 33.08 0.09
CA VAL C 61 -57.02 34.24 0.63
C VAL C 61 -56.84 35.41 -0.31
N GLU C 62 -57.90 35.79 -1.00
CA GLU C 62 -57.84 36.86 -2.00
C GLU C 62 -58.51 38.12 -1.47
N PRO C 63 -58.04 39.30 -1.93
CA PRO C 63 -58.60 40.57 -1.49
C PRO C 63 -59.91 40.91 -2.18
N PRO C 64 -60.69 41.83 -1.60
CA PRO C 64 -61.88 42.38 -2.25
C PRO C 64 -61.51 43.04 -3.56
N GLY C 65 -62.45 43.12 -4.49
CA GLY C 65 -62.16 43.57 -5.85
C GLY C 65 -62.13 42.39 -6.78
N HIS C 66 -61.16 42.36 -7.68
CA HIS C 66 -61.02 41.24 -8.62
C HIS C 66 -60.22 40.09 -8.01
N GLY C 67 -59.65 40.31 -6.84
CA GLY C 67 -58.86 39.29 -6.16
C GLY C 67 -57.43 39.22 -6.69
N ASP C 68 -56.93 38.01 -6.84
CA ASP C 68 -55.60 37.79 -7.41
C ASP C 68 -55.53 38.43 -8.80
N ASP C 69 -54.46 39.20 -9.03
CA ASP C 69 -54.27 39.90 -10.28
C ASP C 69 -54.35 39.01 -11.53
N THR C 70 -53.91 37.76 -11.39
CA THR C 70 -53.87 36.85 -12.54
C THR C 70 -55.25 36.52 -13.09
N ARG C 71 -56.28 36.77 -12.30
CA ARG C 71 -57.65 36.63 -12.78
C ARG C 71 -57.93 37.65 -13.88
N THR C 72 -57.11 38.70 -13.95
CA THR C 72 -57.24 39.72 -14.99
C THR C 72 -56.11 39.64 -16.02
N PHE C 73 -55.44 38.49 -16.07
CA PHE C 73 -54.32 38.28 -16.99
C PHE C 73 -54.71 37.44 -18.21
N GLY C 74 -54.23 37.85 -19.38
CA GLY C 74 -54.35 37.03 -20.56
C GLY C 74 -53.32 35.90 -20.46
N PRO C 75 -53.50 34.85 -21.27
CA PRO C 75 -54.57 34.71 -22.25
C PRO C 75 -55.86 34.20 -21.62
N TYR C 76 -56.97 34.31 -22.34
CA TYR C 76 -58.26 33.89 -21.82
C TYR C 76 -58.83 32.71 -22.60
N VAL C 77 -59.47 31.80 -21.87
CA VAL C 77 -60.23 30.71 -22.47
C VAL C 77 -61.58 30.64 -21.77
N ASP C 78 -62.64 30.94 -22.50
CA ASP C 78 -63.99 31.01 -21.95
C ASP C 78 -64.13 32.08 -20.88
N GLY C 79 -63.39 33.18 -21.03
CA GLY C 79 -63.43 34.28 -20.08
C GLY C 79 -62.60 34.05 -18.85
N GLN C 80 -62.24 32.79 -18.60
CA GLN C 80 -61.41 32.42 -17.46
C GLN C 80 -59.94 32.52 -17.82
N SER C 81 -59.19 33.29 -17.03
CA SER C 81 -57.77 33.48 -17.27
C SER C 81 -56.99 32.17 -17.21
N LEU C 82 -56.34 31.83 -18.32
CA LEU C 82 -55.45 30.68 -18.35
C LEU C 82 -54.31 30.86 -17.37
N TYR C 83 -53.89 32.12 -17.20
CA TYR C 83 -52.81 32.45 -16.28
C TYR C 83 -53.17 32.02 -14.87
N TYR C 84 -54.40 32.33 -14.46
CA TYR C 84 -54.84 31.95 -13.13
C TYR C 84 -54.88 30.42 -12.97
N SER C 85 -55.52 29.75 -13.92
CA SER C 85 -55.74 28.31 -13.85
C SER C 85 -54.45 27.52 -13.76
N PHE C 86 -53.46 27.92 -14.55
CA PHE C 86 -52.17 27.22 -14.63
C PHE C 86 -51.47 27.09 -13.29
N ILE C 87 -51.49 28.15 -12.48
CA ILE C 87 -50.71 28.17 -11.24
C ILE C 87 -51.58 28.28 -10.00
N ASN C 88 -52.86 27.91 -10.12
CA ASN C 88 -53.77 27.91 -8.97
C ASN C 88 -54.76 26.75 -8.98
N HIS C 89 -54.53 25.76 -9.83
CA HIS C 89 -55.43 24.62 -9.88
C HIS C 89 -55.39 23.80 -8.59
N GLY C 90 -56.56 23.53 -8.04
CA GLY C 90 -56.65 22.75 -6.81
C GLY C 90 -56.59 23.59 -5.54
N LYS C 91 -56.38 24.89 -5.69
CA LYS C 91 -56.38 25.78 -4.54
C LYS C 91 -57.80 26.27 -4.27
N GLU C 92 -58.22 26.19 -3.01
CA GLU C 92 -59.51 26.72 -2.61
C GLU C 92 -59.41 28.24 -2.60
N SER C 93 -60.53 28.93 -2.76
CA SER C 93 -60.53 30.39 -2.79
C SER C 93 -61.57 31.01 -1.85
N VAL C 94 -61.10 31.95 -1.02
CA VAL C 94 -61.98 32.72 -0.16
C VAL C 94 -61.53 34.18 -0.15
N VAL C 95 -62.50 35.09 -0.25
CA VAL C 95 -62.18 36.51 -0.18
C VAL C 95 -62.28 37.01 1.26
N LEU C 96 -61.19 37.57 1.77
CA LEU C 96 -61.16 38.14 3.11
C LEU C 96 -60.64 39.56 3.07
N ASP C 97 -61.27 40.43 3.85
CA ASP C 97 -60.83 41.81 3.98
C ASP C 97 -60.19 42.00 5.35
N LEU C 98 -58.87 41.99 5.39
CA LEU C 98 -58.13 42.06 6.65
C LEU C 98 -58.28 43.39 7.37
N LYS C 99 -58.93 44.35 6.71
CA LYS C 99 -59.23 45.64 7.34
C LYS C 99 -60.52 45.55 8.13
N ASN C 100 -61.34 44.54 7.81
CA ASN C 100 -62.58 44.29 8.52
C ASN C 100 -62.35 43.38 9.73
N ASP C 101 -62.75 43.86 10.91
CA ASP C 101 -62.51 43.17 12.17
C ASP C 101 -63.06 41.74 12.20
N HIS C 102 -64.24 41.54 11.61
CA HIS C 102 -64.83 40.21 11.54
C HIS C 102 -63.94 39.25 10.76
N ASP C 103 -63.60 39.65 9.53
CA ASP C 103 -62.76 38.83 8.67
C ASP C 103 -61.37 38.58 9.26
N LYS C 104 -60.81 39.61 9.90
CA LYS C 104 -59.49 39.52 10.52
C LYS C 104 -59.49 38.44 11.60
N SER C 105 -60.62 38.31 12.30
CA SER C 105 -60.79 37.28 13.32
C SER C 105 -60.79 35.89 12.70
N ILE C 106 -61.48 35.74 11.57
CA ILE C 106 -61.48 34.49 10.83
C ILE C 106 -60.07 34.13 10.38
N PHE C 107 -59.35 35.14 9.89
CA PHE C 107 -57.97 34.98 9.42
C PHE C 107 -57.06 34.48 10.54
N ILE C 108 -57.21 35.06 11.73
CA ILE C 108 -56.39 34.68 12.87
C ILE C 108 -56.66 33.24 13.29
N ASN C 109 -57.93 32.84 13.27
CA ASN C 109 -58.30 31.46 13.54
C ASN C 109 -57.68 30.49 12.52
N MET C 110 -57.50 30.98 11.29
CA MET C 110 -56.84 30.19 10.26
C MET C 110 -55.38 30.00 10.60
N LEU C 111 -54.72 31.08 11.01
CA LEU C 111 -53.30 31.04 11.33
C LEU C 111 -53.00 30.08 12.48
N LYS C 112 -53.91 29.99 13.43
CA LYS C 112 -53.72 29.11 14.59
C LYS C 112 -53.82 27.63 14.26
N GLN C 113 -54.46 27.31 13.13
CA GLN C 113 -54.56 25.92 12.69
C GLN C 113 -53.59 25.63 11.55
N ALA C 114 -52.99 26.69 11.00
CA ALA C 114 -52.15 26.58 9.81
C ALA C 114 -50.73 26.14 10.08
N ASP C 115 -50.12 25.52 9.08
CA ASP C 115 -48.71 25.17 9.14
C ASP C 115 -47.87 26.21 8.44
N VAL C 116 -48.40 26.76 7.35
CA VAL C 116 -47.69 27.76 6.55
C VAL C 116 -48.57 28.96 6.22
N LEU C 117 -48.01 30.16 6.38
CA LEU C 117 -48.61 31.37 5.82
C LEU C 117 -47.68 31.92 4.76
N ALA C 118 -48.15 31.99 3.52
CA ALA C 118 -47.32 32.44 2.41
C ALA C 118 -47.84 33.74 1.81
N GLU C 119 -46.92 34.64 1.45
CA GLU C 119 -47.30 35.89 0.83
C GLU C 119 -46.18 36.44 -0.03
N ASN C 120 -46.52 37.12 -1.12
CA ASN C 120 -45.53 37.84 -1.90
C ASN C 120 -45.94 39.29 -2.16
N PHE C 121 -46.41 39.94 -1.11
CA PHE C 121 -46.65 41.37 -1.15
C PHE C 121 -45.31 42.10 -1.13
N ARG C 122 -45.34 43.40 -1.39
CA ARG C 122 -44.18 44.23 -1.14
C ARG C 122 -43.83 44.12 0.34
N PRO C 123 -42.53 44.14 0.68
CA PRO C 123 -42.15 44.08 2.09
C PRO C 123 -42.81 45.19 2.90
N GLY C 124 -43.35 44.84 4.06
CA GLY C 124 -44.00 45.81 4.93
C GLY C 124 -45.51 45.71 4.92
N THR C 125 -46.07 45.21 3.83
CA THR C 125 -47.53 45.12 3.67
C THR C 125 -48.19 44.32 4.78
N MET C 126 -47.66 43.13 5.03
CA MET C 126 -48.21 42.25 6.07
C MET C 126 -48.19 42.90 7.45
N GLU C 127 -47.08 43.57 7.77
CA GLU C 127 -46.93 44.21 9.07
C GLU C 127 -47.94 45.34 9.27
N LYS C 128 -48.19 46.10 8.22
CA LYS C 128 -49.14 47.21 8.28
C LYS C 128 -50.58 46.71 8.43
N LEU C 129 -50.80 45.45 8.07
CA LEU C 129 -52.10 44.82 8.28
C LEU C 129 -52.16 44.23 9.69
N GLY C 130 -51.05 44.36 10.42
CA GLY C 130 -50.99 43.92 11.80
C GLY C 130 -50.37 42.54 11.98
N PHE C 131 -49.53 42.14 11.05
CA PHE C 131 -48.93 40.80 11.10
C PHE C 131 -47.44 40.76 10.79
N SER C 132 -46.65 41.41 11.65
CA SER C 132 -45.20 41.29 11.56
C SER C 132 -44.81 39.89 12.01
N TRP C 133 -43.58 39.49 11.72
CA TRP C 133 -43.09 38.17 12.07
C TRP C 133 -43.16 37.92 13.58
N GLU C 134 -42.87 38.95 14.36
CA GLU C 134 -42.96 38.85 15.82
C GLU C 134 -44.39 38.51 16.24
N THR C 135 -45.35 39.19 15.62
CA THR C 135 -46.76 38.99 15.92
C THR C 135 -47.23 37.60 15.52
N LEU C 136 -46.72 37.12 14.38
CA LEU C 136 -47.13 35.82 13.86
C LEU C 136 -46.67 34.68 14.77
N GLN C 137 -45.50 34.83 15.38
CA GLN C 137 -44.97 33.81 16.28
C GLN C 137 -45.81 33.72 17.55
N GLU C 138 -46.28 34.87 18.02
CA GLU C 138 -47.12 34.94 19.20
C GLU C 138 -48.48 34.30 18.94
N ILE C 139 -48.97 34.46 17.71
CA ILE C 139 -50.24 33.85 17.30
C ILE C 139 -50.10 32.33 17.18
N ASN C 140 -49.02 31.89 16.54
CA ASN C 140 -48.75 30.47 16.37
C ASN C 140 -47.24 30.20 16.30
N PRO C 141 -46.68 29.63 17.36
CA PRO C 141 -45.25 29.31 17.43
C PRO C 141 -44.82 28.25 16.41
N ARG C 142 -45.78 27.47 15.90
CA ARG C 142 -45.47 26.42 14.95
C ARG C 142 -45.63 26.86 13.49
N LEU C 143 -46.08 28.09 13.30
CA LEU C 143 -46.38 28.60 11.96
C LEU C 143 -45.14 28.95 11.14
N ILE C 144 -45.07 28.41 9.93
CA ILE C 144 -44.02 28.79 8.99
C ILE C 144 -44.49 30.00 8.19
N TYR C 145 -43.77 31.11 8.31
CA TYR C 145 -44.06 32.32 7.56
C TYR C 145 -43.12 32.45 6.38
N ALA C 146 -43.65 32.37 5.16
CA ALA C 146 -42.81 32.35 3.97
C ALA C 146 -43.15 33.50 3.04
N SER C 147 -42.20 34.40 2.83
CA SER C 147 -42.40 35.52 1.93
C SER C 147 -41.47 35.44 0.72
N SER C 148 -41.97 35.91 -0.40
CA SER C 148 -41.17 36.02 -1.61
C SER C 148 -41.33 37.43 -2.15
N SER C 149 -40.22 38.11 -2.38
CA SER C 149 -40.29 39.48 -2.89
C SER C 149 -39.12 39.77 -3.80
N GLY C 150 -39.18 40.92 -4.47
CA GLY C 150 -38.17 41.29 -5.44
C GLY C 150 -36.76 41.26 -4.89
N PHE C 151 -36.54 41.90 -3.74
CA PHE C 151 -35.21 41.98 -3.17
C PHE C 151 -35.14 41.43 -1.74
N GLY C 152 -36.23 40.83 -1.28
CA GLY C 152 -36.27 40.27 0.06
C GLY C 152 -36.73 41.28 1.08
N HIS C 153 -36.84 40.86 2.34
CA HIS C 153 -37.32 41.74 3.39
C HIS C 153 -36.20 42.56 4.03
N THR C 154 -34.98 42.41 3.53
CA THR C 154 -33.84 43.18 4.04
C THR C 154 -33.03 43.82 2.91
N GLY C 155 -32.15 44.76 3.27
CA GLY C 155 -31.27 45.38 2.29
C GLY C 155 -31.78 46.72 1.80
N PRO C 156 -30.89 47.50 1.15
CA PRO C 156 -31.18 48.85 0.66
C PRO C 156 -32.29 48.90 -0.39
N LEU C 157 -32.53 47.79 -1.09
CA LEU C 157 -33.49 47.78 -2.18
C LEU C 157 -34.79 47.04 -1.86
N LYS C 158 -35.06 46.81 -0.58
CA LYS C 158 -36.20 46.00 -0.19
C LYS C 158 -37.55 46.58 -0.62
N ASP C 159 -37.63 47.90 -0.75
CA ASP C 159 -38.89 48.55 -1.12
C ASP C 159 -38.93 49.04 -2.57
N ALA C 160 -37.89 48.74 -3.33
CA ALA C 160 -37.84 49.12 -4.74
C ALA C 160 -38.78 48.26 -5.56
N PRO C 161 -39.34 48.83 -6.64
CA PRO C 161 -40.21 48.04 -7.52
C PRO C 161 -39.39 46.91 -8.14
N ALA C 162 -40.01 45.76 -8.40
CA ALA C 162 -39.25 44.61 -8.86
C ALA C 162 -40.06 43.62 -9.68
N TYR C 163 -40.45 44.03 -10.89
CA TYR C 163 -41.05 43.10 -11.83
C TYR C 163 -39.98 42.10 -12.28
N ASP C 164 -40.41 41.04 -12.96
CA ASP C 164 -39.48 40.05 -13.46
C ASP C 164 -38.45 40.69 -14.39
N THR C 165 -38.91 41.58 -15.25
CA THR C 165 -38.05 42.24 -16.23
C THR C 165 -36.96 43.07 -15.53
N ILE C 166 -37.33 43.74 -14.45
CA ILE C 166 -36.38 44.55 -13.69
C ILE C 166 -35.30 43.69 -13.03
N ILE C 167 -35.70 42.57 -12.44
CA ILE C 167 -34.75 41.67 -11.80
C ILE C 167 -33.81 41.05 -12.83
N GLN C 168 -34.36 40.66 -13.99
CA GLN C 168 -33.55 40.11 -15.07
C GLN C 168 -32.51 41.12 -15.54
N ALA C 169 -32.90 42.39 -15.60
CA ALA C 169 -32.01 43.44 -16.04
C ALA C 169 -30.87 43.67 -15.05
N MET C 170 -31.22 43.76 -13.76
CA MET C 170 -30.23 44.07 -12.72
C MET C 170 -29.37 42.87 -12.30
N SER C 171 -29.80 41.67 -12.64
CA SER C 171 -29.10 40.46 -12.19
C SER C 171 -27.87 40.15 -13.04
N GLY C 172 -27.91 40.60 -14.29
CA GLY C 172 -26.82 40.35 -15.22
C GLY C 172 -27.21 39.39 -16.32
N ILE C 173 -28.31 38.68 -16.13
CA ILE C 173 -28.73 37.62 -17.06
C ILE C 173 -29.07 38.13 -18.46
N MET C 174 -29.61 39.34 -18.56
CA MET C 174 -29.92 39.93 -19.86
C MET C 174 -28.65 40.13 -20.68
N MET C 175 -27.60 40.58 -20.01
CA MET C 175 -26.33 40.84 -20.67
C MET C 175 -25.63 39.56 -21.10
N GLU C 176 -26.01 38.43 -20.50
CA GLU C 176 -25.42 37.14 -20.84
C GLU C 176 -26.21 36.44 -21.95
N THR C 177 -27.34 37.03 -22.34
CA THR C 177 -28.25 36.37 -23.26
C THR C 177 -28.31 37.05 -24.63
N GLY C 178 -28.32 36.23 -25.67
CA GLY C 178 -28.39 36.71 -27.04
C GLY C 178 -27.14 36.36 -27.81
N TYR C 179 -27.06 36.83 -29.06
CA TYR C 179 -25.85 36.65 -29.84
C TYR C 179 -24.81 37.68 -29.43
N PRO C 180 -23.53 37.29 -29.44
CA PRO C 180 -22.42 38.09 -28.89
C PRO C 180 -22.36 39.55 -29.33
N ASP C 181 -22.83 39.86 -30.54
CA ASP C 181 -22.82 41.24 -31.02
C ASP C 181 -24.20 41.88 -30.95
N ALA C 182 -25.24 41.05 -30.87
CA ALA C 182 -26.62 41.52 -30.72
C ALA C 182 -26.80 42.21 -29.39
N PRO C 183 -27.85 43.04 -29.26
CA PRO C 183 -28.12 43.71 -27.98
C PRO C 183 -28.55 42.73 -26.88
N PRO C 184 -28.48 43.16 -25.61
CA PRO C 184 -28.89 42.30 -24.49
C PRO C 184 -30.38 41.99 -24.59
N VAL C 185 -30.79 40.79 -24.15
CA VAL C 185 -32.20 40.44 -24.21
C VAL C 185 -32.66 39.58 -23.02
N ARG C 186 -33.91 39.77 -22.65
CA ARG C 186 -34.58 39.00 -21.62
C ARG C 186 -34.60 37.51 -21.99
N VAL C 187 -34.51 36.65 -20.99
CA VAL C 187 -34.72 35.22 -21.17
C VAL C 187 -36.17 34.97 -21.60
N GLY C 188 -36.38 33.97 -22.45
CA GLY C 188 -37.69 33.71 -23.01
C GLY C 188 -38.82 33.33 -22.06
N THR C 189 -38.68 33.65 -20.78
CA THR C 189 -39.73 33.42 -19.79
C THR C 189 -39.50 34.27 -18.55
N SER C 190 -40.45 34.23 -17.61
CA SER C 190 -40.34 35.00 -16.38
C SER C 190 -39.42 34.31 -15.38
N LEU C 191 -38.13 34.30 -15.70
CA LEU C 191 -37.13 33.57 -14.94
C LEU C 191 -37.01 33.99 -13.48
N ALA C 192 -37.02 35.29 -13.23
CA ALA C 192 -36.87 35.81 -11.86
C ALA C 192 -38.03 35.38 -10.97
N ASP C 193 -39.25 35.48 -11.50
CA ASP C 193 -40.44 35.06 -10.78
C ASP C 193 -40.40 33.56 -10.49
N LEU C 194 -39.96 32.79 -11.48
CA LEU C 194 -39.94 31.34 -11.38
C LEU C 194 -38.82 30.84 -10.47
N CYS C 195 -37.70 31.55 -10.46
CA CYS C 195 -36.61 31.22 -9.56
C CYS C 195 -37.01 31.51 -8.12
N GLY C 196 -37.71 32.62 -7.91
CA GLY C 196 -38.21 32.96 -6.60
C GLY C 196 -39.20 31.92 -6.12
N GLY C 197 -40.08 31.49 -7.01
CA GLY C 197 -41.11 30.52 -6.69
C GLY C 197 -40.57 29.18 -6.24
N VAL C 198 -39.68 28.60 -7.03
CA VAL C 198 -39.12 27.28 -6.68
C VAL C 198 -38.23 27.35 -5.44
N TYR C 199 -37.56 28.48 -5.25
CA TYR C 199 -36.80 28.68 -4.02
C TYR C 199 -37.73 28.90 -2.83
N LEU C 200 -38.89 29.51 -3.08
CA LEU C 200 -39.91 29.66 -2.04
C LEU C 200 -40.44 28.31 -1.61
N PHE C 201 -40.77 27.45 -2.58
CA PHE C 201 -41.22 26.09 -2.28
C PHE C 201 -40.17 25.30 -1.50
N SER C 202 -38.93 25.35 -1.97
CA SER C 202 -37.87 24.59 -1.32
C SER C 202 -37.49 25.16 0.05
N GLY C 203 -37.69 26.46 0.24
CA GLY C 203 -37.46 27.07 1.54
C GLY C 203 -38.54 26.69 2.53
N ILE C 204 -39.76 26.49 2.03
CA ILE C 204 -40.88 26.08 2.87
C ILE C 204 -40.72 24.64 3.36
N VAL C 205 -40.40 23.75 2.42
CA VAL C 205 -40.25 22.33 2.76
C VAL C 205 -39.04 22.08 3.66
N SER C 206 -38.01 22.91 3.51
CA SER C 206 -36.86 22.84 4.39
C SER C 206 -37.26 23.23 5.81
N ALA C 207 -38.05 24.29 5.92
CA ALA C 207 -38.53 24.76 7.20
C ALA C 207 -39.44 23.72 7.84
N LEU C 208 -40.25 23.07 7.01
CA LEU C 208 -41.15 22.01 7.48
C LEU C 208 -40.36 20.80 7.99
N TYR C 209 -39.22 20.52 7.38
CA TYR C 209 -38.39 19.42 7.87
C TYR C 209 -37.77 19.78 9.20
N GLY C 210 -37.20 20.98 9.29
CA GLY C 210 -36.58 21.45 10.50
C GLY C 210 -37.54 21.50 11.68
N ARG C 211 -38.80 21.84 11.38
CA ARG C 211 -39.81 22.00 12.42
C ARG C 211 -40.13 20.69 13.15
N GLU C 212 -40.01 19.57 12.46
CA GLU C 212 -40.31 18.27 13.06
C GLU C 212 -39.53 18.04 14.36
N LYS C 213 -38.25 18.40 14.35
CA LYS C 213 -37.42 18.27 15.54
C LYS C 213 -37.63 19.45 16.50
N SER C 214 -37.62 20.66 15.95
CA SER C 214 -37.62 21.87 16.78
C SER C 214 -39.01 22.27 17.30
N GLN C 215 -40.05 21.88 16.57
CA GLN C 215 -41.42 22.27 16.89
C GLN C 215 -41.62 23.79 16.90
N ARG C 216 -40.81 24.50 16.14
CA ARG C 216 -40.99 25.93 15.94
C ARG C 216 -41.04 26.25 14.45
N GLY C 217 -41.87 27.22 14.09
CA GLY C 217 -41.88 27.71 12.74
C GLY C 217 -40.71 28.63 12.50
N ALA C 218 -40.59 29.16 11.30
CA ALA C 218 -39.53 30.11 10.98
C ALA C 218 -39.97 31.05 9.87
N HIS C 219 -39.18 32.09 9.62
CA HIS C 219 -39.47 32.99 8.52
C HIS C 219 -38.59 32.69 7.32
N VAL C 220 -39.20 32.15 6.27
CA VAL C 220 -38.51 31.93 5.01
C VAL C 220 -38.63 33.20 4.17
N ASP C 221 -37.50 33.81 3.86
CA ASP C 221 -37.47 35.12 3.21
C ASP C 221 -36.72 35.04 1.88
N ILE C 222 -37.47 34.81 0.81
CA ILE C 222 -36.89 34.61 -0.52
C ILE C 222 -36.92 35.88 -1.38
N ALA C 223 -35.78 36.17 -2.01
CA ALA C 223 -35.68 37.31 -2.92
C ALA C 223 -35.50 36.81 -4.34
N MET C 224 -36.27 37.37 -5.27
CA MET C 224 -36.15 37.06 -6.69
C MET C 224 -34.74 37.39 -7.17
N PHE C 225 -34.18 38.48 -6.64
CA PHE C 225 -32.84 38.93 -7.03
C PHE C 225 -31.78 37.92 -6.61
N ASP C 226 -31.83 37.49 -5.35
CA ASP C 226 -30.93 36.47 -4.83
C ASP C 226 -31.11 35.19 -5.62
N ALA C 227 -32.37 34.85 -5.86
CA ALA C 227 -32.71 33.63 -6.59
C ALA C 227 -32.07 33.61 -7.97
N THR C 228 -32.20 34.72 -8.68
CA THR C 228 -31.69 34.83 -10.03
C THR C 228 -30.16 34.85 -10.06
N LEU C 229 -29.55 35.53 -9.10
CA LEU C 229 -28.09 35.55 -8.98
C LEU C 229 -27.53 34.15 -8.89
N SER C 230 -28.24 33.26 -8.21
CA SER C 230 -27.78 31.89 -8.01
C SER C 230 -27.83 31.05 -9.28
N PHE C 231 -28.47 31.59 -10.31
CA PHE C 231 -28.58 30.88 -11.59
C PHE C 231 -27.62 31.42 -12.65
N LEU C 232 -26.68 32.26 -12.24
CA LEU C 232 -25.77 32.91 -13.20
C LEU C 232 -24.72 31.95 -13.76
N GLU C 233 -24.38 30.93 -12.98
CA GLU C 233 -23.47 29.86 -13.41
C GLU C 233 -22.16 30.38 -14.02
N HIS C 234 -21.98 30.18 -15.32
CA HIS C 234 -20.71 30.48 -15.98
C HIS C 234 -20.45 31.98 -16.10
N GLY C 235 -21.52 32.77 -16.20
CA GLY C 235 -21.40 34.21 -16.26
C GLY C 235 -20.65 34.75 -15.07
N LEU C 236 -20.90 34.17 -13.90
CA LEU C 236 -20.25 34.58 -12.67
C LEU C 236 -18.87 33.93 -12.54
N MET C 237 -18.79 32.63 -12.83
CA MET C 237 -17.53 31.89 -12.77
C MET C 237 -16.44 32.55 -13.61
N ALA C 238 -16.77 32.86 -14.86
CA ALA C 238 -15.81 33.43 -15.79
C ALA C 238 -15.37 34.83 -15.36
N TYR C 239 -16.30 35.64 -14.87
CA TYR C 239 -15.95 36.98 -14.41
C TYR C 239 -15.00 36.92 -13.22
N ILE C 240 -15.31 36.06 -12.26
CA ILE C 240 -14.51 35.89 -11.05
C ILE C 240 -13.05 35.54 -11.38
N ALA C 241 -12.85 34.80 -12.47
CA ALA C 241 -11.52 34.29 -12.79
C ALA C 241 -10.77 35.08 -13.87
N THR C 242 -11.44 36.03 -14.51
CA THR C 242 -10.81 36.82 -15.57
C THR C 242 -11.01 38.33 -15.43
N GLY C 243 -12.19 38.71 -14.95
CA GLY C 243 -12.50 40.13 -14.80
C GLY C 243 -13.33 40.65 -15.95
N LYS C 244 -13.56 39.81 -16.95
CA LYS C 244 -14.40 40.20 -18.08
C LYS C 244 -15.86 39.90 -17.80
N SER C 245 -16.72 40.85 -18.17
CA SER C 245 -18.17 40.69 -18.05
C SER C 245 -18.85 41.75 -18.90
N PRO C 246 -19.89 41.36 -19.67
CA PRO C 246 -20.50 40.02 -19.73
C PRO C 246 -19.71 39.05 -20.60
N GLN C 247 -20.14 37.80 -20.65
CA GLN C 247 -19.45 36.79 -21.45
C GLN C 247 -20.06 36.68 -22.85
N ARG C 248 -21.39 36.59 -22.92
CA ARG C 248 -22.13 36.53 -24.20
C ARG C 248 -21.60 35.46 -25.15
N LEU C 249 -21.85 34.19 -24.82
CA LEU C 249 -21.36 33.10 -25.65
C LEU C 249 -22.35 32.69 -26.72
N GLY C 250 -23.57 33.21 -26.62
CA GLY C 250 -24.63 32.81 -27.54
C GLY C 250 -25.04 31.37 -27.30
N ASN C 251 -25.07 30.59 -28.39
CA ASN C 251 -25.44 29.18 -28.31
C ASN C 251 -24.24 28.27 -28.04
N ARG C 252 -23.06 28.88 -27.94
CA ARG C 252 -21.81 28.14 -27.95
C ARG C 252 -21.33 27.76 -26.55
N HIS C 253 -20.83 26.53 -26.41
CA HIS C 253 -20.26 26.06 -25.15
C HIS C 253 -18.89 26.68 -24.94
N PRO C 254 -18.57 27.05 -23.69
CA PRO C 254 -17.26 27.64 -23.38
C PRO C 254 -16.09 26.66 -23.42
N TYR C 255 -16.26 25.41 -22.98
CA TYR C 255 -15.13 24.49 -22.86
C TYR C 255 -15.12 23.33 -23.86
N MET C 256 -16.08 23.29 -24.78
CA MET C 256 -16.15 22.21 -25.75
C MET C 256 -16.56 22.68 -27.15
N ALA C 257 -16.01 22.02 -28.17
CA ALA C 257 -16.32 22.34 -29.56
C ALA C 257 -16.07 21.15 -30.48
N PRO C 258 -16.93 20.95 -31.49
CA PRO C 258 -18.11 21.76 -31.78
C PRO C 258 -19.27 21.42 -30.85
N PHE C 259 -19.82 22.45 -30.22
CA PHE C 259 -20.86 22.29 -29.22
C PHE C 259 -21.65 23.58 -29.28
N ASP C 260 -22.66 23.61 -30.12
CA ASP C 260 -23.27 24.87 -30.55
C ASP C 260 -24.56 24.58 -31.30
N VAL C 261 -25.21 25.64 -31.78
CA VAL C 261 -26.37 25.50 -32.65
C VAL C 261 -25.95 25.82 -34.09
N PHE C 262 -26.33 24.95 -35.02
CA PHE C 262 -25.91 25.08 -36.40
C PHE C 262 -27.11 25.13 -37.35
N ASN C 263 -27.03 25.98 -38.35
CA ASN C 263 -28.05 26.05 -39.39
C ASN C 263 -27.91 24.93 -40.41
N THR C 264 -29.03 24.48 -40.96
CA THR C 264 -29.01 23.50 -42.04
C THR C 264 -29.64 24.12 -43.29
N GLN C 265 -30.25 23.31 -44.14
CA GLN C 265 -30.89 23.82 -45.33
C GLN C 265 -32.22 24.49 -45.00
N ASP C 266 -32.92 23.97 -44.00
CA ASP C 266 -34.20 24.55 -43.60
C ASP C 266 -34.22 25.15 -42.18
N LYS C 267 -33.98 24.34 -41.16
CA LYS C 267 -34.06 24.82 -39.78
C LYS C 267 -32.86 24.39 -38.93
N PRO C 268 -32.54 25.17 -37.88
CA PRO C 268 -31.31 24.92 -37.11
C PRO C 268 -31.39 23.69 -36.22
N ILE C 269 -30.23 23.09 -35.97
CA ILE C 269 -30.12 21.99 -35.02
C ILE C 269 -28.98 22.27 -34.06
N THR C 270 -28.93 21.51 -32.97
CA THR C 270 -27.80 21.61 -32.04
C THR C 270 -26.96 20.34 -32.08
N ILE C 271 -25.65 20.51 -32.25
CA ILE C 271 -24.73 19.39 -32.22
C ILE C 271 -23.82 19.54 -31.02
N CYS C 272 -23.85 18.55 -30.14
CA CYS C 272 -23.06 18.59 -28.91
C CYS C 272 -21.97 17.54 -28.95
N CYS C 273 -20.82 17.93 -29.51
CA CYS C 273 -19.73 17.02 -29.78
C CYS C 273 -18.61 17.26 -28.79
N GLY C 274 -18.62 16.50 -27.70
CA GLY C 274 -17.82 16.84 -26.52
C GLY C 274 -16.42 16.28 -26.38
N ASN C 275 -16.03 15.33 -27.22
CA ASN C 275 -14.67 14.79 -27.15
C ASN C 275 -14.07 14.41 -28.50
N ASP C 276 -12.80 14.02 -28.50
CA ASP C 276 -12.10 13.65 -29.73
C ASP C 276 -12.81 12.52 -30.47
N LYS C 277 -13.25 11.52 -29.73
CA LYS C 277 -13.95 10.37 -30.29
C LYS C 277 -15.17 10.80 -31.11
N LEU C 278 -16.01 11.62 -30.50
CA LEU C 278 -17.24 12.06 -31.15
C LEU C 278 -16.98 12.97 -32.35
N PHE C 279 -15.93 13.79 -32.27
CA PHE C 279 -15.58 14.67 -33.39
C PHE C 279 -15.19 13.89 -34.63
N SER C 280 -14.44 12.81 -34.42
CA SER C 280 -14.08 11.92 -35.52
C SER C 280 -15.34 11.32 -36.14
N ALA C 281 -16.26 10.89 -35.28
CA ALA C 281 -17.52 10.31 -35.73
C ALA C 281 -18.36 11.34 -36.49
N LEU C 282 -18.35 12.58 -36.01
CA LEU C 282 -19.10 13.65 -36.66
C LEU C 282 -18.58 13.94 -38.06
N CYS C 283 -17.26 14.03 -38.20
CA CYS C 283 -16.63 14.28 -39.49
C CYS C 283 -16.93 13.17 -40.47
N GLN C 284 -17.06 11.95 -39.96
CA GLN C 284 -17.45 10.81 -40.77
C GLN C 284 -18.84 11.04 -41.36
N ALA C 285 -19.76 11.49 -40.50
CA ALA C 285 -21.14 11.72 -40.90
C ALA C 285 -21.26 12.91 -41.86
N LEU C 286 -20.44 13.93 -41.65
CA LEU C 286 -20.49 15.12 -42.49
C LEU C 286 -19.58 15.00 -43.71
N GLU C 287 -18.88 13.88 -43.81
CA GLU C 287 -17.89 13.67 -44.86
C GLU C 287 -16.85 14.79 -44.86
N LEU C 288 -16.29 15.04 -43.68
CA LEU C 288 -15.25 16.02 -43.49
C LEU C 288 -14.08 15.37 -42.75
N THR C 289 -13.76 14.13 -43.14
CA THR C 289 -12.72 13.36 -42.47
C THR C 289 -11.34 13.98 -42.58
N GLU C 290 -11.18 14.97 -43.46
CA GLU C 290 -9.92 15.67 -43.59
C GLU C 290 -9.67 16.61 -42.40
N LEU C 291 -10.74 16.93 -41.68
CA LEU C 291 -10.64 17.86 -40.56
C LEU C 291 -10.18 17.20 -39.26
N VAL C 292 -10.36 15.89 -39.16
CA VAL C 292 -10.05 15.15 -37.93
C VAL C 292 -8.63 15.37 -37.42
N ASN C 293 -7.66 15.31 -38.33
CA ASN C 293 -6.27 15.51 -37.93
C ASN C 293 -5.71 16.86 -38.39
N ASP C 294 -6.60 17.73 -38.86
CA ASP C 294 -6.23 19.11 -39.19
C ASP C 294 -5.67 19.77 -37.94
N PRO C 295 -4.52 20.46 -38.08
CA PRO C 295 -3.81 21.10 -36.96
C PRO C 295 -4.64 22.13 -36.20
N ARG C 296 -5.76 22.56 -36.78
CA ARG C 296 -6.65 23.51 -36.12
C ARG C 296 -7.71 22.80 -35.28
N PHE C 297 -8.01 21.55 -35.63
CA PHE C 297 -9.17 20.86 -35.07
C PHE C 297 -8.84 19.53 -34.40
N SER C 298 -7.56 19.24 -34.20
CA SER C 298 -7.14 17.91 -33.77
C SER C 298 -7.45 17.58 -32.31
N SER C 299 -7.63 18.61 -31.49
CA SER C 299 -7.99 18.39 -30.09
C SER C 299 -9.19 19.25 -29.71
N ASN C 300 -9.77 19.00 -28.54
CA ASN C 300 -10.93 19.76 -28.11
C ASN C 300 -10.59 21.22 -27.82
N ILE C 301 -9.46 21.45 -27.15
CA ILE C 301 -9.04 22.82 -26.86
C ILE C 301 -8.74 23.60 -28.14
N LEU C 302 -8.18 22.91 -29.14
CA LEU C 302 -7.90 23.53 -30.43
C LEU C 302 -9.20 23.87 -31.15
N ARG C 303 -10.19 22.99 -31.01
CA ARG C 303 -11.49 23.22 -31.64
C ARG C 303 -12.23 24.37 -30.98
N VAL C 304 -12.09 24.51 -29.66
CA VAL C 304 -12.67 25.65 -28.95
C VAL C 304 -12.04 26.95 -29.42
N GLN C 305 -10.71 26.97 -29.52
CA GLN C 305 -9.99 28.15 -29.98
C GLN C 305 -10.36 28.51 -31.41
N ASN C 306 -10.51 27.50 -32.26
CA ASN C 306 -10.83 27.71 -33.67
C ASN C 306 -12.29 27.40 -34.02
N GLN C 307 -13.19 27.60 -33.06
CA GLN C 307 -14.58 27.19 -33.23
C GLN C 307 -15.27 27.90 -34.39
N ALA C 308 -14.90 29.15 -34.66
CA ALA C 308 -15.56 29.94 -35.68
C ALA C 308 -15.31 29.39 -37.09
N ILE C 309 -14.04 29.15 -37.42
CA ILE C 309 -13.70 28.62 -38.74
C ILE C 309 -14.18 27.18 -38.87
N LEU C 310 -14.20 26.45 -37.76
CA LEU C 310 -14.74 25.09 -37.77
C LEU C 310 -16.23 25.12 -38.06
N LYS C 311 -16.93 26.08 -37.47
CA LYS C 311 -18.36 26.23 -37.72
C LYS C 311 -18.62 26.52 -39.19
N GLN C 312 -17.74 27.28 -39.81
CA GLN C 312 -17.86 27.60 -41.24
C GLN C 312 -17.84 26.32 -42.07
N TYR C 313 -16.85 25.46 -41.82
CA TYR C 313 -16.78 24.15 -42.46
C TYR C 313 -18.06 23.36 -42.24
N ILE C 314 -18.50 23.32 -40.99
CA ILE C 314 -19.68 22.53 -40.62
C ILE C 314 -20.95 23.04 -41.30
N GLU C 315 -21.21 24.34 -41.17
CA GLU C 315 -22.42 24.91 -41.77
C GLU C 315 -22.41 24.85 -43.30
N ARG C 316 -21.21 24.93 -43.88
CA ARG C 316 -21.05 24.81 -45.33
C ARG C 316 -21.62 23.48 -45.83
N THR C 317 -21.26 22.41 -45.14
CA THR C 317 -21.78 21.09 -45.46
C THR C 317 -23.27 20.95 -45.12
N LEU C 318 -23.65 21.44 -43.94
CA LEU C 318 -25.03 21.32 -43.46
C LEU C 318 -26.06 22.00 -44.36
N LYS C 319 -25.64 23.05 -45.07
CA LYS C 319 -26.53 23.82 -45.94
C LYS C 319 -27.13 22.98 -47.07
N THR C 320 -26.53 21.82 -47.32
CA THR C 320 -26.88 21.00 -48.47
C THR C 320 -27.98 19.97 -48.20
N GLN C 321 -28.38 19.83 -46.93
CA GLN C 321 -29.43 18.88 -46.56
C GLN C 321 -30.35 19.45 -45.49
N ALA C 322 -31.58 18.97 -45.45
CA ALA C 322 -32.54 19.40 -44.43
C ALA C 322 -32.16 18.81 -43.07
N ALA C 323 -32.66 19.44 -42.00
CA ALA C 323 -32.36 19.02 -40.64
C ALA C 323 -32.71 17.56 -40.40
N GLU C 324 -33.85 17.14 -40.92
CA GLU C 324 -34.33 15.76 -40.79
C GLU C 324 -33.27 14.75 -41.22
N VAL C 325 -32.55 15.07 -42.29
CA VAL C 325 -31.50 14.19 -42.79
C VAL C 325 -30.31 14.17 -41.83
N TRP C 326 -29.84 15.35 -41.42
CA TRP C 326 -28.70 15.45 -40.53
C TRP C 326 -28.94 14.80 -39.17
N LEU C 327 -30.17 14.92 -38.66
CA LEU C 327 -30.53 14.27 -37.41
C LEU C 327 -30.30 12.77 -37.54
N ALA C 328 -30.71 12.22 -38.66
CA ALA C 328 -30.56 10.79 -38.91
C ALA C 328 -29.10 10.36 -39.06
N ARG C 329 -28.37 11.07 -39.91
CA ARG C 329 -26.98 10.71 -40.21
C ARG C 329 -26.06 10.90 -39.00
N ILE C 330 -26.23 12.00 -38.28
CA ILE C 330 -25.39 12.31 -37.13
C ILE C 330 -25.69 11.43 -35.91
N HIS C 331 -26.96 11.11 -35.71
CA HIS C 331 -27.33 10.21 -34.62
C HIS C 331 -26.84 8.79 -34.90
N GLU C 332 -26.72 8.46 -36.18
CA GLU C 332 -26.29 7.13 -36.61
C GLU C 332 -24.86 6.82 -36.16
N VAL C 333 -24.02 7.85 -36.12
CA VAL C 333 -22.63 7.67 -35.70
C VAL C 333 -22.45 7.89 -34.19
N GLY C 334 -23.56 8.08 -33.48
CA GLY C 334 -23.53 8.15 -32.03
C GLY C 334 -23.13 9.50 -31.45
N VAL C 335 -23.33 10.56 -32.22
CA VAL C 335 -23.04 11.92 -31.76
C VAL C 335 -24.33 12.60 -31.32
N PRO C 336 -24.33 13.17 -30.10
CA PRO C 336 -25.50 13.87 -29.58
C PRO C 336 -25.96 14.98 -30.52
N VAL C 337 -27.25 14.97 -30.87
CA VAL C 337 -27.80 15.94 -31.80
C VAL C 337 -29.31 16.09 -31.53
N ALA C 338 -29.83 17.29 -31.74
CA ALA C 338 -31.24 17.57 -31.45
C ALA C 338 -31.76 18.74 -32.27
N PRO C 339 -33.05 18.68 -32.64
CA PRO C 339 -33.68 19.80 -33.33
C PRO C 339 -34.05 20.91 -32.34
N LEU C 340 -34.21 22.13 -32.84
CA LEU C 340 -34.77 23.19 -32.04
C LEU C 340 -36.27 23.15 -32.21
N LEU C 341 -36.98 22.87 -31.12
CA LEU C 341 -38.43 22.72 -31.18
C LEU C 341 -39.14 23.92 -30.57
N SER C 342 -40.39 24.11 -30.95
CA SER C 342 -41.22 25.12 -30.31
C SER C 342 -41.89 24.47 -29.10
N VAL C 343 -42.56 25.30 -28.29
CA VAL C 343 -43.28 24.79 -27.13
C VAL C 343 -44.36 23.80 -27.58
N ALA C 344 -44.99 24.11 -28.70
CA ALA C 344 -46.05 23.27 -29.26
C ALA C 344 -45.55 21.87 -29.58
N GLU C 345 -44.36 21.78 -30.15
CA GLU C 345 -43.77 20.49 -30.49
C GLU C 345 -43.28 19.78 -29.24
N ALA C 346 -42.79 20.55 -28.27
CA ALA C 346 -42.26 20.01 -27.03
C ALA C 346 -43.30 19.25 -26.22
N ILE C 347 -44.45 19.89 -25.97
CA ILE C 347 -45.48 19.27 -25.15
C ILE C 347 -46.19 18.12 -25.85
N LYS C 348 -45.99 18.00 -27.15
CA LYS C 348 -46.60 16.92 -27.93
C LYS C 348 -45.73 15.66 -28.00
N LEU C 349 -44.45 15.79 -27.65
CA LEU C 349 -43.53 14.65 -27.66
C LEU C 349 -44.05 13.54 -26.76
N PRO C 350 -43.97 12.29 -27.23
CA PRO C 350 -44.35 11.11 -26.45
C PRO C 350 -43.68 11.08 -25.07
N GLN C 351 -42.50 11.66 -24.96
CA GLN C 351 -41.79 11.73 -23.68
C GLN C 351 -42.57 12.58 -22.68
N THR C 352 -43.10 13.71 -23.14
CA THR C 352 -43.90 14.59 -22.30
C THR C 352 -45.09 13.83 -21.71
N GLN C 353 -45.71 12.98 -22.52
CA GLN C 353 -46.85 12.19 -22.09
C GLN C 353 -46.42 11.07 -21.14
N ALA C 354 -45.25 10.50 -21.38
CA ALA C 354 -44.73 9.44 -20.54
C ALA C 354 -44.43 9.93 -19.13
N ARG C 355 -44.15 11.22 -19.02
CA ARG C 355 -43.80 11.82 -17.74
C ARG C 355 -44.97 12.60 -17.16
N ASN C 356 -46.14 12.48 -17.79
CA ASN C 356 -47.36 13.14 -17.32
C ASN C 356 -47.13 14.64 -17.07
N MET C 357 -46.40 15.29 -17.97
CA MET C 357 -46.04 16.68 -17.79
C MET C 357 -47.06 17.61 -18.42
N LEU C 358 -48.07 17.02 -19.06
CA LEU C 358 -49.24 17.79 -19.47
C LEU C 358 -50.47 17.13 -18.84
N ILE C 359 -51.02 17.78 -17.81
CA ILE C 359 -52.17 17.28 -17.10
C ILE C 359 -53.42 18.04 -17.54
N GLU C 360 -54.59 17.55 -17.16
CA GLU C 360 -55.79 18.35 -17.31
C GLU C 360 -56.50 18.61 -15.99
N ALA C 361 -56.58 19.88 -15.63
CA ALA C 361 -57.27 20.32 -14.43
C ALA C 361 -58.44 21.21 -14.83
N GLY C 362 -59.65 20.80 -14.48
CA GLY C 362 -60.83 21.56 -14.81
C GLY C 362 -61.05 21.66 -16.31
N GLY C 363 -60.74 20.59 -17.03
CA GLY C 363 -60.94 20.56 -18.47
C GLY C 363 -59.97 21.44 -19.23
N ILE C 364 -58.85 21.79 -18.60
CA ILE C 364 -57.83 22.62 -19.24
C ILE C 364 -56.48 21.92 -19.21
N MET C 365 -55.76 21.94 -20.33
CA MET C 365 -54.44 21.35 -20.41
C MET C 365 -53.38 22.31 -19.87
N MET C 366 -52.57 21.83 -18.94
CA MET C 366 -51.54 22.65 -18.31
C MET C 366 -50.37 21.80 -17.82
N PRO C 367 -49.20 22.41 -17.61
CA PRO C 367 -48.02 21.64 -17.17
C PRO C 367 -48.20 20.94 -15.83
N GLY C 368 -47.65 19.73 -15.73
CA GLY C 368 -47.76 18.93 -14.52
C GLY C 368 -46.61 19.16 -13.56
N ASN C 369 -46.37 18.18 -12.70
CA ASN C 369 -45.38 18.29 -11.63
C ASN C 369 -44.08 17.56 -11.98
N PRO C 370 -42.97 18.30 -12.12
CA PRO C 370 -41.69 17.68 -12.47
C PRO C 370 -41.07 16.91 -11.31
N ILE C 371 -41.53 17.13 -10.09
CA ILE C 371 -41.06 16.34 -8.95
C ILE C 371 -41.82 15.02 -8.86
N LYS C 372 -41.15 13.93 -9.25
CA LYS C 372 -41.73 12.60 -9.19
C LYS C 372 -41.12 11.84 -8.02
N ILE C 373 -41.97 11.36 -7.12
CA ILE C 373 -41.52 10.58 -5.97
C ILE C 373 -42.29 9.27 -5.88
N SER C 374 -41.58 8.15 -5.87
CA SER C 374 -42.21 6.84 -5.80
C SER C 374 -43.13 6.72 -4.59
N GLY C 375 -44.33 6.21 -4.80
CA GLY C 375 -45.29 6.06 -3.74
C GLY C 375 -46.25 7.23 -3.63
N CYS C 376 -45.94 8.31 -4.34
CA CYS C 376 -46.81 9.48 -4.37
C CYS C 376 -47.54 9.55 -5.69
N ALA C 377 -48.88 9.59 -5.62
CA ALA C 377 -49.71 9.62 -6.81
C ALA C 377 -49.38 10.80 -7.73
N ASP C 378 -49.47 10.56 -9.02
CA ASP C 378 -49.25 11.60 -10.02
C ASP C 378 -50.37 11.54 -11.04
N PRO C 379 -51.58 11.95 -10.64
CA PRO C 379 -52.78 11.84 -11.48
C PRO C 379 -52.70 12.68 -12.75
N HIS C 380 -53.31 12.20 -13.83
CA HIS C 380 -53.36 12.95 -15.07
C HIS C 380 -54.47 13.98 -15.03
N VAL C 381 -55.63 13.58 -14.50
CA VAL C 381 -56.74 14.51 -14.30
C VAL C 381 -56.73 15.03 -12.86
N MET C 382 -56.73 16.35 -12.72
CA MET C 382 -56.61 16.99 -11.41
C MET C 382 -57.80 17.91 -11.16
N PRO C 383 -58.06 18.24 -9.88
CA PRO C 383 -59.10 19.23 -9.59
C PRO C 383 -58.76 20.57 -10.24
N GLY C 384 -59.78 21.26 -10.75
CA GLY C 384 -59.56 22.49 -11.47
C GLY C 384 -59.31 23.69 -10.58
N ALA C 385 -59.03 24.83 -11.21
CA ALA C 385 -58.84 26.07 -10.49
C ALA C 385 -60.20 26.59 -10.03
N ALA C 386 -60.20 27.27 -8.88
CA ALA C 386 -61.45 27.75 -8.31
C ALA C 386 -61.85 29.13 -8.84
N THR C 387 -63.14 29.39 -8.92
CA THR C 387 -63.62 30.73 -9.23
C THR C 387 -63.45 31.59 -7.98
N LEU C 388 -63.52 32.91 -8.16
CA LEU C 388 -63.30 33.85 -7.08
C LEU C 388 -64.26 33.63 -5.91
N ASP C 389 -63.69 33.41 -4.73
CA ASP C 389 -64.46 33.19 -3.50
C ASP C 389 -65.36 31.95 -3.59
N GLN C 390 -64.97 30.98 -4.42
CA GLN C 390 -65.78 29.78 -4.63
C GLN C 390 -66.05 29.04 -3.33
N HIS C 391 -65.04 28.99 -2.46
CA HIS C 391 -65.15 28.25 -1.21
C HIS C 391 -65.37 29.18 -0.02
N GLY C 392 -65.67 30.45 -0.31
CA GLY C 392 -65.82 31.46 0.70
C GLY C 392 -66.80 31.15 1.83
N GLU C 393 -67.95 30.60 1.49
CA GLU C 393 -69.00 30.42 2.49
C GLU C 393 -68.72 29.29 3.49
N GLN C 394 -68.22 28.16 3.02
CA GLN C 394 -67.93 27.04 3.92
C GLN C 394 -66.66 27.31 4.72
N ILE C 395 -65.71 27.99 4.10
CA ILE C 395 -64.46 28.35 4.77
C ILE C 395 -64.72 29.33 5.91
N ARG C 396 -65.62 30.28 5.67
CA ARG C 396 -66.01 31.23 6.71
C ARG C 396 -66.65 30.53 7.91
N GLN C 397 -67.47 29.52 7.63
CA GLN C 397 -68.06 28.70 8.68
C GLN C 397 -66.97 27.93 9.43
N GLU C 398 -66.13 27.24 8.65
CA GLU C 398 -65.09 26.37 9.20
C GLU C 398 -64.19 27.09 10.21
N PHE C 399 -63.90 28.36 9.95
CA PHE C 399 -62.96 29.09 10.80
C PHE C 399 -63.60 30.22 11.62
N SER C 400 -64.92 30.22 11.68
CA SER C 400 -65.62 31.19 12.53
C SER C 400 -65.59 30.76 13.99
N SER C 401 -65.11 31.66 14.84
CA SER C 401 -65.03 31.41 16.27
C SER C 401 -64.78 32.72 17.00
N LYS D 27 -28.68 26.27 13.21
CA LYS D 27 -27.55 26.39 12.30
C LYS D 27 -27.66 25.45 11.11
N GLY D 28 -28.88 25.25 10.61
CA GLY D 28 -29.12 24.38 9.48
C GLY D 28 -30.15 23.31 9.80
N PRO D 29 -31.22 23.25 9.00
CA PRO D 29 -32.31 22.27 9.21
C PRO D 29 -31.92 20.84 8.87
N PHE D 30 -30.84 20.64 8.13
CA PHE D 30 -30.43 19.29 7.75
C PHE D 30 -29.22 18.80 8.54
N GLU D 31 -28.88 19.51 9.61
CA GLU D 31 -27.79 19.10 10.48
C GLU D 31 -28.05 17.72 11.05
N GLY D 32 -27.10 16.82 10.85
CA GLY D 32 -27.25 15.43 11.29
C GLY D 32 -27.57 14.50 10.15
N LEU D 33 -27.89 15.07 9.00
CA LEU D 33 -28.20 14.29 7.81
C LEU D 33 -26.93 13.84 7.12
N LEU D 34 -26.93 12.61 6.61
CA LEU D 34 -25.80 12.10 5.85
C LEU D 34 -26.20 11.83 4.42
N VAL D 35 -25.56 12.54 3.49
CA VAL D 35 -25.87 12.38 2.07
C VAL D 35 -24.69 11.78 1.34
N ILE D 36 -24.91 10.66 0.67
CA ILE D 36 -23.89 10.06 -0.18
C ILE D 36 -24.12 10.53 -1.60
N ASP D 37 -23.11 11.20 -2.15
CA ASP D 37 -23.28 12.00 -3.35
C ASP D 37 -22.38 11.55 -4.51
N MET D 38 -23.00 10.92 -5.52
CA MET D 38 -22.27 10.45 -6.68
C MET D 38 -22.46 11.38 -7.89
N THR D 39 -23.17 12.47 -7.67
CA THR D 39 -23.49 13.40 -8.75
C THR D 39 -22.23 14.06 -9.32
N HIS D 40 -22.30 14.43 -10.58
CA HIS D 40 -21.21 15.15 -11.24
C HIS D 40 -21.76 16.20 -12.21
N VAL D 41 -20.87 16.94 -12.85
CA VAL D 41 -21.23 18.09 -13.68
C VAL D 41 -21.95 19.15 -12.85
N LEU D 42 -23.13 19.58 -13.27
CA LEU D 42 -23.79 20.73 -12.64
C LEU D 42 -25.15 20.40 -12.03
N ASN D 43 -26.00 19.74 -12.81
CA ASN D 43 -27.39 19.50 -12.42
C ASN D 43 -27.57 18.78 -11.08
N GLY D 44 -26.89 17.64 -10.93
CA GLY D 44 -26.89 16.91 -9.67
C GLY D 44 -26.20 17.61 -8.51
N PRO D 45 -24.94 18.05 -8.70
CA PRO D 45 -24.19 18.70 -7.62
C PRO D 45 -24.80 20.02 -7.15
N PHE D 46 -25.55 20.70 -8.00
CA PHE D 46 -26.19 21.95 -7.61
C PHE D 46 -27.22 21.67 -6.53
N GLY D 47 -27.95 20.57 -6.70
CA GLY D 47 -28.98 20.18 -5.75
C GLY D 47 -28.42 19.72 -4.41
N THR D 48 -27.35 18.93 -4.45
CA THR D 48 -26.75 18.45 -3.21
C THR D 48 -26.01 19.55 -2.47
N GLN D 49 -25.54 20.55 -3.21
CA GLN D 49 -24.84 21.69 -2.62
C GLN D 49 -25.76 22.46 -1.67
N LEU D 50 -27.02 22.59 -2.06
CA LEU D 50 -28.01 23.25 -1.23
C LEU D 50 -28.19 22.52 0.09
N LEU D 51 -28.23 21.19 0.02
CA LEU D 51 -28.28 20.36 1.23
C LEU D 51 -27.05 20.62 2.09
N CYS D 52 -25.90 20.76 1.46
CA CYS D 52 -24.65 21.01 2.16
C CYS D 52 -24.64 22.39 2.84
N ASN D 53 -25.11 23.40 2.12
CA ASN D 53 -25.21 24.75 2.66
C ASN D 53 -26.08 24.81 3.90
N MET D 54 -27.02 23.87 4.02
CA MET D 54 -27.99 23.92 5.10
C MET D 54 -27.87 22.78 6.10
N GLY D 55 -26.64 22.32 6.32
CA GLY D 55 -26.34 21.46 7.46
C GLY D 55 -26.09 19.98 7.21
N ALA D 56 -26.45 19.50 6.03
CA ALA D 56 -26.27 18.08 5.72
C ALA D 56 -24.80 17.75 5.57
N ARG D 57 -24.40 16.57 6.05
CA ARG D 57 -23.06 16.07 5.74
C ARG D 57 -23.11 15.43 4.36
N VAL D 58 -22.32 15.97 3.45
CA VAL D 58 -22.33 15.50 2.07
C VAL D 58 -20.98 14.92 1.68
N ILE D 59 -20.97 13.63 1.36
CA ILE D 59 -19.74 12.98 0.93
C ILE D 59 -19.77 12.69 -0.57
N LYS D 60 -18.94 13.41 -1.32
CA LYS D 60 -18.81 13.18 -2.75
C LYS D 60 -18.03 11.91 -3.05
N VAL D 61 -18.71 10.92 -3.62
CA VAL D 61 -18.04 9.72 -4.10
C VAL D 61 -17.68 9.89 -5.57
N GLU D 62 -16.38 9.95 -5.85
CA GLU D 62 -15.89 10.21 -7.21
C GLU D 62 -15.21 8.97 -7.81
N PRO D 63 -15.17 8.89 -9.15
CA PRO D 63 -14.53 7.75 -9.82
C PRO D 63 -13.00 7.86 -9.77
N PRO D 64 -12.31 6.72 -9.83
CA PRO D 64 -10.85 6.67 -9.86
C PRO D 64 -10.24 7.46 -11.01
N GLY D 65 -9.19 8.22 -10.71
CA GLY D 65 -8.46 8.95 -11.72
C GLY D 65 -8.87 10.40 -11.91
N HIS D 66 -9.94 10.62 -12.67
CA HIS D 66 -10.34 11.97 -13.07
C HIS D 66 -11.25 12.63 -12.03
N GLY D 67 -12.01 11.81 -11.31
CA GLY D 67 -13.01 12.33 -10.40
C GLY D 67 -14.15 12.98 -11.17
N ASP D 68 -14.85 13.90 -10.52
CA ASP D 68 -15.93 14.66 -11.15
C ASP D 68 -15.41 15.39 -12.38
N ASP D 69 -16.22 15.42 -13.44
CA ASP D 69 -15.85 16.05 -14.70
C ASP D 69 -15.50 17.52 -14.55
N THR D 70 -16.15 18.21 -13.62
CA THR D 70 -15.96 19.64 -13.45
C THR D 70 -14.55 19.99 -13.01
N ARG D 71 -13.84 19.01 -12.44
CA ARG D 71 -12.43 19.20 -12.06
C ARG D 71 -11.56 19.48 -13.29
N THR D 72 -12.07 19.17 -14.47
CA THR D 72 -11.35 19.44 -15.71
C THR D 72 -11.96 20.61 -16.48
N PHE D 73 -13.05 21.18 -15.95
CA PHE D 73 -13.65 22.36 -16.54
C PHE D 73 -12.87 23.59 -16.10
N GLY D 74 -12.62 24.51 -17.02
CA GLY D 74 -11.98 25.77 -16.66
C GLY D 74 -12.94 26.65 -15.88
N PRO D 75 -12.44 27.78 -15.35
CA PRO D 75 -11.01 28.11 -15.35
C PRO D 75 -10.39 27.55 -14.08
N TYR D 76 -9.12 27.82 -13.85
CA TYR D 76 -8.47 27.37 -12.62
C TYR D 76 -7.96 28.53 -11.78
N VAL D 77 -8.20 28.43 -10.48
CA VAL D 77 -7.68 29.41 -9.53
C VAL D 77 -7.03 28.66 -8.38
N ASP D 78 -5.72 28.87 -8.21
CA ASP D 78 -4.93 28.17 -7.20
C ASP D 78 -4.99 26.66 -7.39
N GLY D 79 -4.91 26.22 -8.64
CA GLY D 79 -4.85 24.81 -8.97
C GLY D 79 -6.13 24.03 -8.77
N GLN D 80 -7.25 24.74 -8.73
CA GLN D 80 -8.55 24.08 -8.61
C GLN D 80 -9.58 24.67 -9.56
N SER D 81 -10.38 23.79 -10.16
CA SER D 81 -11.44 24.22 -11.05
C SER D 81 -12.45 25.10 -10.33
N LEU D 82 -12.65 26.31 -10.85
CA LEU D 82 -13.61 27.23 -10.27
C LEU D 82 -15.01 26.67 -10.42
N TYR D 83 -15.25 26.02 -11.56
CA TYR D 83 -16.53 25.39 -11.81
C TYR D 83 -16.81 24.34 -10.74
N TYR D 84 -15.78 23.57 -10.38
CA TYR D 84 -15.91 22.56 -9.35
C TYR D 84 -16.13 23.21 -7.97
N SER D 85 -15.29 24.17 -7.64
CA SER D 85 -15.31 24.80 -6.32
C SER D 85 -16.63 25.52 -6.03
N PHE D 86 -17.21 26.12 -7.06
CA PHE D 86 -18.47 26.85 -6.94
C PHE D 86 -19.60 25.96 -6.41
N ILE D 87 -19.73 24.76 -6.98
CA ILE D 87 -20.85 23.89 -6.66
C ILE D 87 -20.50 22.67 -5.82
N ASN D 88 -19.32 22.67 -5.20
CA ASN D 88 -18.91 21.52 -4.37
C ASN D 88 -18.21 21.86 -3.06
N HIS D 89 -18.24 23.14 -2.66
CA HIS D 89 -17.59 23.54 -1.42
C HIS D 89 -18.33 22.98 -0.22
N GLY D 90 -17.58 22.44 0.74
CA GLY D 90 -18.16 21.87 1.94
C GLY D 90 -18.41 20.38 1.84
N LYS D 91 -18.28 19.84 0.64
CA LYS D 91 -18.47 18.40 0.42
C LYS D 91 -17.16 17.65 0.59
N GLU D 92 -17.22 16.49 1.24
CA GLU D 92 -16.04 15.66 1.44
C GLU D 92 -15.79 14.82 0.20
N SER D 93 -14.53 14.51 -0.09
CA SER D 93 -14.19 13.78 -1.30
C SER D 93 -13.54 12.41 -1.04
N VAL D 94 -14.12 11.37 -1.62
CA VAL D 94 -13.50 10.05 -1.63
C VAL D 94 -13.62 9.39 -2.99
N VAL D 95 -12.52 8.78 -3.42
CA VAL D 95 -12.52 8.00 -4.64
C VAL D 95 -12.83 6.55 -4.30
N LEU D 96 -13.92 6.04 -4.84
CA LEU D 96 -14.28 4.64 -4.68
C LEU D 96 -14.52 4.01 -6.06
N ASP D 97 -13.91 2.86 -6.28
CA ASP D 97 -14.17 2.10 -7.50
C ASP D 97 -15.26 1.09 -7.20
N LEU D 98 -16.43 1.28 -7.82
CA LEU D 98 -17.59 0.45 -7.52
C LEU D 98 -17.57 -0.90 -8.25
N LYS D 99 -16.55 -1.12 -9.06
CA LYS D 99 -16.32 -2.43 -9.67
C LYS D 99 -15.45 -3.25 -8.73
N ASN D 100 -14.81 -2.58 -7.78
CA ASN D 100 -13.92 -3.22 -6.83
C ASN D 100 -14.68 -3.70 -5.59
N ASP D 101 -14.54 -4.98 -5.28
CA ASP D 101 -15.27 -5.60 -4.17
C ASP D 101 -14.99 -4.96 -2.81
N HIS D 102 -13.76 -4.53 -2.59
CA HIS D 102 -13.40 -3.91 -1.31
C HIS D 102 -14.07 -2.55 -1.14
N ASP D 103 -13.98 -1.71 -2.16
CA ASP D 103 -14.55 -0.36 -2.12
C ASP D 103 -16.08 -0.40 -2.10
N LYS D 104 -16.65 -1.33 -2.87
CA LYS D 104 -18.09 -1.52 -2.92
C LYS D 104 -18.61 -1.94 -1.55
N SER D 105 -17.80 -2.67 -0.81
CA SER D 105 -18.11 -3.04 0.57
C SER D 105 -18.16 -1.81 1.47
N ILE D 106 -17.26 -0.86 1.21
CA ILE D 106 -17.24 0.39 1.94
C ILE D 106 -18.46 1.22 1.54
N PHE D 107 -18.77 1.20 0.25
CA PHE D 107 -19.92 1.92 -0.29
C PHE D 107 -21.23 1.45 0.35
N ILE D 108 -21.38 0.14 0.47
CA ILE D 108 -22.59 -0.46 1.07
C ILE D 108 -22.69 -0.09 2.55
N ASN D 109 -21.56 -0.04 3.23
CA ASN D 109 -21.53 0.41 4.62
C ASN D 109 -22.04 1.86 4.76
N MET D 110 -21.60 2.72 3.84
CA MET D 110 -22.03 4.12 3.82
C MET D 110 -23.54 4.20 3.64
N LEU D 111 -24.06 3.40 2.72
CA LEU D 111 -25.49 3.40 2.41
C LEU D 111 -26.34 3.06 3.62
N LYS D 112 -25.87 2.15 4.45
CA LYS D 112 -26.60 1.74 5.65
C LYS D 112 -26.67 2.86 6.68
N GLN D 113 -25.72 3.79 6.61
CA GLN D 113 -25.68 4.93 7.53
C GLN D 113 -26.36 6.16 6.93
N ALA D 114 -26.44 6.18 5.60
CA ALA D 114 -26.88 7.37 4.87
C ALA D 114 -28.38 7.63 4.93
N ASP D 115 -28.76 8.90 4.78
CA ASP D 115 -30.16 9.30 4.66
C ASP D 115 -30.54 9.44 3.19
N VAL D 116 -29.57 9.87 2.38
CA VAL D 116 -29.82 10.12 0.96
C VAL D 116 -28.69 9.62 0.08
N LEU D 117 -29.03 8.92 -1.00
CA LEU D 117 -28.08 8.61 -2.05
C LEU D 117 -28.46 9.36 -3.31
N ALA D 118 -27.59 10.27 -3.76
CA ALA D 118 -27.86 11.09 -4.93
C ALA D 118 -26.94 10.75 -6.10
N GLU D 119 -27.50 10.71 -7.30
CA GLU D 119 -26.72 10.43 -8.49
C GLU D 119 -27.36 11.05 -9.72
N ASN D 120 -26.54 11.48 -10.67
CA ASN D 120 -27.06 11.94 -11.96
C ASN D 120 -26.32 11.29 -13.13
N PHE D 121 -26.11 9.99 -13.02
CA PHE D 121 -25.59 9.20 -14.13
C PHE D 121 -26.67 9.05 -15.21
N ARG D 122 -26.29 8.50 -16.35
CA ARG D 122 -27.27 8.06 -17.33
C ARG D 122 -28.13 7.00 -16.66
N PRO D 123 -29.43 6.97 -16.99
CA PRO D 123 -30.30 5.93 -16.42
C PRO D 123 -29.78 4.52 -16.72
N GLY D 124 -29.87 3.64 -15.73
CA GLY D 124 -29.40 2.28 -15.88
C GLY D 124 -28.00 2.05 -15.32
N THR D 125 -27.22 3.13 -15.20
CA THR D 125 -25.84 3.02 -14.76
C THR D 125 -25.71 2.50 -13.32
N MET D 126 -26.53 3.03 -12.42
CA MET D 126 -26.52 2.59 -11.04
C MET D 126 -26.99 1.13 -10.92
N GLU D 127 -27.97 0.77 -11.74
CA GLU D 127 -28.50 -0.59 -11.77
C GLU D 127 -27.41 -1.61 -12.10
N LYS D 128 -26.66 -1.34 -13.16
CA LYS D 128 -25.66 -2.29 -13.65
C LYS D 128 -24.45 -2.42 -12.73
N LEU D 129 -24.27 -1.44 -11.86
CA LEU D 129 -23.23 -1.53 -10.83
C LEU D 129 -23.73 -2.34 -9.65
N GLY D 130 -24.99 -2.75 -9.72
CA GLY D 130 -25.60 -3.60 -8.71
C GLY D 130 -26.48 -2.84 -7.74
N PHE D 131 -26.88 -1.64 -8.11
CA PHE D 131 -27.61 -0.78 -7.20
C PHE D 131 -28.94 -0.25 -7.75
N SER D 132 -29.82 -1.17 -8.11
CA SER D 132 -31.18 -0.82 -8.50
C SER D 132 -31.93 -0.27 -7.30
N TRP D 133 -33.06 0.39 -7.56
CA TRP D 133 -33.87 0.96 -6.49
C TRP D 133 -34.34 -0.12 -5.52
N GLU D 134 -34.72 -1.27 -6.08
CA GLU D 134 -35.21 -2.38 -5.26
C GLU D 134 -34.10 -3.00 -4.41
N THR D 135 -32.89 -3.06 -4.95
CA THR D 135 -31.73 -3.52 -4.17
C THR D 135 -31.39 -2.52 -3.08
N LEU D 136 -31.38 -1.24 -3.45
CA LEU D 136 -31.15 -0.15 -2.51
C LEU D 136 -32.15 -0.18 -1.35
N GLN D 137 -33.40 -0.50 -1.68
CA GLN D 137 -34.43 -0.63 -0.66
C GLN D 137 -34.09 -1.72 0.35
N GLU D 138 -33.52 -2.82 -0.15
CA GLU D 138 -33.14 -3.94 0.70
C GLU D 138 -31.94 -3.60 1.59
N ILE D 139 -31.00 -2.84 1.05
CA ILE D 139 -29.80 -2.45 1.80
C ILE D 139 -30.13 -1.49 2.94
N ASN D 140 -30.98 -0.51 2.67
CA ASN D 140 -31.41 0.45 3.68
C ASN D 140 -32.84 0.90 3.41
N PRO D 141 -33.81 0.32 4.12
CA PRO D 141 -35.25 0.58 3.94
C PRO D 141 -35.63 2.04 4.11
N ARG D 142 -34.75 2.84 4.72
CA ARG D 142 -35.04 4.23 5.02
C ARG D 142 -34.31 5.20 4.08
N LEU D 143 -33.56 4.65 3.14
CA LEU D 143 -32.75 5.47 2.25
C LEU D 143 -33.61 6.22 1.24
N ILE D 144 -33.38 7.52 1.13
CA ILE D 144 -33.95 8.30 0.03
C ILE D 144 -33.02 8.19 -1.17
N TYR D 145 -33.54 7.66 -2.27
CA TYR D 145 -32.75 7.55 -3.48
C TYR D 145 -33.15 8.64 -4.45
N ALA D 146 -32.22 9.53 -4.77
CA ALA D 146 -32.52 10.70 -5.60
C ALA D 146 -31.70 10.69 -6.88
N SER D 147 -32.39 10.71 -8.01
CA SER D 147 -31.74 10.70 -9.31
C SER D 147 -32.13 11.93 -10.13
N SER D 148 -31.16 12.44 -10.89
CA SER D 148 -31.42 13.53 -11.81
C SER D 148 -30.86 13.12 -13.15
N SER D 149 -31.64 13.31 -14.21
CA SER D 149 -31.14 13.02 -15.55
C SER D 149 -31.80 13.91 -16.59
N GLY D 150 -31.38 13.75 -17.84
CA GLY D 150 -31.87 14.59 -18.90
C GLY D 150 -33.37 14.46 -19.14
N PHE D 151 -33.86 13.23 -19.20
CA PHE D 151 -35.27 12.99 -19.47
C PHE D 151 -35.95 12.14 -18.41
N GLY D 152 -35.24 11.87 -17.32
CA GLY D 152 -35.81 11.06 -16.25
C GLY D 152 -35.47 9.58 -16.44
N HIS D 153 -35.87 8.76 -15.47
CA HIS D 153 -35.60 7.33 -15.52
C HIS D 153 -36.68 6.54 -16.24
N THR D 154 -37.69 7.24 -16.79
CA THR D 154 -38.74 6.59 -17.57
C THR D 154 -39.00 7.33 -18.89
N GLY D 155 -39.73 6.68 -19.78
CA GLY D 155 -40.08 7.29 -21.05
C GLY D 155 -39.27 6.74 -22.21
N PRO D 156 -39.69 7.03 -23.45
CA PRO D 156 -39.01 6.54 -24.65
C PRO D 156 -37.68 7.26 -24.92
N LEU D 157 -37.39 8.33 -24.18
CA LEU D 157 -36.18 9.10 -24.40
C LEU D 157 -35.22 9.04 -23.22
N LYS D 158 -35.47 8.12 -22.29
CA LYS D 158 -34.71 8.06 -21.04
C LYS D 158 -33.20 7.87 -21.24
N ASP D 159 -32.82 7.23 -22.34
CA ASP D 159 -31.41 6.95 -22.59
C ASP D 159 -30.77 7.93 -23.58
N ALA D 160 -31.59 8.82 -24.13
CA ALA D 160 -31.09 9.81 -25.09
C ALA D 160 -30.08 10.76 -24.47
N PRO D 161 -29.09 11.19 -25.25
CA PRO D 161 -28.15 12.22 -24.79
C PRO D 161 -28.92 13.47 -24.43
N ALA D 162 -28.50 14.18 -23.39
CA ALA D 162 -29.31 15.27 -22.87
C ALA D 162 -28.52 16.30 -22.07
N TYR D 163 -27.55 16.93 -22.73
CA TYR D 163 -26.87 18.07 -22.14
C TYR D 163 -27.86 19.20 -21.94
N ASP D 164 -27.45 20.23 -21.21
CA ASP D 164 -28.29 21.39 -20.99
C ASP D 164 -28.76 22.00 -22.30
N THR D 165 -27.85 22.08 -23.28
CA THR D 165 -28.15 22.70 -24.56
C THR D 165 -29.22 21.94 -25.35
N ILE D 166 -29.14 20.61 -25.34
CA ILE D 166 -30.13 19.78 -26.00
C ILE D 166 -31.52 19.93 -25.36
N ILE D 167 -31.55 19.96 -24.04
CA ILE D 167 -32.81 20.12 -23.32
C ILE D 167 -33.46 21.46 -23.61
N GLN D 168 -32.67 22.53 -23.61
CA GLN D 168 -33.17 23.85 -23.96
C GLN D 168 -33.75 23.83 -25.37
N ALA D 169 -33.05 23.16 -26.28
CA ALA D 169 -33.47 23.09 -27.68
C ALA D 169 -34.82 22.39 -27.85
N MET D 170 -35.01 21.27 -27.15
CA MET D 170 -36.22 20.47 -27.30
C MET D 170 -37.37 20.91 -26.41
N SER D 171 -37.09 21.74 -25.41
CA SER D 171 -38.11 22.16 -24.46
C SER D 171 -38.99 23.26 -25.05
N GLY D 172 -38.44 23.98 -26.02
CA GLY D 172 -39.12 25.09 -26.64
C GLY D 172 -38.53 26.43 -26.25
N ILE D 173 -37.72 26.43 -25.19
CA ILE D 173 -37.23 27.68 -24.60
C ILE D 173 -36.29 28.48 -25.52
N MET D 174 -35.49 27.79 -26.32
CA MET D 174 -34.62 28.45 -27.28
C MET D 174 -35.46 29.27 -28.25
N MET D 175 -36.53 28.65 -28.73
CA MET D 175 -37.43 29.28 -29.69
C MET D 175 -38.11 30.50 -29.09
N GLU D 176 -38.32 30.49 -27.78
CA GLU D 176 -38.99 31.60 -27.09
C GLU D 176 -38.04 32.76 -26.82
N THR D 177 -36.74 32.50 -26.90
CA THR D 177 -35.74 33.46 -26.43
C THR D 177 -35.08 34.25 -27.55
N GLY D 178 -34.97 35.57 -27.34
CA GLY D 178 -34.30 36.43 -28.29
C GLY D 178 -35.24 37.45 -28.91
N TYR D 179 -34.72 38.21 -29.87
CA TYR D 179 -35.55 39.19 -30.58
C TYR D 179 -36.44 38.51 -31.61
N PRO D 180 -37.67 39.03 -31.78
CA PRO D 180 -38.72 38.43 -32.61
C PRO D 180 -38.27 38.00 -34.00
N ASP D 181 -37.49 38.85 -34.69
CA ASP D 181 -37.04 38.52 -36.04
C ASP D 181 -35.63 37.94 -36.05
N ALA D 182 -35.05 37.78 -34.87
CA ALA D 182 -33.69 37.25 -34.73
C ALA D 182 -33.73 35.73 -34.59
N PRO D 183 -32.60 35.05 -34.83
CA PRO D 183 -32.57 33.58 -34.70
C PRO D 183 -32.86 33.11 -33.28
N PRO D 184 -33.28 31.84 -33.13
CA PRO D 184 -33.47 31.26 -31.80
C PRO D 184 -32.16 31.25 -31.03
N VAL D 185 -32.23 31.42 -29.72
CA VAL D 185 -31.00 31.45 -28.91
C VAL D 185 -31.19 30.84 -27.52
N ARG D 186 -30.13 30.22 -27.04
CA ARG D 186 -30.06 29.64 -25.70
C ARG D 186 -30.18 30.75 -24.67
N VAL D 187 -30.79 30.44 -23.51
CA VAL D 187 -30.81 31.41 -22.42
C VAL D 187 -29.39 31.52 -21.85
N GLY D 188 -29.05 32.68 -21.30
CA GLY D 188 -27.68 32.98 -20.94
C GLY D 188 -27.04 32.16 -19.83
N THR D 189 -27.66 31.04 -19.47
CA THR D 189 -27.14 30.17 -18.42
C THR D 189 -27.59 28.74 -18.66
N SER D 190 -27.11 27.81 -17.84
CA SER D 190 -27.50 26.41 -17.96
C SER D 190 -28.83 26.15 -17.27
N LEU D 191 -29.89 26.74 -17.80
CA LEU D 191 -31.22 26.73 -17.19
C LEU D 191 -31.79 25.34 -16.91
N ALA D 192 -31.61 24.42 -17.85
CA ALA D 192 -32.14 23.06 -17.69
C ALA D 192 -31.48 22.35 -16.52
N ASP D 193 -30.15 22.42 -16.44
CA ASP D 193 -29.40 21.83 -15.34
C ASP D 193 -29.80 22.46 -14.01
N LEU D 194 -29.95 23.78 -14.00
CA LEU D 194 -30.23 24.52 -12.78
C LEU D 194 -31.64 24.27 -12.26
N CYS D 195 -32.61 24.27 -13.18
CA CYS D 195 -33.99 23.93 -12.83
C CYS D 195 -34.09 22.54 -12.22
N GLY D 196 -33.45 21.58 -12.87
CA GLY D 196 -33.42 20.22 -12.38
C GLY D 196 -32.80 20.14 -11.00
N GLY D 197 -31.71 20.91 -10.81
CA GLY D 197 -31.01 20.94 -9.54
C GLY D 197 -31.88 21.34 -8.37
N VAL D 198 -32.58 22.47 -8.50
CA VAL D 198 -33.41 22.96 -7.41
C VAL D 198 -34.64 22.05 -7.19
N TYR D 199 -35.12 21.44 -8.27
CA TYR D 199 -36.20 20.45 -8.15
C TYR D 199 -35.70 19.17 -7.49
N LEU D 200 -34.46 18.79 -7.79
CA LEU D 200 -33.85 17.64 -7.17
C LEU D 200 -33.73 17.89 -5.67
N PHE D 201 -33.26 19.08 -5.31
CA PHE D 201 -33.14 19.44 -3.91
C PHE D 201 -34.47 19.42 -3.18
N SER D 202 -35.46 20.13 -3.72
CA SER D 202 -36.76 20.22 -3.08
C SER D 202 -37.50 18.88 -3.10
N GLY D 203 -37.20 18.06 -4.12
CA GLY D 203 -37.74 16.71 -4.19
C GLY D 203 -37.19 15.86 -3.07
N ILE D 204 -35.89 16.00 -2.81
CA ILE D 204 -35.24 15.29 -1.72
C ILE D 204 -35.83 15.67 -0.37
N VAL D 205 -36.00 16.97 -0.15
CA VAL D 205 -36.52 17.47 1.13
C VAL D 205 -37.98 17.05 1.36
N SER D 206 -38.77 17.03 0.29
CA SER D 206 -40.15 16.57 0.38
C SER D 206 -40.22 15.11 0.78
N ALA D 207 -39.30 14.31 0.24
CA ALA D 207 -39.22 12.89 0.56
C ALA D 207 -38.76 12.69 1.99
N LEU D 208 -37.86 13.55 2.45
CA LEU D 208 -37.39 13.53 3.82
C LEU D 208 -38.49 13.86 4.81
N TYR D 209 -39.27 14.90 4.51
CA TYR D 209 -40.42 15.24 5.32
C TYR D 209 -41.40 14.07 5.33
N GLY D 210 -41.57 13.45 4.16
CA GLY D 210 -42.48 12.33 4.01
C GLY D 210 -42.04 11.12 4.84
N ARG D 211 -40.74 10.87 4.87
CA ARG D 211 -40.19 9.74 5.61
C ARG D 211 -40.39 9.92 7.10
N GLU D 212 -40.47 11.17 7.54
CA GLU D 212 -40.63 11.49 8.95
C GLU D 212 -41.89 10.87 9.53
N LYS D 213 -42.86 10.55 8.66
CA LYS D 213 -44.06 9.86 9.09
C LYS D 213 -44.07 8.39 8.63
N SER D 214 -43.71 8.17 7.37
CA SER D 214 -43.77 6.83 6.79
C SER D 214 -42.68 5.91 7.33
N GLN D 215 -41.59 6.49 7.80
CA GLN D 215 -40.40 5.74 8.25
C GLN D 215 -39.81 4.89 7.12
N ARG D 216 -40.11 5.27 5.88
CA ARG D 216 -39.63 4.56 4.71
C ARG D 216 -39.01 5.53 3.72
N GLY D 217 -38.01 5.07 2.98
CA GLY D 217 -37.40 5.88 1.95
C GLY D 217 -38.29 5.96 0.72
N ALA D 218 -37.80 6.62 -0.31
CA ALA D 218 -38.51 6.71 -1.58
C ALA D 218 -37.53 7.09 -2.69
N HIS D 219 -37.94 6.90 -3.93
CA HIS D 219 -37.09 7.27 -5.06
C HIS D 219 -37.55 8.58 -5.70
N VAL D 220 -36.72 9.61 -5.64
CA VAL D 220 -37.00 10.89 -6.27
C VAL D 220 -36.41 10.89 -7.68
N ASP D 221 -37.25 11.14 -8.68
CA ASP D 221 -36.86 10.98 -10.08
C ASP D 221 -37.11 12.27 -10.88
N ILE D 222 -36.07 13.10 -11.00
CA ILE D 222 -36.19 14.39 -11.66
C ILE D 222 -35.68 14.34 -13.10
N ALA D 223 -36.43 14.95 -14.01
CA ALA D 223 -36.00 15.10 -15.40
C ALA D 223 -35.77 16.58 -15.70
N MET D 224 -34.63 16.87 -16.31
CA MET D 224 -34.32 18.25 -16.71
C MET D 224 -35.31 18.73 -17.77
N PHE D 225 -35.82 17.80 -18.56
CA PHE D 225 -36.83 18.11 -19.56
C PHE D 225 -38.13 18.54 -18.89
N ASP D 226 -38.58 17.76 -17.91
CA ASP D 226 -39.79 18.07 -17.15
C ASP D 226 -39.66 19.42 -16.46
N ALA D 227 -38.52 19.64 -15.82
CA ALA D 227 -38.25 20.87 -15.09
C ALA D 227 -38.36 22.09 -15.99
N THR D 228 -37.70 22.02 -17.13
CA THR D 228 -37.68 23.14 -18.08
C THR D 228 -39.06 23.42 -18.65
N LEU D 229 -39.81 22.36 -18.94
CA LEU D 229 -41.18 22.51 -19.42
C LEU D 229 -42.03 23.28 -18.42
N SER D 230 -41.75 23.08 -17.13
CA SER D 230 -42.53 23.74 -16.07
C SER D 230 -42.13 25.21 -15.90
N PHE D 231 -41.15 25.65 -16.69
CA PHE D 231 -40.67 27.02 -16.63
C PHE D 231 -41.03 27.82 -17.88
N LEU D 232 -41.93 27.30 -18.69
CA LEU D 232 -42.28 27.93 -19.95
C LEU D 232 -43.22 29.13 -19.80
N GLU D 233 -44.05 29.11 -18.75
CA GLU D 233 -44.97 30.21 -18.43
C GLU D 233 -45.83 30.67 -19.61
N HIS D 234 -45.60 31.88 -20.11
CA HIS D 234 -46.46 32.49 -21.11
C HIS D 234 -46.34 31.80 -22.46
N GLY D 235 -45.16 31.24 -22.75
CA GLY D 235 -44.94 30.53 -23.99
C GLY D 235 -45.91 29.38 -24.18
N LEU D 236 -46.20 28.67 -23.09
CA LEU D 236 -47.12 27.54 -23.12
C LEU D 236 -48.59 27.97 -22.98
N MET D 237 -48.83 28.94 -22.10
CA MET D 237 -50.18 29.49 -21.92
C MET D 237 -50.71 30.01 -23.23
N ALA D 238 -49.93 30.86 -23.87
CA ALA D 238 -50.31 31.47 -25.13
C ALA D 238 -50.56 30.41 -26.20
N TYR D 239 -49.75 29.36 -26.20
CA TYR D 239 -49.97 28.29 -27.17
C TYR D 239 -51.28 27.57 -26.93
N ILE D 240 -51.47 27.10 -25.68
CA ILE D 240 -52.70 26.39 -25.30
C ILE D 240 -53.93 27.22 -25.66
N ALA D 241 -53.83 28.52 -25.46
CA ALA D 241 -54.97 29.41 -25.68
C ALA D 241 -55.25 29.73 -27.15
N THR D 242 -54.21 29.81 -27.97
CA THR D 242 -54.37 30.30 -29.34
C THR D 242 -53.92 29.32 -30.43
N GLY D 243 -52.98 28.44 -30.11
CA GLY D 243 -52.45 27.51 -31.08
C GLY D 243 -51.22 28.05 -31.78
N LYS D 244 -50.89 29.30 -31.51
CA LYS D 244 -49.69 29.92 -32.07
C LYS D 244 -48.44 29.63 -31.25
N SER D 245 -47.37 29.24 -31.93
CA SER D 245 -46.11 28.93 -31.27
C SER D 245 -44.99 28.95 -32.32
N PRO D 246 -43.85 29.59 -31.99
CA PRO D 246 -43.53 30.25 -30.72
C PRO D 246 -44.12 31.66 -30.62
N GLN D 247 -43.85 32.33 -29.50
CA GLN D 247 -44.38 33.67 -29.26
C GLN D 247 -43.37 34.78 -29.56
N ARG D 248 -42.14 34.60 -29.10
CA ARG D 248 -41.03 35.53 -29.36
C ARG D 248 -41.38 37.00 -29.17
N LEU D 249 -41.43 37.45 -27.92
CA LEU D 249 -41.75 38.84 -27.61
C LEU D 249 -40.52 39.68 -27.32
N GLY D 250 -39.39 39.02 -27.11
CA GLY D 250 -38.16 39.71 -26.75
C GLY D 250 -38.28 40.32 -25.37
N ASN D 251 -37.90 41.60 -25.27
CA ASN D 251 -37.91 42.31 -24.00
C ASN D 251 -39.29 42.86 -23.63
N ARG D 252 -40.22 42.79 -24.57
CA ARG D 252 -41.50 43.49 -24.43
C ARG D 252 -42.58 42.67 -23.71
N HIS D 253 -43.25 43.30 -22.75
CA HIS D 253 -44.38 42.67 -22.08
C HIS D 253 -45.52 42.52 -23.08
N PRO D 254 -46.25 41.39 -23.01
CA PRO D 254 -47.31 41.16 -24.00
C PRO D 254 -48.62 41.90 -23.73
N TYR D 255 -48.83 42.40 -22.52
CA TYR D 255 -50.12 43.02 -22.18
C TYR D 255 -50.02 44.42 -21.59
N MET D 256 -48.80 44.94 -21.48
CA MET D 256 -48.59 46.30 -20.98
C MET D 256 -47.56 47.07 -21.79
N ALA D 257 -47.79 48.37 -21.95
CA ALA D 257 -46.88 49.25 -22.66
C ALA D 257 -47.00 50.68 -22.13
N PRO D 258 -45.87 51.39 -22.01
CA PRO D 258 -44.51 50.97 -22.34
C PRO D 258 -43.91 50.09 -21.26
N PHE D 259 -43.46 48.91 -21.65
CA PHE D 259 -42.98 47.91 -20.71
C PHE D 259 -41.97 47.06 -21.47
N ASP D 260 -40.73 47.53 -21.48
CA ASP D 260 -39.74 47.07 -22.46
C ASP D 260 -38.36 47.50 -21.99
N VAL D 261 -37.34 47.28 -22.82
CA VAL D 261 -36.04 47.92 -22.57
C VAL D 261 -35.79 49.00 -23.63
N PHE D 262 -35.24 50.12 -23.20
CA PHE D 262 -35.06 51.27 -24.06
C PHE D 262 -33.63 51.76 -23.98
N ASN D 263 -33.08 52.17 -25.12
CA ASN D 263 -31.72 52.70 -25.19
C ASN D 263 -31.67 54.14 -24.71
N THR D 264 -30.51 54.54 -24.19
CA THR D 264 -30.28 55.94 -23.83
C THR D 264 -29.02 56.42 -24.54
N GLN D 265 -28.42 57.49 -24.02
CA GLN D 265 -27.22 58.04 -24.60
C GLN D 265 -26.03 57.09 -24.46
N ASP D 266 -25.96 56.40 -23.33
CA ASP D 266 -24.82 55.51 -23.06
C ASP D 266 -25.18 54.03 -22.96
N LYS D 267 -26.12 53.69 -22.09
CA LYS D 267 -26.49 52.28 -21.89
C LYS D 267 -27.99 52.09 -21.68
N PRO D 268 -28.52 50.91 -22.05
CA PRO D 268 -29.96 50.65 -21.99
C PRO D 268 -30.53 50.53 -20.58
N ILE D 269 -31.80 50.88 -20.44
CA ILE D 269 -32.54 50.74 -19.20
C ILE D 269 -33.84 50.02 -19.50
N THR D 270 -34.50 49.52 -18.45
CA THR D 270 -35.85 49.01 -18.61
C THR D 270 -36.85 49.94 -17.90
N ILE D 271 -37.96 50.21 -18.57
CA ILE D 271 -39.04 50.98 -17.99
C ILE D 271 -40.28 50.09 -17.96
N CYS D 272 -40.92 50.02 -16.81
CA CYS D 272 -42.04 49.11 -16.64
C CYS D 272 -43.29 49.87 -16.20
N CYS D 273 -44.00 50.38 -17.19
CA CYS D 273 -45.12 51.29 -16.98
C CYS D 273 -46.46 50.61 -17.27
N GLY D 274 -47.13 50.16 -16.22
CA GLY D 274 -48.27 49.27 -16.37
C GLY D 274 -49.67 49.86 -16.37
N ASN D 275 -49.80 51.17 -16.17
CA ASN D 275 -51.11 51.80 -16.21
C ASN D 275 -51.08 53.28 -16.59
N ASP D 276 -52.26 53.87 -16.78
CA ASP D 276 -52.39 55.26 -17.22
C ASP D 276 -51.78 56.24 -16.23
N LYS D 277 -51.96 55.96 -14.95
CA LYS D 277 -51.45 56.82 -13.89
C LYS D 277 -49.92 56.92 -13.99
N LEU D 278 -49.28 55.78 -14.23
CA LEU D 278 -47.83 55.74 -14.35
C LEU D 278 -47.37 56.32 -15.69
N PHE D 279 -48.14 56.12 -16.75
CA PHE D 279 -47.78 56.65 -18.06
C PHE D 279 -47.77 58.17 -18.08
N SER D 280 -48.65 58.77 -17.29
CA SER D 280 -48.72 60.22 -17.19
C SER D 280 -47.50 60.75 -16.45
N ALA D 281 -47.13 60.07 -15.37
CA ALA D 281 -45.96 60.45 -14.60
C ALA D 281 -44.70 60.32 -15.44
N LEU D 282 -44.60 59.23 -16.18
CA LEU D 282 -43.47 58.99 -17.07
C LEU D 282 -43.32 60.08 -18.12
N CYS D 283 -44.45 60.47 -18.71
CA CYS D 283 -44.47 61.52 -19.72
C CYS D 283 -44.02 62.85 -19.12
N GLN D 284 -44.40 63.09 -17.87
CA GLN D 284 -43.96 64.28 -17.16
C GLN D 284 -42.44 64.24 -17.03
N ALA D 285 -41.91 63.08 -16.68
CA ALA D 285 -40.48 62.89 -16.51
C ALA D 285 -39.73 63.06 -17.83
N LEU D 286 -40.36 62.65 -18.93
CA LEU D 286 -39.71 62.67 -20.24
C LEU D 286 -40.02 63.93 -21.05
N GLU D 287 -40.88 64.78 -20.50
CA GLU D 287 -41.41 65.95 -21.21
C GLU D 287 -42.06 65.50 -22.52
N LEU D 288 -42.97 64.55 -22.40
CA LEU D 288 -43.72 64.04 -23.54
C LEU D 288 -45.19 64.04 -23.18
N THR D 289 -45.61 65.09 -22.49
CA THR D 289 -46.97 65.20 -21.98
C THR D 289 -48.04 65.18 -23.06
N GLU D 290 -47.65 65.47 -24.30
CA GLU D 290 -48.60 65.45 -25.41
C GLU D 290 -49.09 64.04 -25.73
N LEU D 291 -48.32 63.04 -25.31
CA LEU D 291 -48.67 61.64 -25.57
C LEU D 291 -49.83 61.15 -24.71
N VAL D 292 -50.01 61.75 -23.53
CA VAL D 292 -51.03 61.31 -22.58
C VAL D 292 -52.45 61.27 -23.17
N ASN D 293 -52.83 62.32 -23.87
CA ASN D 293 -54.16 62.41 -24.44
C ASN D 293 -54.21 62.09 -25.94
N ASP D 294 -53.05 61.80 -26.51
CA ASP D 294 -52.99 61.34 -27.90
C ASP D 294 -53.82 60.05 -28.00
N PRO D 295 -54.72 59.99 -28.98
CA PRO D 295 -55.63 58.85 -29.18
C PRO D 295 -54.92 57.52 -29.40
N ARG D 296 -53.64 57.56 -29.78
CA ARG D 296 -52.88 56.33 -30.00
C ARG D 296 -52.38 55.74 -28.69
N PHE D 297 -52.37 56.56 -27.64
CA PHE D 297 -51.66 56.21 -26.41
C PHE D 297 -52.44 56.52 -25.14
N SER D 298 -53.75 56.75 -25.27
CA SER D 298 -54.55 57.19 -24.13
C SER D 298 -54.96 56.08 -23.16
N SER D 299 -54.79 54.83 -23.58
CA SER D 299 -55.08 53.69 -22.70
C SER D 299 -53.95 52.67 -22.80
N ASN D 300 -53.93 51.72 -21.87
CA ASN D 300 -52.91 50.69 -21.92
C ASN D 300 -53.05 49.81 -23.16
N ILE D 301 -54.27 49.41 -23.47
CA ILE D 301 -54.51 48.56 -24.63
C ILE D 301 -54.05 49.24 -25.93
N LEU D 302 -54.29 50.53 -26.04
CA LEU D 302 -53.86 51.29 -27.21
C LEU D 302 -52.35 51.45 -27.25
N ARG D 303 -51.75 51.74 -26.10
CA ARG D 303 -50.30 51.84 -26.00
C ARG D 303 -49.61 50.54 -26.40
N VAL D 304 -50.25 49.41 -26.10
CA VAL D 304 -49.73 48.11 -26.49
C VAL D 304 -49.84 47.91 -28.01
N GLN D 305 -50.96 48.31 -28.58
CA GLN D 305 -51.16 48.24 -30.02
C GLN D 305 -50.12 49.07 -30.77
N ASN D 306 -49.88 50.29 -30.27
CA ASN D 306 -48.98 51.23 -30.92
C ASN D 306 -47.63 51.33 -30.23
N GLN D 307 -47.18 50.22 -29.65
CA GLN D 307 -45.95 50.23 -28.86
C GLN D 307 -44.71 50.60 -29.67
N ALA D 308 -44.70 50.20 -30.94
CA ALA D 308 -43.54 50.45 -31.80
C ALA D 308 -43.24 51.93 -31.93
N ILE D 309 -44.24 52.71 -32.36
CA ILE D 309 -44.06 54.14 -32.52
C ILE D 309 -43.83 54.85 -31.18
N LEU D 310 -44.49 54.36 -30.13
CA LEU D 310 -44.30 54.93 -28.80
C LEU D 310 -42.85 54.81 -28.35
N LYS D 311 -42.27 53.64 -28.61
CA LYS D 311 -40.88 53.39 -28.27
C LYS D 311 -39.96 54.34 -29.05
N GLN D 312 -40.35 54.64 -30.29
CA GLN D 312 -39.55 55.54 -31.11
C GLN D 312 -39.59 56.95 -30.53
N TYR D 313 -40.75 57.37 -30.03
CA TYR D 313 -40.87 58.65 -29.34
C TYR D 313 -40.03 58.64 -28.07
N ILE D 314 -40.16 57.58 -27.29
CA ILE D 314 -39.45 57.46 -26.02
C ILE D 314 -37.94 57.47 -26.22
N GLU D 315 -37.45 56.64 -27.14
CA GLU D 315 -36.01 56.54 -27.37
C GLU D 315 -35.45 57.83 -27.98
N ARG D 316 -36.28 58.53 -28.75
CA ARG D 316 -35.87 59.79 -29.36
C ARG D 316 -35.54 60.81 -28.25
N THR D 317 -36.23 60.68 -27.12
CA THR D 317 -35.97 61.53 -25.96
C THR D 317 -34.82 61.00 -25.11
N LEU D 318 -34.87 59.71 -24.80
CA LEU D 318 -33.86 59.07 -23.95
C LEU D 318 -32.45 59.21 -24.50
N LYS D 319 -32.34 59.21 -25.83
CA LYS D 319 -31.06 59.33 -26.54
C LYS D 319 -30.28 60.58 -26.13
N THR D 320 -30.95 61.53 -25.47
CA THR D 320 -30.37 62.82 -25.17
C THR D 320 -29.68 62.89 -23.80
N GLN D 321 -29.88 61.88 -22.95
CA GLN D 321 -29.24 61.86 -21.64
C GLN D 321 -28.70 60.48 -21.28
N ALA D 322 -27.66 60.46 -20.44
CA ALA D 322 -27.09 59.22 -19.95
C ALA D 322 -28.10 58.47 -19.09
N ALA D 323 -27.87 57.18 -18.89
CA ALA D 323 -28.80 56.34 -18.14
C ALA D 323 -28.99 56.82 -16.70
N GLU D 324 -27.90 57.24 -16.07
CA GLU D 324 -27.92 57.72 -14.70
C GLU D 324 -28.93 58.85 -14.50
N VAL D 325 -28.94 59.79 -15.44
CA VAL D 325 -29.90 60.88 -15.39
C VAL D 325 -31.32 60.34 -15.47
N TRP D 326 -31.59 59.48 -16.45
CA TRP D 326 -32.94 58.96 -16.64
C TRP D 326 -33.43 58.10 -15.48
N LEU D 327 -32.52 57.43 -14.78
CA LEU D 327 -32.89 56.64 -13.62
C LEU D 327 -33.45 57.56 -12.53
N ALA D 328 -32.79 58.70 -12.32
CA ALA D 328 -33.23 59.64 -11.29
C ALA D 328 -34.57 60.30 -11.62
N ARG D 329 -34.71 60.82 -12.83
CA ARG D 329 -35.93 61.54 -13.21
C ARG D 329 -37.16 60.63 -13.24
N ILE D 330 -36.99 59.41 -13.75
CA ILE D 330 -38.09 58.47 -13.84
C ILE D 330 -38.46 57.90 -12.46
N HIS D 331 -37.46 57.77 -11.59
CA HIS D 331 -37.69 57.30 -10.22
C HIS D 331 -38.42 58.37 -9.42
N GLU D 332 -38.00 59.62 -9.61
CA GLU D 332 -38.57 60.77 -8.92
C GLU D 332 -40.09 60.84 -9.04
N VAL D 333 -40.62 60.30 -10.14
CA VAL D 333 -42.04 60.35 -10.41
C VAL D 333 -42.74 59.00 -10.19
N GLY D 334 -42.04 58.05 -9.59
CA GLY D 334 -42.64 56.81 -9.15
C GLY D 334 -42.92 55.76 -10.21
N VAL D 335 -42.22 55.83 -11.34
CA VAL D 335 -42.36 54.82 -12.39
C VAL D 335 -41.23 53.79 -12.28
N PRO D 336 -41.59 52.50 -12.19
CA PRO D 336 -40.61 51.41 -12.07
C PRO D 336 -39.60 51.46 -13.21
N VAL D 337 -38.32 51.52 -12.85
CA VAL D 337 -37.25 51.64 -13.84
C VAL D 337 -35.96 51.06 -13.28
N ALA D 338 -35.12 50.52 -14.16
CA ALA D 338 -33.86 49.90 -13.72
C ALA D 338 -32.86 49.81 -14.87
N PRO D 339 -31.57 49.90 -14.54
CA PRO D 339 -30.53 49.75 -15.58
C PRO D 339 -30.33 48.29 -15.92
N LEU D 340 -29.76 48.02 -17.09
CA LEU D 340 -29.28 46.68 -17.40
C LEU D 340 -27.86 46.60 -16.87
N LEU D 341 -27.63 45.69 -15.94
CA LEU D 341 -26.31 45.53 -15.33
C LEU D 341 -25.64 44.26 -15.82
N SER D 342 -24.31 44.30 -15.91
CA SER D 342 -23.54 43.08 -16.14
C SER D 342 -23.47 42.32 -14.84
N VAL D 343 -23.06 41.05 -14.91
CA VAL D 343 -22.91 40.23 -13.73
C VAL D 343 -21.93 40.87 -12.74
N ALA D 344 -20.87 41.47 -13.29
CA ALA D 344 -19.87 42.15 -12.49
C ALA D 344 -20.49 43.25 -11.63
N GLU D 345 -21.43 43.98 -12.22
CA GLU D 345 -22.09 45.09 -11.52
C GLU D 345 -23.11 44.58 -10.51
N ALA D 346 -23.86 43.53 -10.88
CA ALA D 346 -24.87 42.94 -10.02
C ALA D 346 -24.27 42.49 -8.69
N ILE D 347 -23.20 41.70 -8.76
CA ILE D 347 -22.61 41.12 -7.56
C ILE D 347 -21.94 42.14 -6.64
N LYS D 348 -21.73 43.35 -7.14
CA LYS D 348 -21.06 44.39 -6.35
C LYS D 348 -22.04 45.39 -5.74
N LEU D 349 -23.31 45.30 -6.13
CA LEU D 349 -24.36 46.14 -5.56
C LEU D 349 -24.43 45.91 -4.05
N PRO D 350 -24.70 46.99 -3.28
CA PRO D 350 -24.86 46.90 -1.81
C PRO D 350 -25.92 45.87 -1.41
N GLN D 351 -26.95 45.72 -2.23
CA GLN D 351 -28.02 44.77 -1.96
C GLN D 351 -27.50 43.34 -1.89
N THR D 352 -26.59 43.01 -2.81
CA THR D 352 -25.98 41.68 -2.86
C THR D 352 -25.19 41.42 -1.58
N GLN D 353 -24.46 42.41 -1.11
CA GLN D 353 -23.71 42.30 0.13
C GLN D 353 -24.66 42.14 1.32
N ALA D 354 -25.79 42.84 1.25
CA ALA D 354 -26.77 42.82 2.33
C ALA D 354 -27.43 41.45 2.49
N ARG D 355 -27.54 40.72 1.39
CA ARG D 355 -28.20 39.43 1.40
C ARG D 355 -27.20 38.27 1.49
N ASN D 356 -25.94 38.59 1.74
CA ASN D 356 -24.88 37.59 1.82
C ASN D 356 -24.88 36.67 0.59
N MET D 357 -25.11 37.26 -0.57
CA MET D 357 -25.21 36.49 -1.80
C MET D 357 -23.88 36.35 -2.53
N LEU D 358 -22.83 36.89 -1.91
CA LEU D 358 -21.48 36.59 -2.33
C LEU D 358 -20.72 36.18 -1.08
N ILE D 359 -20.31 34.92 -1.03
CA ILE D 359 -19.59 34.39 0.12
C ILE D 359 -18.19 33.97 -0.32
N GLU D 360 -17.27 33.85 0.62
CA GLU D 360 -15.95 33.32 0.29
C GLU D 360 -15.72 31.94 0.90
N ALA D 361 -15.44 30.97 0.04
CA ALA D 361 -15.17 29.60 0.46
C ALA D 361 -13.80 29.19 -0.05
N GLY D 362 -12.88 28.93 0.87
CA GLY D 362 -11.52 28.58 0.50
C GLY D 362 -10.82 29.73 -0.22
N GLY D 363 -11.11 30.94 0.21
CA GLY D 363 -10.47 32.13 -0.35
C GLY D 363 -11.06 32.62 -1.65
N ILE D 364 -12.03 31.90 -2.19
CA ILE D 364 -12.64 32.26 -3.47
C ILE D 364 -14.06 32.80 -3.28
N MET D 365 -14.38 33.89 -3.99
CA MET D 365 -15.72 34.45 -3.96
C MET D 365 -16.64 33.65 -4.87
N MET D 366 -17.84 33.33 -4.38
CA MET D 366 -18.80 32.53 -5.13
C MET D 366 -20.22 32.83 -4.63
N PRO D 367 -21.25 32.48 -5.43
CA PRO D 367 -22.61 32.87 -5.03
C PRO D 367 -23.08 32.15 -3.77
N GLY D 368 -23.85 32.86 -2.95
CA GLY D 368 -24.34 32.32 -1.70
C GLY D 368 -25.63 31.55 -1.86
N ASN D 369 -26.33 31.36 -0.75
CA ASN D 369 -27.56 30.60 -0.71
C ASN D 369 -28.76 31.53 -0.64
N PRO D 370 -29.60 31.53 -1.68
CA PRO D 370 -30.79 32.39 -1.73
C PRO D 370 -31.88 31.99 -0.73
N ILE D 371 -31.79 30.79 -0.17
CA ILE D 371 -32.78 30.34 0.80
C ILE D 371 -32.45 30.86 2.20
N LYS D 372 -33.09 31.95 2.60
CA LYS D 372 -32.85 32.54 3.91
C LYS D 372 -33.94 32.09 4.86
N ILE D 373 -33.53 31.55 6.00
CA ILE D 373 -34.46 31.05 7.02
C ILE D 373 -34.05 31.55 8.40
N SER D 374 -34.97 32.26 9.07
CA SER D 374 -34.70 32.84 10.37
C SER D 374 -34.23 31.79 11.37
N GLY D 375 -33.13 32.07 12.05
CA GLY D 375 -32.58 31.15 13.04
C GLY D 375 -31.46 30.30 12.48
N CYS D 376 -31.55 29.97 11.19
CA CYS D 376 -30.53 29.17 10.52
C CYS D 376 -29.35 30.04 10.09
N ALA D 377 -28.15 29.64 10.48
CA ALA D 377 -26.95 30.43 10.20
C ALA D 377 -26.71 30.60 8.71
N ASP D 378 -26.20 31.77 8.33
CA ASP D 378 -25.85 32.05 6.94
C ASP D 378 -24.49 32.73 6.91
N PRO D 379 -23.41 31.94 7.08
CA PRO D 379 -22.03 32.44 7.22
C PRO D 379 -21.51 33.07 5.93
N HIS D 380 -20.68 34.10 6.07
CA HIS D 380 -20.05 34.73 4.92
C HIS D 380 -18.78 34.00 4.52
N VAL D 381 -18.12 33.40 5.50
CA VAL D 381 -16.93 32.58 5.24
C VAL D 381 -17.24 31.11 5.43
N MET D 382 -17.13 30.36 4.34
CA MET D 382 -17.43 28.93 4.34
C MET D 382 -16.16 28.13 4.12
N PRO D 383 -16.17 26.84 4.49
CA PRO D 383 -15.06 25.96 4.12
C PRO D 383 -15.03 25.79 2.60
N GLY D 384 -13.84 25.56 2.05
CA GLY D 384 -13.67 25.46 0.61
C GLY D 384 -13.92 24.08 0.05
N ALA D 385 -13.65 23.92 -1.25
CA ALA D 385 -13.85 22.64 -1.92
C ALA D 385 -12.67 21.72 -1.69
N ALA D 386 -12.95 20.44 -1.53
CA ALA D 386 -11.91 19.44 -1.26
C ALA D 386 -11.10 19.12 -2.51
N THR D 387 -9.83 18.76 -2.30
CA THR D 387 -9.02 18.24 -3.39
C THR D 387 -9.46 16.81 -3.64
N LEU D 388 -9.04 16.23 -4.76
CA LEU D 388 -9.47 14.89 -5.12
C LEU D 388 -9.02 13.84 -4.09
N ASP D 389 -10.01 13.17 -3.51
CA ASP D 389 -9.81 12.09 -2.53
C ASP D 389 -9.20 12.58 -1.22
N GLN D 390 -9.27 13.88 -0.97
CA GLN D 390 -8.72 14.50 0.23
C GLN D 390 -9.11 13.77 1.52
N HIS D 391 -10.37 13.34 1.60
CA HIS D 391 -10.87 12.65 2.77
C HIS D 391 -10.87 11.14 2.55
N GLY D 392 -10.05 10.70 1.60
CA GLY D 392 -9.98 9.29 1.23
C GLY D 392 -9.69 8.32 2.36
N GLU D 393 -8.51 8.46 2.97
CA GLU D 393 -8.09 7.57 4.04
C GLU D 393 -9.06 7.59 5.22
N GLN D 394 -9.44 8.78 5.67
CA GLN D 394 -10.31 8.94 6.82
C GLN D 394 -11.67 8.27 6.66
N ILE D 395 -12.26 8.40 5.48
CA ILE D 395 -13.60 7.87 5.24
C ILE D 395 -13.60 6.36 5.07
N ARG D 396 -12.58 5.83 4.39
CA ARG D 396 -12.44 4.39 4.22
C ARG D 396 -12.30 3.70 5.57
N GLN D 397 -11.56 4.32 6.48
CA GLN D 397 -11.40 3.79 7.82
C GLN D 397 -12.69 3.96 8.62
N GLU D 398 -13.43 5.03 8.31
CA GLU D 398 -14.67 5.32 9.01
C GLU D 398 -15.77 4.30 8.68
N PHE D 399 -15.81 3.85 7.44
CA PHE D 399 -16.86 2.94 6.99
C PHE D 399 -16.33 1.55 6.66
N SER D 400 -15.46 1.03 7.51
CA SER D 400 -14.88 -0.30 7.30
C SER D 400 -15.77 -1.40 7.86
N LYS E 27 22.53 10.84 5.42
CA LYS E 27 21.32 10.13 5.01
C LYS E 27 20.83 10.62 3.65
N GLY E 28 21.77 10.82 2.73
CA GLY E 28 21.44 11.27 1.39
C GLY E 28 22.43 12.26 0.82
N PRO E 29 23.11 11.88 -0.28
CA PRO E 29 24.05 12.76 -0.95
C PRO E 29 23.36 13.92 -1.67
N PHE E 30 22.03 13.86 -1.77
CA PHE E 30 21.27 14.91 -2.43
C PHE E 30 20.35 15.64 -1.47
N GLU E 31 20.49 15.37 -0.18
CA GLU E 31 19.70 16.06 0.83
C GLU E 31 19.96 17.56 0.74
N GLY E 32 18.89 18.34 0.65
CA GLY E 32 19.01 19.79 0.53
C GLY E 32 19.04 20.24 -0.92
N LEU E 33 18.85 19.30 -1.84
CA LEU E 33 18.72 19.64 -3.25
C LEU E 33 17.25 19.85 -3.54
N LEU E 34 16.92 20.83 -4.36
CA LEU E 34 15.54 21.07 -4.74
C LEU E 34 15.30 20.74 -6.20
N VAL E 35 14.42 19.77 -6.44
CA VAL E 35 14.10 19.38 -7.81
C VAL E 35 12.64 19.69 -8.13
N ILE E 36 12.43 20.55 -9.11
CA ILE E 36 11.09 20.85 -9.59
C ILE E 36 10.75 19.89 -10.73
N ASP E 37 9.77 19.03 -10.48
CA ASP E 37 9.56 17.85 -11.33
C ASP E 37 8.26 17.94 -12.13
N MET E 38 8.40 18.12 -13.45
CA MET E 38 7.24 18.16 -14.33
C MET E 38 7.06 16.84 -15.08
N THR E 39 7.87 15.84 -14.73
CA THR E 39 7.87 14.57 -15.44
C THR E 39 6.57 13.79 -15.25
N HIS E 40 6.27 12.92 -16.21
CA HIS E 40 5.06 12.12 -16.17
C HIS E 40 5.24 10.76 -16.88
N VAL E 41 4.25 9.89 -16.73
CA VAL E 41 4.32 8.50 -17.18
C VAL E 41 5.47 7.73 -16.50
N LEU E 42 6.44 7.23 -17.26
CA LEU E 42 7.47 6.36 -16.68
C LEU E 42 8.90 6.87 -16.86
N ASN E 43 9.24 7.23 -18.10
CA ASN E 43 10.59 7.66 -18.46
C ASN E 43 11.20 8.72 -17.53
N GLY E 44 10.59 9.89 -17.49
CA GLY E 44 11.02 10.95 -16.60
C GLY E 44 10.94 10.68 -15.10
N PRO E 45 9.77 10.23 -14.60
CA PRO E 45 9.59 9.99 -13.17
C PRO E 45 10.52 8.94 -12.56
N PHE E 46 11.03 8.01 -13.37
CA PHE E 46 11.96 7.00 -12.86
C PHE E 46 13.27 7.68 -12.51
N GLY E 47 13.68 8.64 -13.33
CA GLY E 47 14.89 9.40 -13.09
C GLY E 47 14.82 10.19 -11.80
N THR E 48 13.75 10.98 -11.64
CA THR E 48 13.60 11.82 -10.45
C THR E 48 13.32 11.01 -9.20
N GLN E 49 12.73 9.82 -9.37
CA GLN E 49 12.50 8.92 -8.25
C GLN E 49 13.83 8.48 -7.63
N LEU E 50 14.85 8.35 -8.47
CA LEU E 50 16.18 8.01 -7.99
C LEU E 50 16.76 9.14 -7.15
N LEU E 51 16.55 10.38 -7.59
CA LEU E 51 16.99 11.55 -6.83
C LEU E 51 16.31 11.61 -5.47
N CYS E 52 15.02 11.33 -5.45
CA CYS E 52 14.22 11.40 -4.22
C CYS E 52 14.61 10.31 -3.24
N ASN E 53 14.92 9.12 -3.76
CA ASN E 53 15.37 8.01 -2.94
C ASN E 53 16.61 8.36 -2.14
N MET E 54 17.44 9.21 -2.72
CA MET E 54 18.75 9.49 -2.17
C MET E 54 18.89 10.88 -1.55
N GLY E 55 17.80 11.37 -0.96
CA GLY E 55 17.85 12.60 -0.17
C GLY E 55 17.09 13.79 -0.70
N ALA E 56 17.18 14.01 -2.01
CA ALA E 56 16.63 15.22 -2.65
C ALA E 56 15.15 15.46 -2.37
N ARG E 57 14.77 16.73 -2.29
CA ARG E 57 13.36 17.10 -2.23
C ARG E 57 12.85 17.26 -3.66
N VAL E 58 11.86 16.47 -4.02
CA VAL E 58 11.32 16.50 -5.37
C VAL E 58 9.88 17.00 -5.38
N ILE E 59 9.67 18.15 -6.00
CA ILE E 59 8.35 18.75 -6.10
C ILE E 59 7.71 18.43 -7.45
N LYS E 60 6.70 17.56 -7.44
CA LYS E 60 5.94 17.29 -8.66
C LYS E 60 4.96 18.41 -8.96
N VAL E 61 5.25 19.17 -10.01
CA VAL E 61 4.33 20.18 -10.49
C VAL E 61 3.44 19.56 -11.55
N GLU E 62 2.18 19.32 -11.19
CA GLU E 62 1.24 18.62 -12.05
C GLU E 62 0.25 19.57 -12.72
N PRO E 63 -0.22 19.22 -13.93
CA PRO E 63 -1.13 20.11 -14.66
C PRO E 63 -2.54 20.08 -14.06
N PRO E 64 -3.34 21.11 -14.33
CA PRO E 64 -4.71 21.14 -13.79
C PRO E 64 -5.57 20.03 -14.40
N GLY E 65 -6.50 19.51 -13.62
CA GLY E 65 -7.34 18.42 -14.07
C GLY E 65 -7.07 17.15 -13.28
N HIS E 66 -6.31 16.25 -13.87
CA HIS E 66 -6.05 14.93 -13.26
C HIS E 66 -4.59 14.71 -12.94
N GLY E 67 -3.77 15.75 -13.12
CA GLY E 67 -2.35 15.66 -12.83
C GLY E 67 -1.61 14.75 -13.78
N ASP E 68 -0.57 14.09 -13.25
CA ASP E 68 0.22 13.12 -14.02
C ASP E 68 -0.70 12.07 -14.63
N ASP E 69 -0.40 11.67 -15.87
CA ASP E 69 -1.19 10.68 -16.58
C ASP E 69 -1.30 9.32 -15.85
N THR E 70 -0.28 8.99 -15.05
CA THR E 70 -0.27 7.72 -14.32
C THR E 70 -1.38 7.64 -13.28
N ARG E 71 -1.89 8.79 -12.85
CA ARG E 71 -2.97 8.82 -11.87
C ARG E 71 -4.25 8.17 -12.41
N THR E 72 -4.32 8.00 -13.73
CA THR E 72 -5.51 7.43 -14.35
C THR E 72 -5.23 6.03 -14.91
N PHE E 73 -4.00 5.57 -14.74
CA PHE E 73 -3.61 4.23 -15.20
C PHE E 73 -3.95 3.19 -14.14
N GLY E 74 -5.01 2.41 -14.37
CA GLY E 74 -5.37 1.34 -13.46
C GLY E 74 -4.31 0.26 -13.43
N PRO E 75 -4.39 -0.66 -12.46
CA PRO E 75 -5.44 -0.76 -11.44
C PRO E 75 -5.18 0.12 -10.23
N TYR E 76 -6.21 0.33 -9.42
CA TYR E 76 -6.11 1.22 -8.27
C TYR E 76 -6.12 0.44 -6.96
N VAL E 77 -5.46 1.00 -5.95
CA VAL E 77 -5.50 0.42 -4.61
C VAL E 77 -5.84 1.49 -3.60
N ASP E 78 -6.99 1.35 -2.96
CA ASP E 78 -7.53 2.34 -2.04
C ASP E 78 -7.62 3.72 -2.69
N GLY E 79 -8.17 3.75 -3.90
CA GLY E 79 -8.44 5.00 -4.60
C GLY E 79 -7.25 5.64 -5.28
N GLN E 80 -6.09 5.02 -5.17
CA GLN E 80 -4.87 5.57 -5.77
C GLN E 80 -4.21 4.59 -6.74
N SER E 81 -3.83 5.10 -7.91
CA SER E 81 -3.17 4.30 -8.92
C SER E 81 -1.89 3.68 -8.38
N LEU E 82 -1.82 2.35 -8.46
CA LEU E 82 -0.64 1.62 -8.01
C LEU E 82 0.57 2.03 -8.83
N TYR E 83 0.36 2.15 -10.14
CA TYR E 83 1.42 2.57 -11.06
C TYR E 83 2.00 3.91 -10.65
N TYR E 84 1.13 4.86 -10.32
CA TYR E 84 1.57 6.17 -9.85
C TYR E 84 2.39 6.03 -8.58
N SER E 85 1.90 5.18 -7.68
CA SER E 85 2.53 5.01 -6.36
C SER E 85 3.95 4.46 -6.47
N PHE E 86 4.15 3.54 -7.42
CA PHE E 86 5.44 2.88 -7.59
C PHE E 86 6.59 3.85 -7.86
N ILE E 87 6.37 4.80 -8.78
CA ILE E 87 7.44 5.68 -9.22
C ILE E 87 7.29 7.13 -8.79
N ASN E 88 6.51 7.39 -7.75
CA ASN E 88 6.33 8.76 -7.28
C ASN E 88 6.26 8.93 -5.75
N HIS E 89 6.48 7.86 -5.01
CA HIS E 89 6.48 7.95 -3.55
C HIS E 89 7.60 8.85 -3.07
N GLY E 90 7.31 9.67 -2.06
CA GLY E 90 8.27 10.62 -1.54
C GLY E 90 8.24 11.94 -2.25
N LYS E 91 7.54 12.00 -3.38
CA LYS E 91 7.42 13.23 -4.15
C LYS E 91 6.20 14.03 -3.70
N GLU E 92 6.38 15.35 -3.55
CA GLU E 92 5.29 16.23 -3.18
C GLU E 92 4.48 16.62 -4.40
N SER E 93 3.22 16.98 -4.20
CA SER E 93 2.35 17.34 -5.31
C SER E 93 1.77 18.75 -5.18
N VAL E 94 2.01 19.57 -6.21
CA VAL E 94 1.39 20.89 -6.30
C VAL E 94 0.92 21.12 -7.73
N VAL E 95 -0.33 21.54 -7.88
CA VAL E 95 -0.91 21.78 -9.20
C VAL E 95 -0.73 23.24 -9.63
N LEU E 96 -0.03 23.43 -10.75
CA LEU E 96 0.18 24.77 -11.32
C LEU E 96 -0.23 24.78 -12.78
N ASP E 97 -0.85 25.87 -13.22
CA ASP E 97 -1.36 25.98 -14.58
C ASP E 97 -0.25 26.32 -15.59
N LEU E 98 0.63 27.21 -15.19
CA LEU E 98 1.70 27.75 -16.06
C LEU E 98 1.19 28.68 -17.18
N LYS E 99 -0.07 28.54 -17.55
CA LYS E 99 -0.69 29.46 -18.49
C LYS E 99 -1.36 30.60 -17.71
N ASN E 100 -1.59 30.34 -16.44
CA ASN E 100 -2.13 31.36 -15.53
C ASN E 100 -0.99 32.21 -15.00
N ASP E 101 -1.14 33.53 -15.12
CA ASP E 101 -0.07 34.47 -14.76
C ASP E 101 0.36 34.39 -13.31
N HIS E 102 -0.57 34.11 -12.41
CA HIS E 102 -0.24 34.00 -10.99
C HIS E 102 0.53 32.71 -10.68
N ASP E 103 0.16 31.63 -11.35
CA ASP E 103 0.86 30.35 -11.18
C ASP E 103 2.26 30.40 -11.77
N LYS E 104 2.37 31.00 -12.95
CA LYS E 104 3.64 31.14 -13.64
C LYS E 104 4.62 31.89 -12.76
N SER E 105 4.14 32.95 -12.12
CA SER E 105 4.94 33.72 -11.17
C SER E 105 5.46 32.85 -10.03
N ILE E 106 4.59 32.00 -9.49
CA ILE E 106 4.96 31.08 -8.42
C ILE E 106 6.00 30.06 -8.91
N PHE E 107 5.80 29.58 -10.13
CA PHE E 107 6.70 28.61 -10.75
C PHE E 107 8.10 29.19 -10.91
N ILE E 108 8.17 30.46 -11.31
CA ILE E 108 9.43 31.15 -11.50
C ILE E 108 10.17 31.32 -10.18
N ASN E 109 9.43 31.68 -9.13
CA ASN E 109 9.99 31.80 -7.79
C ASN E 109 10.57 30.47 -7.30
N MET E 110 10.05 29.37 -7.84
CA MET E 110 10.59 28.05 -7.54
C MET E 110 11.92 27.83 -8.27
N LEU E 111 11.94 28.17 -9.56
CA LEU E 111 13.12 27.99 -10.39
C LEU E 111 14.31 28.75 -9.84
N LYS E 112 14.07 29.97 -9.36
CA LYS E 112 15.13 30.79 -8.79
C LYS E 112 15.68 30.21 -7.50
N GLN E 113 15.00 29.21 -6.96
CA GLN E 113 15.45 28.54 -5.73
C GLN E 113 15.66 27.03 -5.95
N ALA E 114 15.58 26.58 -7.21
CA ALA E 114 15.70 25.16 -7.51
C ALA E 114 17.06 24.83 -8.12
N ASP E 115 17.53 23.62 -7.85
CA ASP E 115 18.77 23.12 -8.44
C ASP E 115 18.51 22.47 -9.79
N VAL E 116 17.38 21.77 -9.89
CA VAL E 116 17.05 21.02 -11.10
C VAL E 116 15.61 21.24 -11.55
N LEU E 117 15.43 21.50 -12.84
CA LEU E 117 14.11 21.43 -13.46
C LEU E 117 14.07 20.22 -14.40
N ALA E 118 13.24 19.24 -14.07
CA ALA E 118 13.15 18.02 -14.87
C ALA E 118 11.79 17.92 -15.56
N GLU E 119 11.80 17.54 -16.83
CA GLU E 119 10.56 17.32 -17.56
C GLU E 119 10.73 16.30 -18.68
N ASN E 120 9.62 15.74 -19.15
CA ASN E 120 9.66 14.79 -20.26
C ASN E 120 8.47 14.91 -21.22
N PHE E 121 8.06 16.14 -21.51
CA PHE E 121 7.06 16.38 -22.54
C PHE E 121 7.69 16.16 -23.91
N ARG E 122 6.89 16.33 -24.96
CA ARG E 122 7.43 16.45 -26.30
C ARG E 122 8.37 17.65 -26.34
N PRO E 123 9.45 17.57 -27.12
CA PRO E 123 10.35 18.71 -27.27
C PRO E 123 9.61 19.95 -27.80
N GLY E 124 9.90 21.11 -27.22
CA GLY E 124 9.25 22.34 -27.64
C GLY E 124 8.08 22.72 -26.77
N THR E 125 7.52 21.75 -26.04
CA THR E 125 6.38 22.01 -25.17
C THR E 125 6.70 23.07 -24.13
N MET E 126 7.89 22.98 -23.53
CA MET E 126 8.31 23.95 -22.53
C MET E 126 8.68 25.31 -23.14
N GLU E 127 9.08 25.31 -24.40
CA GLU E 127 9.51 26.56 -25.04
C GLU E 127 8.32 27.45 -25.42
N LYS E 128 7.18 26.85 -25.72
CA LYS E 128 5.98 27.65 -25.99
C LYS E 128 5.07 27.80 -24.77
N LEU E 129 5.61 27.46 -23.61
CA LEU E 129 5.00 27.85 -22.35
C LEU E 129 5.85 28.97 -21.77
N GLY E 130 6.81 29.43 -22.55
CA GLY E 130 7.66 30.56 -22.18
C GLY E 130 8.94 30.17 -21.46
N PHE E 131 9.30 28.89 -21.53
CA PHE E 131 10.46 28.41 -20.80
C PHE E 131 11.43 27.61 -21.66
N SER E 132 12.01 28.25 -22.67
CA SER E 132 13.07 27.66 -23.46
C SER E 132 14.34 27.60 -22.61
N TRP E 133 15.35 26.90 -23.09
CA TRP E 133 16.61 26.80 -22.37
C TRP E 133 17.25 28.18 -22.18
N GLU E 134 17.18 29.00 -23.22
CA GLU E 134 17.70 30.36 -23.19
C GLU E 134 17.11 31.15 -22.02
N THR E 135 15.78 31.19 -21.96
CA THR E 135 15.06 31.89 -20.91
C THR E 135 15.43 31.36 -19.53
N LEU E 136 15.41 30.04 -19.39
CA LEU E 136 15.68 29.37 -18.12
C LEU E 136 17.05 29.74 -17.55
N GLN E 137 18.01 30.02 -18.42
CA GLN E 137 19.34 30.44 -17.98
C GLN E 137 19.30 31.85 -17.43
N GLU E 138 18.55 32.73 -18.09
CA GLU E 138 18.38 34.10 -17.62
C GLU E 138 17.65 34.13 -16.29
N ILE E 139 16.70 33.21 -16.12
CA ILE E 139 15.96 33.08 -14.88
C ILE E 139 16.87 32.64 -13.74
N ASN E 140 17.68 31.61 -14.01
CA ASN E 140 18.61 31.07 -13.03
C ASN E 140 19.80 30.38 -13.71
N PRO E 141 20.95 31.07 -13.75
CA PRO E 141 22.17 30.58 -14.41
C PRO E 141 22.70 29.28 -13.81
N ARG E 142 22.29 28.98 -12.58
CA ARG E 142 22.79 27.79 -11.89
C ARG E 142 21.81 26.61 -11.98
N LEU E 143 20.76 26.77 -12.78
CA LEU E 143 19.71 25.76 -12.87
C LEU E 143 20.05 24.65 -13.86
N ILE E 144 19.93 23.40 -13.42
CA ILE E 144 20.11 22.24 -14.29
C ILE E 144 18.79 21.92 -14.98
N TYR E 145 18.76 22.06 -16.30
CA TYR E 145 17.57 21.74 -17.07
C TYR E 145 17.68 20.32 -17.65
N ALA E 146 16.87 19.40 -17.13
CA ALA E 146 16.97 18.00 -17.50
C ALA E 146 15.75 17.52 -18.27
N SER E 147 15.95 17.21 -19.55
CA SER E 147 14.87 16.74 -20.39
C SER E 147 15.08 15.30 -20.84
N SER E 148 14.00 14.54 -20.86
CA SER E 148 14.03 13.19 -21.41
C SER E 148 12.89 13.06 -22.40
N SER E 149 13.20 12.60 -23.61
CA SER E 149 12.18 12.43 -24.62
C SER E 149 12.47 11.20 -25.45
N GLY E 150 11.62 10.94 -26.43
CA GLY E 150 11.79 9.76 -27.27
C GLY E 150 13.09 9.78 -28.05
N PHE E 151 13.37 10.89 -28.72
CA PHE E 151 14.53 10.97 -29.59
C PHE E 151 15.47 12.13 -29.26
N GLY E 152 15.20 12.82 -28.15
CA GLY E 152 15.99 13.97 -27.76
C GLY E 152 15.40 15.27 -28.28
N HIS E 153 16.02 16.39 -27.93
CA HIS E 153 15.53 17.70 -28.36
C HIS E 153 16.14 18.13 -29.69
N THR E 154 16.88 17.25 -30.34
CA THR E 154 17.49 17.55 -31.63
C THR E 154 17.29 16.42 -32.63
N GLY E 155 17.58 16.70 -33.89
CA GLY E 155 17.51 15.69 -34.94
C GLY E 155 16.16 15.67 -35.63
N PRO E 156 16.08 14.98 -36.78
CA PRO E 156 14.88 14.87 -37.61
C PRO E 156 13.68 14.24 -36.92
N LEU E 157 13.91 13.43 -35.89
CA LEU E 157 12.81 12.70 -35.25
C LEU E 157 12.38 13.27 -33.90
N LYS E 158 12.87 14.45 -33.56
CA LYS E 158 12.63 15.01 -32.23
C LYS E 158 11.14 15.17 -31.89
N ASP E 159 10.31 15.37 -32.90
CA ASP E 159 8.88 15.53 -32.70
C ASP E 159 8.08 14.25 -32.96
N ALA E 160 8.79 13.18 -33.31
CA ALA E 160 8.14 11.91 -33.62
C ALA E 160 7.57 11.24 -32.38
N PRO E 161 6.44 10.53 -32.54
CA PRO E 161 5.86 9.70 -31.47
C PRO E 161 6.87 8.67 -31.00
N ALA E 162 6.87 8.38 -29.70
CA ALA E 162 7.89 7.51 -29.13
C ALA E 162 7.49 6.79 -27.85
N TYR E 163 6.50 5.92 -27.95
CA TYR E 163 6.19 5.00 -26.87
C TYR E 163 7.37 4.04 -26.71
N ASP E 164 7.45 3.39 -25.56
CA ASP E 164 8.53 2.45 -25.30
C ASP E 164 8.64 1.39 -26.38
N THR E 165 7.49 0.85 -26.79
CA THR E 165 7.43 -0.20 -27.78
C THR E 165 7.94 0.27 -29.14
N ILE E 166 7.71 1.54 -29.45
CA ILE E 166 8.21 2.14 -30.69
C ILE E 166 9.74 2.17 -30.69
N ILE E 167 10.32 2.56 -29.57
CA ILE E 167 11.77 2.68 -29.45
C ILE E 167 12.45 1.31 -29.48
N GLN E 168 11.87 0.32 -28.80
CA GLN E 168 12.40 -1.03 -28.84
C GLN E 168 12.44 -1.53 -30.28
N ALA E 169 11.36 -1.29 -31.02
CA ALA E 169 11.24 -1.72 -32.41
C ALA E 169 12.30 -1.08 -33.30
N MET E 170 12.49 0.23 -33.15
CA MET E 170 13.39 0.97 -34.01
C MET E 170 14.87 0.84 -33.63
N SER E 171 15.14 0.44 -32.40
CA SER E 171 16.51 0.39 -31.91
C SER E 171 17.24 -0.86 -32.39
N GLY E 172 16.48 -1.92 -32.66
CA GLY E 172 17.06 -3.17 -33.08
C GLY E 172 16.96 -4.24 -32.00
N ILE E 173 16.52 -3.84 -30.82
CA ILE E 173 16.50 -4.74 -29.66
C ILE E 173 15.44 -5.84 -29.79
N MET E 174 14.31 -5.52 -30.40
CA MET E 174 13.28 -6.52 -30.63
C MET E 174 13.82 -7.62 -31.52
N MET E 175 14.57 -7.21 -32.54
CA MET E 175 15.14 -8.14 -33.51
C MET E 175 16.14 -9.09 -32.85
N GLU E 176 16.82 -8.62 -31.81
CA GLU E 176 17.83 -9.42 -31.13
C GLU E 176 17.25 -10.34 -30.07
N THR E 177 15.95 -10.20 -29.79
CA THR E 177 15.35 -10.86 -28.64
C THR E 177 14.41 -12.01 -29.02
N GLY E 178 14.60 -13.15 -28.35
CA GLY E 178 13.78 -14.32 -28.60
C GLY E 178 14.59 -15.44 -29.21
N TYR E 179 13.97 -16.60 -29.38
CA TYR E 179 14.62 -17.73 -30.03
C TYR E 179 14.92 -17.41 -31.49
N PRO E 180 16.08 -17.88 -31.99
CA PRO E 180 16.58 -17.52 -33.33
C PRO E 180 15.64 -17.80 -34.51
N ASP E 181 14.70 -18.72 -34.34
CA ASP E 181 13.76 -19.03 -35.42
C ASP E 181 12.36 -18.49 -35.16
N ALA E 182 12.10 -18.11 -33.92
CA ALA E 182 10.82 -17.51 -33.54
C ALA E 182 10.73 -16.08 -34.06
N PRO E 183 9.50 -15.53 -34.15
CA PRO E 183 9.34 -14.13 -34.57
C PRO E 183 9.95 -13.17 -33.55
N PRO E 184 10.32 -11.94 -33.99
CA PRO E 184 10.92 -10.95 -33.11
C PRO E 184 10.00 -10.63 -31.92
N VAL E 185 10.58 -10.21 -30.80
CA VAL E 185 9.77 -9.94 -29.62
C VAL E 185 10.35 -8.84 -28.74
N ARG E 186 9.45 -8.11 -28.09
CA ARG E 186 9.78 -7.06 -27.15
C ARG E 186 10.45 -7.68 -25.92
N VAL E 187 11.42 -6.99 -25.34
CA VAL E 187 11.99 -7.43 -24.09
C VAL E 187 10.91 -7.30 -23.00
N GLY E 188 11.01 -8.12 -21.96
CA GLY E 188 9.94 -8.25 -20.99
C GLY E 188 9.73 -7.09 -20.02
N THR E 189 10.17 -5.90 -20.41
CA THR E 189 9.98 -4.71 -19.59
C THR E 189 10.08 -3.48 -20.47
N SER E 190 9.76 -2.31 -19.91
CA SER E 190 9.84 -1.06 -20.67
C SER E 190 11.29 -0.57 -20.70
N LEU E 191 12.13 -1.31 -21.42
CA LEU E 191 13.57 -1.07 -21.44
C LEU E 191 13.95 0.35 -21.85
N ALA E 192 13.32 0.86 -22.92
CA ALA E 192 13.63 2.18 -23.44
C ALA E 192 13.33 3.26 -22.41
N ASP E 193 12.15 3.18 -21.80
CA ASP E 193 11.74 4.13 -20.77
C ASP E 193 12.72 4.11 -19.60
N LEU E 194 13.05 2.91 -19.14
CA LEU E 194 13.92 2.75 -17.98
C LEU E 194 15.36 3.19 -18.25
N CYS E 195 15.86 2.86 -19.45
CA CYS E 195 17.18 3.32 -19.88
C CYS E 195 17.20 4.83 -19.94
N GLY E 196 16.13 5.42 -20.48
CA GLY E 196 15.98 6.86 -20.53
C GLY E 196 16.02 7.41 -19.12
N GLY E 197 15.29 6.77 -18.22
CA GLY E 197 15.22 7.21 -16.84
C GLY E 197 16.55 7.21 -16.11
N VAL E 198 17.27 6.09 -16.16
CA VAL E 198 18.53 5.97 -15.43
C VAL E 198 19.62 6.88 -16.01
N TYR E 199 19.56 7.13 -17.31
CA TYR E 199 20.49 8.05 -17.95
C TYR E 199 20.15 9.51 -17.65
N LEU E 200 18.85 9.78 -17.46
CA LEU E 200 18.40 11.10 -17.08
C LEU E 200 18.97 11.41 -15.70
N PHE E 201 18.84 10.44 -14.80
CA PHE E 201 19.41 10.54 -13.47
C PHE E 201 20.92 10.72 -13.52
N SER E 202 21.57 9.93 -14.37
CA SER E 202 23.02 9.99 -14.53
C SER E 202 23.47 11.35 -15.06
N GLY E 203 22.69 11.91 -15.97
CA GLY E 203 23.00 13.21 -16.54
C GLY E 203 22.88 14.32 -15.51
N ILE E 204 21.79 14.29 -14.74
CA ILE E 204 21.53 15.29 -13.72
C ILE E 204 22.65 15.39 -12.69
N VAL E 205 23.05 14.24 -12.14
CA VAL E 205 24.05 14.20 -11.10
C VAL E 205 25.45 14.56 -11.61
N SER E 206 25.69 14.33 -12.91
CA SER E 206 26.95 14.71 -13.53
C SER E 206 26.99 16.21 -13.74
N ALA E 207 25.84 16.78 -14.10
CA ALA E 207 25.72 18.22 -14.26
C ALA E 207 25.84 18.91 -12.90
N LEU E 208 25.43 18.20 -11.85
CA LEU E 208 25.51 18.72 -10.49
C LEU E 208 26.93 18.67 -9.95
N TYR E 209 27.69 17.65 -10.34
CA TYR E 209 29.09 17.58 -9.95
C TYR E 209 29.88 18.66 -10.67
N GLY E 210 29.72 18.74 -11.98
CA GLY E 210 30.43 19.72 -12.79
C GLY E 210 30.11 21.15 -12.42
N ARG E 211 28.91 21.37 -11.89
CA ARG E 211 28.49 22.71 -11.50
C ARG E 211 29.25 23.19 -10.28
N GLU E 212 29.62 22.26 -9.40
CA GLU E 212 30.28 22.60 -8.14
C GLU E 212 31.65 23.26 -8.31
N LYS E 213 32.10 23.40 -9.55
CA LYS E 213 33.38 24.03 -9.83
C LYS E 213 33.25 25.08 -10.93
N SER E 214 32.44 24.79 -11.94
CA SER E 214 32.21 25.73 -13.03
C SER E 214 31.17 26.77 -12.62
N GLN E 215 30.42 26.46 -11.55
CA GLN E 215 29.39 27.35 -11.01
C GLN E 215 28.32 27.73 -12.02
N ARG E 216 28.12 26.89 -13.02
CA ARG E 216 27.12 27.14 -14.05
C ARG E 216 26.27 25.90 -14.28
N GLY E 217 24.97 26.11 -14.56
CA GLY E 217 24.09 25.01 -14.86
C GLY E 217 24.19 24.62 -16.32
N ALA E 218 23.48 23.55 -16.70
CA ALA E 218 23.51 23.07 -18.08
C ALA E 218 22.21 22.38 -18.45
N HIS E 219 22.05 22.10 -19.74
CA HIS E 219 20.89 21.35 -20.22
C HIS E 219 21.25 19.89 -20.48
N VAL E 220 20.69 18.99 -19.68
CA VAL E 220 20.87 17.56 -19.90
C VAL E 220 19.78 17.09 -20.86
N ASP E 221 20.20 16.55 -22.01
CA ASP E 221 19.27 16.20 -23.07
C ASP E 221 19.30 14.71 -23.39
N ILE E 222 18.40 13.95 -22.76
CA ILE E 222 18.37 12.50 -22.88
C ILE E 222 17.36 11.98 -23.89
N ALA E 223 17.80 11.07 -24.76
CA ALA E 223 16.91 10.41 -25.70
C ALA E 223 16.74 8.94 -25.34
N MET E 224 15.50 8.49 -25.29
CA MET E 224 15.19 7.08 -25.04
C MET E 224 15.82 6.23 -26.13
N PHE E 225 15.85 6.76 -27.34
CA PHE E 225 16.43 6.06 -28.49
C PHE E 225 17.93 5.85 -28.31
N ASP E 226 18.65 6.93 -27.99
CA ASP E 226 20.08 6.85 -27.74
C ASP E 226 20.37 5.90 -26.58
N ALA E 227 19.59 6.03 -25.52
CA ALA E 227 19.73 5.22 -24.32
C ALA E 227 19.63 3.73 -24.65
N THR E 228 18.65 3.37 -25.48
CA THR E 228 18.45 1.98 -25.86
C THR E 228 19.57 1.48 -26.76
N LEU E 229 20.00 2.32 -27.70
CA LEU E 229 21.13 1.98 -28.57
C LEU E 229 22.36 1.66 -27.73
N SER E 230 22.54 2.39 -26.64
CA SER E 230 23.71 2.21 -25.78
C SER E 230 23.70 0.86 -25.07
N PHE E 231 22.56 0.17 -25.11
CA PHE E 231 22.41 -1.14 -24.45
C PHE E 231 22.46 -2.31 -25.43
N LEU E 232 22.73 -2.04 -26.71
CA LEU E 232 22.71 -3.08 -27.72
C LEU E 232 23.85 -4.10 -27.56
N GLU E 233 25.00 -3.62 -27.08
CA GLU E 233 26.12 -4.49 -26.72
C GLU E 233 26.58 -5.41 -27.86
N HIS E 234 26.21 -6.69 -27.77
CA HIS E 234 26.70 -7.68 -28.72
C HIS E 234 26.00 -7.59 -30.06
N GLY E 235 24.73 -7.18 -30.05
CA GLY E 235 23.97 -7.04 -31.28
C GLY E 235 24.65 -6.08 -32.24
N LEU E 236 25.27 -5.04 -31.70
CA LEU E 236 25.94 -4.02 -32.49
C LEU E 236 27.37 -4.41 -32.83
N MET E 237 28.12 -4.84 -31.83
CA MET E 237 29.53 -5.20 -32.01
C MET E 237 29.68 -6.35 -32.99
N ALA E 238 28.77 -7.31 -32.94
CA ALA E 238 28.81 -8.45 -33.85
C ALA E 238 28.53 -8.04 -35.27
N TYR E 239 27.72 -6.99 -35.46
CA TYR E 239 27.47 -6.47 -36.80
C TYR E 239 28.66 -5.69 -37.33
N ILE E 240 29.25 -4.86 -36.48
CA ILE E 240 30.46 -4.12 -36.83
C ILE E 240 31.57 -5.11 -37.17
N ALA E 241 31.60 -6.23 -36.45
CA ALA E 241 32.59 -7.27 -36.67
C ALA E 241 32.40 -7.99 -37.99
N THR E 242 31.27 -8.68 -38.13
CA THR E 242 30.97 -9.41 -39.36
C THR E 242 30.35 -8.50 -40.41
N GLY E 243 29.05 -8.27 -40.27
CA GLY E 243 28.30 -7.47 -41.22
C GLY E 243 26.88 -7.98 -41.28
N LYS E 244 26.61 -9.03 -40.50
CA LYS E 244 25.28 -9.61 -40.44
C LYS E 244 24.51 -9.08 -39.23
N SER E 245 23.19 -9.01 -39.39
CA SER E 245 22.30 -8.50 -38.35
C SER E 245 20.87 -8.90 -38.72
N PRO E 246 20.08 -9.35 -37.74
CA PRO E 246 20.39 -9.46 -36.30
C PRO E 246 21.21 -10.69 -35.96
N GLN E 247 21.46 -10.90 -34.68
CA GLN E 247 22.23 -12.05 -34.23
C GLN E 247 21.31 -13.17 -33.76
N ARG E 248 20.32 -12.81 -32.95
CA ARG E 248 19.34 -13.76 -32.39
C ARG E 248 20.00 -15.03 -31.87
N LEU E 249 20.68 -14.93 -30.74
CA LEU E 249 21.35 -16.07 -30.17
C LEU E 249 20.43 -16.81 -29.21
N GLY E 250 19.32 -16.17 -28.86
CA GLY E 250 18.43 -16.71 -27.86
C GLY E 250 19.15 -16.76 -26.53
N ASN E 251 19.13 -17.92 -25.89
CA ASN E 251 19.68 -18.07 -24.54
C ASN E 251 21.19 -18.31 -24.49
N ARG E 252 21.77 -18.76 -25.60
CA ARG E 252 23.16 -19.22 -25.58
C ARG E 252 24.20 -18.10 -25.76
N HIS E 253 25.30 -18.21 -25.03
CA HIS E 253 26.39 -17.25 -25.11
C HIS E 253 27.06 -17.31 -26.48
N PRO E 254 27.50 -16.16 -27.00
CA PRO E 254 28.17 -16.12 -28.30
C PRO E 254 29.57 -16.74 -28.30
N TYR E 255 30.23 -16.80 -27.15
CA TYR E 255 31.64 -17.18 -27.12
C TYR E 255 32.01 -18.32 -26.15
N MET E 256 31.03 -18.84 -25.42
CA MET E 256 31.29 -19.93 -24.47
C MET E 256 30.22 -21.01 -24.54
N ALA E 257 30.63 -22.27 -24.36
CA ALA E 257 29.71 -23.40 -24.41
C ALA E 257 30.23 -24.57 -23.57
N PRO E 258 29.32 -25.29 -22.87
CA PRO E 258 27.88 -25.03 -22.83
C PRO E 258 27.54 -23.89 -21.87
N PHE E 259 26.77 -22.94 -22.37
CA PHE E 259 26.46 -21.71 -21.67
C PHE E 259 25.15 -21.25 -22.29
N ASP E 260 24.04 -21.68 -21.68
CA ASP E 260 22.76 -21.67 -22.35
C ASP E 260 21.68 -21.95 -21.32
N VAL E 261 20.44 -22.04 -21.77
CA VAL E 261 19.35 -22.53 -20.92
C VAL E 261 18.98 -23.96 -21.37
N PHE E 262 18.82 -24.86 -20.41
CA PHE E 262 18.61 -26.27 -20.73
C PHE E 262 17.35 -26.80 -20.07
N ASN E 263 16.56 -27.55 -20.83
CA ASN E 263 15.37 -28.20 -20.28
C ASN E 263 15.70 -29.45 -19.47
N THR E 264 15.09 -29.57 -18.29
CA THR E 264 15.21 -30.78 -17.50
C THR E 264 13.93 -31.59 -17.66
N GLN E 265 13.68 -32.52 -16.74
CA GLN E 265 12.43 -33.28 -16.79
C GLN E 265 11.24 -32.35 -16.57
N ASP E 266 11.29 -31.56 -15.49
CA ASP E 266 10.22 -30.61 -15.20
C ASP E 266 10.43 -29.24 -15.86
N LYS E 267 11.32 -28.43 -15.30
CA LYS E 267 11.46 -27.04 -15.75
C LYS E 267 12.89 -26.68 -16.15
N PRO E 268 13.07 -25.61 -16.96
CA PRO E 268 14.40 -25.23 -17.44
C PRO E 268 15.33 -24.69 -16.37
N ILE E 269 16.63 -24.87 -16.58
CA ILE E 269 17.67 -24.30 -15.72
C ILE E 269 18.74 -23.66 -16.58
N THR E 270 19.54 -22.79 -15.98
CA THR E 270 20.65 -22.20 -16.70
C THR E 270 21.96 -22.85 -16.27
N ILE E 271 22.77 -23.27 -17.25
CA ILE E 271 24.09 -23.82 -16.97
C ILE E 271 25.13 -22.98 -17.70
N CYS E 272 26.13 -22.50 -16.97
CA CYS E 272 27.13 -21.61 -17.56
C CYS E 272 28.55 -22.14 -17.38
N CYS E 273 29.03 -22.91 -18.35
CA CYS E 273 30.37 -23.47 -18.30
C CYS E 273 31.33 -22.65 -19.14
N GLY E 274 31.93 -21.64 -18.51
CA GLY E 274 32.79 -20.69 -19.21
C GLY E 274 34.14 -21.21 -19.68
N ASN E 275 34.59 -22.32 -19.12
CA ASN E 275 35.91 -22.87 -19.46
C ASN E 275 35.97 -24.39 -19.39
N ASP E 276 37.13 -24.94 -19.73
CA ASP E 276 37.34 -26.38 -19.74
C ASP E 276 37.17 -27.01 -18.36
N LYS E 277 37.65 -26.30 -17.34
CA LYS E 277 37.54 -26.76 -15.96
C LYS E 277 36.10 -26.98 -15.58
N LEU E 278 35.26 -26.00 -15.87
CA LEU E 278 33.85 -26.08 -15.54
C LEU E 278 33.13 -27.15 -16.38
N PHE E 279 33.60 -27.34 -17.61
CA PHE E 279 32.99 -28.36 -18.47
C PHE E 279 33.25 -29.76 -17.98
N SER E 280 34.49 -30.04 -17.59
CA SER E 280 34.85 -31.34 -17.03
C SER E 280 34.02 -31.67 -15.79
N ALA E 281 33.79 -30.66 -14.97
CA ALA E 281 32.99 -30.82 -13.75
C ALA E 281 31.53 -31.10 -14.07
N LEU E 282 31.01 -30.43 -15.10
CA LEU E 282 29.64 -30.67 -15.54
C LEU E 282 29.48 -32.11 -16.02
N CYS E 283 30.45 -32.58 -16.79
CA CYS E 283 30.44 -33.95 -17.29
C CYS E 283 30.50 -34.97 -16.16
N GLN E 284 31.27 -34.66 -15.12
CA GLN E 284 31.34 -35.53 -13.95
C GLN E 284 30.00 -35.56 -13.24
N ALA E 285 29.38 -34.40 -13.13
CA ALA E 285 28.08 -34.28 -12.46
C ALA E 285 26.98 -34.99 -13.22
N LEU E 286 27.05 -34.94 -14.56
CA LEU E 286 26.01 -35.54 -15.39
C LEU E 286 26.38 -36.94 -15.87
N GLU E 287 27.51 -37.45 -15.39
CA GLU E 287 28.02 -38.76 -15.82
C GLU E 287 28.16 -38.85 -17.33
N LEU E 288 28.70 -37.80 -17.93
CA LEU E 288 28.98 -37.78 -19.35
C LEU E 288 30.49 -37.83 -19.52
N THR E 289 31.08 -38.91 -19.01
CA THR E 289 32.51 -39.08 -19.02
C THR E 289 33.07 -39.28 -20.42
N GLU E 290 32.21 -39.70 -21.35
CA GLU E 290 32.65 -39.99 -22.71
C GLU E 290 32.86 -38.73 -23.54
N LEU E 291 32.33 -37.61 -23.07
CA LEU E 291 32.34 -36.37 -23.85
C LEU E 291 33.51 -35.44 -23.52
N VAL E 292 34.08 -35.58 -22.33
CA VAL E 292 35.08 -34.64 -21.85
C VAL E 292 36.29 -34.50 -22.77
N ASN E 293 36.73 -35.61 -23.34
CA ASN E 293 37.85 -35.59 -24.26
C ASN E 293 37.45 -36.03 -25.66
N ASP E 294 36.16 -35.94 -25.95
CA ASP E 294 35.64 -36.16 -27.29
C ASP E 294 36.19 -35.07 -28.19
N PRO E 295 36.66 -35.46 -29.39
CA PRO E 295 37.26 -34.52 -30.36
C PRO E 295 36.35 -33.35 -30.74
N ARG E 296 35.05 -33.50 -30.51
CA ARG E 296 34.10 -32.44 -30.83
C ARG E 296 34.01 -31.39 -29.73
N PHE E 297 34.37 -31.77 -28.50
CA PHE E 297 34.09 -30.95 -27.33
C PHE E 297 35.29 -30.65 -26.44
N SER E 298 36.49 -31.00 -26.89
CA SER E 298 37.68 -30.94 -26.04
C SER E 298 38.14 -29.53 -25.65
N SER E 299 37.64 -28.51 -26.34
CA SER E 299 37.99 -27.13 -26.02
C SER E 299 36.75 -26.25 -26.09
N ASN E 300 36.83 -25.06 -25.51
CA ASN E 300 35.71 -24.13 -25.52
C ASN E 300 35.29 -23.75 -26.94
N ILE E 301 36.28 -23.44 -27.77
CA ILE E 301 36.01 -23.05 -29.15
C ILE E 301 35.33 -24.17 -29.94
N LEU E 302 35.73 -25.41 -29.68
CA LEU E 302 35.09 -26.56 -30.32
C LEU E 302 33.66 -26.74 -29.83
N ARG E 303 33.45 -26.54 -28.53
CA ARG E 303 32.12 -26.67 -27.94
C ARG E 303 31.18 -25.58 -28.45
N VAL E 304 31.72 -24.39 -28.70
CA VAL E 304 30.94 -23.32 -29.31
C VAL E 304 30.56 -23.71 -30.73
N GLN E 305 31.56 -24.23 -31.46
CA GLN E 305 31.37 -24.68 -32.83
C GLN E 305 30.33 -25.80 -32.91
N ASN E 306 30.36 -26.69 -31.93
CA ASN E 306 29.48 -27.86 -31.91
C ASN E 306 28.42 -27.78 -30.81
N GLN E 307 27.96 -26.57 -30.51
CA GLN E 307 27.05 -26.35 -29.38
C GLN E 307 25.71 -27.08 -29.52
N ALA E 308 25.20 -27.16 -30.74
CA ALA E 308 23.88 -27.72 -30.98
C ALA E 308 23.80 -29.19 -30.61
N ILE E 309 24.79 -29.97 -31.05
CA ILE E 309 24.81 -31.39 -30.76
C ILE E 309 25.19 -31.65 -29.30
N LEU E 310 26.01 -30.77 -28.73
CA LEU E 310 26.37 -30.89 -27.32
C LEU E 310 25.14 -30.72 -26.44
N LYS E 311 24.31 -29.73 -26.78
CA LYS E 311 23.08 -29.48 -26.04
C LYS E 311 22.13 -30.67 -26.13
N GLN E 312 22.14 -31.35 -27.26
CA GLN E 312 21.31 -32.54 -27.46
C GLN E 312 21.74 -33.64 -26.49
N TYR E 313 23.05 -33.77 -26.29
CA TYR E 313 23.59 -34.73 -25.34
C TYR E 313 23.23 -34.39 -23.91
N ILE E 314 23.39 -33.12 -23.55
CA ILE E 314 23.18 -32.66 -22.19
C ILE E 314 21.71 -32.77 -21.77
N GLU E 315 20.81 -32.24 -22.60
CA GLU E 315 19.39 -32.25 -22.29
C GLU E 315 18.82 -33.66 -22.17
N ARG E 316 19.27 -34.56 -23.04
CA ARG E 316 18.74 -35.93 -23.03
C ARG E 316 19.09 -36.68 -21.75
N THR E 317 20.15 -36.24 -21.08
CA THR E 317 20.47 -36.74 -19.74
C THR E 317 19.72 -35.95 -18.68
N LEU E 318 19.65 -34.63 -18.87
CA LEU E 318 18.95 -33.75 -17.93
C LEU E 318 17.47 -34.09 -17.79
N LYS E 319 16.88 -34.60 -18.85
CA LYS E 319 15.46 -34.93 -18.85
C LYS E 319 15.12 -36.12 -17.95
N THR E 320 16.14 -36.77 -17.40
CA THR E 320 15.93 -37.97 -16.60
C THR E 320 15.76 -37.69 -15.11
N GLN E 321 15.92 -36.44 -14.70
CA GLN E 321 15.71 -36.04 -13.31
C GLN E 321 15.04 -34.67 -13.25
N ALA E 322 14.42 -34.35 -12.11
CA ALA E 322 13.83 -33.05 -11.90
C ALA E 322 14.91 -31.96 -11.93
N ALA E 323 14.49 -30.71 -12.09
CA ALA E 323 15.43 -29.60 -12.07
C ALA E 323 16.05 -29.46 -10.70
N GLU E 324 15.24 -29.66 -9.67
CA GLU E 324 15.68 -29.51 -8.29
C GLU E 324 16.81 -30.48 -7.94
N VAL E 325 16.85 -31.61 -8.65
CA VAL E 325 17.93 -32.57 -8.47
C VAL E 325 19.22 -32.05 -9.11
N TRP E 326 19.12 -31.63 -10.37
CA TRP E 326 20.29 -31.12 -11.08
C TRP E 326 20.88 -29.87 -10.43
N LEU E 327 20.02 -29.01 -9.90
CA LEU E 327 20.47 -27.83 -9.18
C LEU E 327 21.40 -28.19 -8.04
N ALA E 328 21.10 -29.31 -7.38
CA ALA E 328 21.92 -29.78 -6.26
C ALA E 328 23.21 -30.43 -6.74
N ARG E 329 23.11 -31.28 -7.75
CA ARG E 329 24.26 -32.05 -8.23
C ARG E 329 25.27 -31.17 -8.97
N ILE E 330 24.75 -30.27 -9.82
CA ILE E 330 25.59 -29.37 -10.59
C ILE E 330 26.28 -28.33 -9.69
N HIS E 331 25.55 -27.79 -8.72
CA HIS E 331 26.15 -26.84 -7.79
C HIS E 331 27.21 -27.51 -6.92
N GLU E 332 26.97 -28.78 -6.58
CA GLU E 332 27.86 -29.55 -5.72
C GLU E 332 29.28 -29.62 -6.30
N VAL E 333 29.38 -29.72 -7.62
CA VAL E 333 30.68 -29.78 -8.27
C VAL E 333 31.19 -28.40 -8.69
N GLY E 334 30.49 -27.36 -8.23
CA GLY E 334 30.96 -26.00 -8.39
C GLY E 334 30.72 -25.36 -9.75
N VAL E 335 29.80 -25.91 -10.53
CA VAL E 335 29.45 -25.32 -11.82
C VAL E 335 28.32 -24.31 -11.63
N PRO E 336 28.50 -23.09 -12.15
CA PRO E 336 27.48 -22.04 -12.10
C PRO E 336 26.17 -22.50 -12.73
N VAL E 337 25.09 -22.49 -11.95
CA VAL E 337 23.81 -23.00 -12.38
C VAL E 337 22.68 -22.26 -11.66
N ALA E 338 21.51 -22.13 -12.30
CA ALA E 338 20.40 -21.41 -11.70
C ALA E 338 19.05 -21.81 -12.29
N PRO E 339 17.98 -21.74 -11.47
CA PRO E 339 16.62 -21.93 -11.98
C PRO E 339 16.13 -20.64 -12.63
N LEU E 340 15.13 -20.73 -13.50
CA LEU E 340 14.49 -19.55 -14.04
C LEU E 340 13.30 -19.20 -13.15
N LEU E 341 13.46 -18.21 -12.30
CA LEU E 341 12.41 -17.85 -11.35
C LEU E 341 11.40 -16.88 -11.94
N SER E 342 10.24 -16.81 -11.30
CA SER E 342 9.27 -15.76 -11.60
C SER E 342 9.65 -14.52 -10.79
N VAL E 343 9.05 -13.39 -11.10
CA VAL E 343 9.28 -12.18 -10.33
C VAL E 343 8.83 -12.42 -8.88
N ALA E 344 7.69 -13.10 -8.74
CA ALA E 344 7.15 -13.44 -7.44
C ALA E 344 8.17 -14.16 -6.56
N GLU E 345 8.86 -15.14 -7.14
CA GLU E 345 9.86 -15.91 -6.41
C GLU E 345 11.11 -15.08 -6.12
N ALA E 346 11.53 -14.29 -7.10
CA ALA E 346 12.74 -13.48 -6.99
C ALA E 346 12.70 -12.51 -5.81
N ILE E 347 11.61 -11.76 -5.69
CA ILE E 347 11.51 -10.71 -4.67
C ILE E 347 11.41 -11.27 -3.25
N LYS E 348 11.17 -12.57 -3.14
CA LYS E 348 11.04 -13.20 -1.83
C LYS E 348 12.34 -13.86 -1.35
N LEU E 349 13.31 -13.96 -2.25
CA LEU E 349 14.61 -14.54 -1.92
C LEU E 349 15.25 -13.83 -0.74
N PRO E 350 15.97 -14.59 0.10
CA PRO E 350 16.74 -14.00 1.21
C PRO E 350 17.69 -12.91 0.74
N GLN E 351 18.29 -13.08 -0.43
CA GLN E 351 19.19 -12.05 -0.98
C GLN E 351 18.46 -10.74 -1.23
N THR E 352 17.24 -10.83 -1.75
CA THR E 352 16.41 -9.64 -1.99
C THR E 352 16.20 -8.87 -0.69
N GLN E 353 15.93 -9.60 0.39
CA GLN E 353 15.68 -8.98 1.68
C GLN E 353 16.97 -8.43 2.28
N ALA E 354 18.06 -9.17 2.11
CA ALA E 354 19.37 -8.75 2.62
C ALA E 354 19.81 -7.42 2.00
N ARG E 355 19.34 -7.14 0.79
CA ARG E 355 19.72 -5.93 0.08
C ARG E 355 18.63 -4.87 0.13
N ASN E 356 17.55 -5.14 0.88
CA ASN E 356 16.44 -4.21 1.01
C ASN E 356 15.87 -3.77 -0.34
N MET E 357 15.75 -4.72 -1.26
CA MET E 357 15.31 -4.39 -2.62
C MET E 357 13.80 -4.52 -2.82
N LEU E 358 13.10 -4.83 -1.74
CA LEU E 358 11.65 -4.74 -1.72
C LEU E 358 11.30 -3.89 -0.52
N ILE E 359 10.87 -2.65 -0.77
CA ILE E 359 10.57 -1.73 0.34
C ILE E 359 9.06 -1.50 0.48
N GLU E 360 8.68 -0.94 1.62
CA GLU E 360 7.29 -0.64 1.89
C GLU E 360 7.08 0.86 1.97
N ALA E 361 6.44 1.41 0.94
CA ALA E 361 6.17 2.85 0.89
C ALA E 361 4.68 3.10 0.94
N GLY E 362 4.22 3.72 2.04
CA GLY E 362 2.81 3.98 2.25
C GLY E 362 2.02 2.69 2.26
N GLY E 363 2.58 1.66 2.89
CA GLY E 363 1.92 0.38 3.01
C GLY E 363 2.00 -0.47 1.75
N ILE E 364 2.59 0.07 0.70
CA ILE E 364 2.71 -0.64 -0.57
C ILE E 364 4.10 -1.22 -0.76
N MET E 365 4.17 -2.50 -1.13
CA MET E 365 5.44 -3.16 -1.40
C MET E 365 5.91 -2.85 -2.82
N MET E 366 7.11 -2.32 -2.94
CA MET E 366 7.65 -1.89 -4.23
C MET E 366 9.17 -1.99 -4.26
N PRO E 367 9.78 -2.01 -5.47
CA PRO E 367 11.23 -2.23 -5.55
C PRO E 367 12.04 -1.14 -4.86
N GLY E 368 13.17 -1.52 -4.28
CA GLY E 368 14.00 -0.59 -3.55
C GLY E 368 15.06 0.08 -4.39
N ASN E 369 16.05 0.66 -3.72
CA ASN E 369 17.13 1.36 -4.40
C ASN E 369 18.35 0.47 -4.59
N PRO E 370 18.78 0.27 -5.84
CA PRO E 370 19.96 -0.55 -6.15
C PRO E 370 21.28 0.16 -5.84
N ILE E 371 21.27 1.48 -5.78
CA ILE E 371 22.47 2.24 -5.48
C ILE E 371 22.75 2.26 -3.98
N LYS E 372 23.58 1.33 -3.51
CA LYS E 372 23.97 1.30 -2.11
C LYS E 372 25.22 2.13 -1.90
N ILE E 373 25.15 3.08 -0.96
CA ILE E 373 26.30 3.91 -0.63
C ILE E 373 26.49 3.93 0.88
N SER E 374 27.70 3.60 1.33
CA SER E 374 28.01 3.55 2.75
C SER E 374 27.79 4.91 3.40
N GLY E 375 27.18 4.91 4.58
CA GLY E 375 26.93 6.15 5.29
C GLY E 375 25.71 6.88 4.78
N CYS E 376 24.97 6.23 3.89
CA CYS E 376 23.67 6.73 3.45
C CYS E 376 22.59 5.75 3.90
N ALA E 377 21.58 6.26 4.59
CA ALA E 377 20.50 5.42 5.08
C ALA E 377 19.76 4.74 3.93
N ASP E 378 19.24 3.55 4.19
CA ASP E 378 18.48 2.80 3.20
C ASP E 378 17.28 2.15 3.87
N PRO E 379 16.30 2.97 4.30
CA PRO E 379 15.19 2.47 5.11
C PRO E 379 14.30 1.50 4.35
N HIS E 380 13.65 0.60 5.08
CA HIS E 380 12.73 -0.37 4.49
C HIS E 380 11.32 0.22 4.42
N VAL E 381 11.00 1.08 5.37
CA VAL E 381 9.70 1.73 5.43
C VAL E 381 9.82 3.19 5.01
N MET E 382 9.10 3.57 3.98
CA MET E 382 9.23 4.90 3.38
C MET E 382 7.90 5.63 3.21
N PRO E 383 7.94 6.96 3.01
CA PRO E 383 6.71 7.71 2.73
C PRO E 383 6.02 7.23 1.46
N GLY E 384 4.69 7.22 1.47
CA GLY E 384 3.91 6.84 0.31
C GLY E 384 3.84 7.95 -0.72
N ALA E 385 2.96 7.78 -1.71
CA ALA E 385 2.80 8.78 -2.75
C ALA E 385 1.72 9.80 -2.38
N ALA E 386 1.88 11.01 -2.88
CA ALA E 386 0.96 12.10 -2.56
C ALA E 386 -0.32 12.02 -3.38
N THR E 387 -1.43 12.43 -2.77
CA THR E 387 -2.66 12.62 -3.52
C THR E 387 -2.50 13.90 -4.35
N LEU E 388 -3.32 14.05 -5.38
CA LEU E 388 -3.22 15.19 -6.28
C LEU E 388 -3.35 16.53 -5.53
N ASP E 389 -2.31 17.34 -5.64
CA ASP E 389 -2.27 18.69 -5.03
C ASP E 389 -2.26 18.66 -3.51
N GLN E 390 -1.83 17.54 -2.93
CA GLN E 390 -1.81 17.37 -1.48
C GLN E 390 -1.03 18.47 -0.77
N HIS E 391 0.12 18.84 -1.33
CA HIS E 391 0.97 19.85 -0.73
C HIS E 391 0.82 21.19 -1.44
N GLY E 392 -0.19 21.27 -2.30
CA GLY E 392 -0.41 22.46 -3.11
C GLY E 392 -0.52 23.76 -2.34
N GLU E 393 -1.38 23.79 -1.33
CA GLU E 393 -1.62 25.02 -0.59
C GLU E 393 -0.42 25.41 0.29
N GLN E 394 0.30 24.39 0.78
CA GLN E 394 1.48 24.64 1.60
C GLN E 394 2.60 25.19 0.73
N ILE E 395 2.76 24.60 -0.44
CA ILE E 395 3.81 24.99 -1.37
C ILE E 395 3.53 26.37 -1.97
N ARG E 396 2.26 26.66 -2.21
CA ARG E 396 1.87 27.98 -2.74
C ARG E 396 2.20 29.10 -1.77
N GLN E 397 1.91 28.88 -0.49
CA GLN E 397 2.22 29.86 0.53
C GLN E 397 3.73 29.90 0.79
N GLU E 398 4.45 28.92 0.25
CA GLU E 398 5.89 28.84 0.42
C GLU E 398 6.67 29.60 -0.66
N PHE E 399 6.14 29.60 -1.88
CA PHE E 399 6.84 30.22 -3.00
C PHE E 399 6.11 31.45 -3.54
N SER E 400 5.46 32.18 -2.66
CA SER E 400 4.75 33.40 -3.04
C SER E 400 5.71 34.54 -3.33
N LYS F 27 35.06 20.97 -20.96
CA LYS F 27 35.39 19.83 -21.81
C LYS F 27 35.13 18.50 -21.11
N GLY F 28 33.94 18.37 -20.55
CA GLY F 28 33.58 17.17 -19.80
C GLY F 28 33.58 17.44 -18.31
N PRO F 29 32.46 17.12 -17.64
CA PRO F 29 32.26 17.40 -16.22
C PRO F 29 33.20 16.67 -15.27
N PHE F 30 34.04 15.77 -15.78
CA PHE F 30 34.95 15.01 -14.92
C PHE F 30 36.41 15.28 -15.22
N GLU F 31 36.68 16.30 -16.03
CA GLU F 31 38.04 16.69 -16.37
C GLU F 31 38.80 17.06 -15.10
N GLY F 32 39.91 16.36 -14.85
CA GLY F 32 40.69 16.58 -13.66
C GLY F 32 40.46 15.51 -12.60
N LEU F 33 39.58 14.56 -12.92
CA LEU F 33 39.32 13.45 -12.02
C LEU F 33 40.20 12.26 -12.37
N LEU F 34 40.75 11.60 -11.36
CA LEU F 34 41.60 10.44 -11.58
C LEU F 34 40.89 9.17 -11.13
N VAL F 35 40.63 8.27 -12.08
CA VAL F 35 40.00 7.00 -11.76
C VAL F 35 41.00 5.86 -11.89
N ILE F 36 41.28 5.19 -10.79
CA ILE F 36 42.08 3.97 -10.83
C ILE F 36 41.14 2.80 -11.06
N ASP F 37 41.21 2.25 -12.26
CA ASP F 37 40.20 1.30 -12.74
C ASP F 37 40.73 -0.12 -12.82
N MET F 38 40.14 -1.03 -12.06
CA MET F 38 40.56 -2.43 -12.06
C MET F 38 39.51 -3.33 -12.68
N THR F 39 38.42 -2.73 -13.17
CA THR F 39 37.30 -3.49 -13.71
C THR F 39 37.67 -4.30 -14.94
N HIS F 40 36.93 -5.38 -15.16
CA HIS F 40 37.16 -6.26 -16.31
C HIS F 40 35.85 -6.84 -16.82
N VAL F 41 35.91 -7.53 -17.95
CA VAL F 41 34.73 -8.02 -18.66
C VAL F 41 33.79 -6.87 -19.10
N LEU F 42 32.53 -6.92 -18.70
CA LEU F 42 31.53 -5.98 -19.20
C LEU F 42 30.90 -5.09 -18.14
N ASN F 43 30.44 -5.71 -17.04
CA ASN F 43 29.72 -4.99 -15.99
C ASN F 43 30.44 -3.75 -15.48
N GLY F 44 31.60 -3.96 -14.85
CA GLY F 44 32.43 -2.87 -14.37
C GLY F 44 32.93 -1.87 -15.41
N PRO F 45 33.54 -2.36 -16.50
CA PRO F 45 34.09 -1.45 -17.52
C PRO F 45 33.07 -0.56 -18.23
N PHE F 46 31.83 -1.00 -18.35
CA PHE F 46 30.80 -0.17 -18.96
C PHE F 46 30.63 1.08 -18.11
N GLY F 47 30.67 0.89 -16.79
CA GLY F 47 30.54 1.99 -15.86
C GLY F 47 31.64 3.04 -15.98
N THR F 48 32.89 2.58 -16.05
CA THR F 48 34.03 3.50 -16.12
C THR F 48 34.16 4.15 -17.49
N GLN F 49 33.70 3.46 -18.53
CA GLN F 49 33.72 4.02 -19.88
C GLN F 49 32.93 5.31 -19.95
N LEU F 50 31.84 5.38 -19.20
CA LEU F 50 31.01 6.57 -19.14
C LEU F 50 31.72 7.70 -18.40
N LEU F 51 32.50 7.36 -17.38
CA LEU F 51 33.31 8.35 -16.68
C LEU F 51 34.42 8.86 -17.59
N CYS F 52 34.93 7.97 -18.45
CA CYS F 52 36.00 8.31 -19.38
C CYS F 52 35.47 9.14 -20.55
N ASN F 53 34.27 8.80 -21.00
CA ASN F 53 33.60 9.53 -22.07
C ASN F 53 33.43 11.01 -21.76
N MET F 54 33.29 11.33 -20.48
CA MET F 54 32.95 12.68 -20.07
C MET F 54 34.04 13.41 -19.26
N GLY F 55 35.30 13.11 -19.54
CA GLY F 55 36.38 13.94 -19.04
C GLY F 55 37.41 13.33 -18.11
N ALA F 56 37.00 12.36 -17.29
CA ALA F 56 37.88 11.78 -16.28
C ALA F 56 39.07 11.05 -16.89
N ARG F 57 40.18 11.03 -16.16
CA ARG F 57 41.33 10.24 -16.55
C ARG F 57 41.20 8.84 -15.96
N VAL F 58 41.05 7.84 -16.81
CA VAL F 58 40.84 6.48 -16.35
C VAL F 58 42.06 5.60 -16.60
N ILE F 59 42.77 5.28 -15.52
CA ILE F 59 43.91 4.37 -15.59
C ILE F 59 43.43 2.95 -15.33
N LYS F 60 43.36 2.16 -16.39
CA LYS F 60 42.93 0.78 -16.29
C LYS F 60 44.09 -0.09 -15.83
N VAL F 61 43.94 -0.69 -14.64
CA VAL F 61 44.97 -1.55 -14.08
C VAL F 61 44.69 -3.00 -14.43
N GLU F 62 45.62 -3.62 -15.16
CA GLU F 62 45.44 -4.98 -15.65
C GLU F 62 46.45 -5.95 -15.04
N PRO F 63 46.04 -7.20 -14.83
CA PRO F 63 46.95 -8.22 -14.29
C PRO F 63 47.94 -8.69 -15.35
N PRO F 64 49.13 -9.13 -14.92
CA PRO F 64 50.13 -9.67 -15.85
C PRO F 64 49.60 -10.89 -16.59
N GLY F 65 50.19 -11.17 -17.75
CA GLY F 65 49.70 -12.26 -18.58
C GLY F 65 49.04 -11.72 -19.83
N HIS F 66 47.73 -11.94 -19.96
CA HIS F 66 46.99 -11.43 -21.12
C HIS F 66 46.18 -10.17 -20.78
N GLY F 67 46.13 -9.84 -19.49
CA GLY F 67 45.46 -8.63 -19.06
C GLY F 67 43.98 -8.83 -18.78
N ASP F 68 43.17 -7.82 -19.11
CA ASP F 68 41.72 -7.92 -18.98
C ASP F 68 41.26 -9.11 -19.81
N ASP F 69 40.30 -9.85 -19.29
CA ASP F 69 39.80 -11.06 -19.94
C ASP F 69 39.29 -10.80 -21.37
N THR F 70 38.67 -9.65 -21.58
CA THR F 70 38.08 -9.33 -22.88
C THR F 70 39.11 -9.19 -24.01
N ARG F 71 40.37 -9.01 -23.64
CA ARG F 71 41.44 -8.93 -24.63
C ARG F 71 41.57 -10.25 -25.39
N THR F 72 41.09 -11.33 -24.77
CA THR F 72 41.14 -12.65 -25.38
C THR F 72 39.77 -13.08 -25.90
N PHE F 73 38.79 -12.19 -25.75
CA PHE F 73 37.47 -12.41 -26.32
C PHE F 73 37.52 -12.21 -27.82
N GLY F 74 37.11 -13.22 -28.58
CA GLY F 74 36.93 -13.05 -30.01
C GLY F 74 35.75 -12.11 -30.21
N PRO F 75 35.69 -11.43 -31.36
CA PRO F 75 36.63 -11.51 -32.48
C PRO F 75 37.68 -10.40 -32.45
N TYR F 76 38.63 -10.46 -33.38
CA TYR F 76 39.72 -9.49 -33.42
C TYR F 76 39.70 -8.68 -34.72
N VAL F 77 40.18 -7.44 -34.63
CA VAL F 77 40.31 -6.57 -35.78
C VAL F 77 41.65 -5.85 -35.67
N ASP F 78 42.50 -6.03 -36.68
CA ASP F 78 43.90 -5.61 -36.62
C ASP F 78 44.56 -6.25 -35.39
N GLY F 79 44.20 -7.50 -35.13
CA GLY F 79 44.74 -8.26 -34.02
C GLY F 79 44.29 -7.80 -32.65
N GLN F 80 43.41 -6.80 -32.61
CA GLN F 80 42.88 -6.29 -31.36
C GLN F 80 41.44 -6.73 -31.14
N SER F 81 41.16 -7.22 -29.94
CA SER F 81 39.81 -7.66 -29.58
C SER F 81 38.81 -6.52 -29.74
N LEU F 82 37.74 -6.77 -30.48
CA LEU F 82 36.73 -5.76 -30.72
C LEU F 82 35.91 -5.52 -29.47
N TYR F 83 35.71 -6.59 -28.69
CA TYR F 83 34.97 -6.48 -27.43
C TYR F 83 35.68 -5.55 -26.47
N TYR F 84 37.00 -5.72 -26.34
CA TYR F 84 37.79 -4.87 -25.45
C TYR F 84 37.74 -3.42 -25.89
N SER F 85 37.91 -3.17 -27.18
CA SER F 85 37.95 -1.82 -27.72
C SER F 85 36.67 -1.04 -27.41
N PHE F 86 35.53 -1.66 -27.68
CA PHE F 86 34.22 -1.05 -27.50
C PHE F 86 34.01 -0.41 -26.12
N ILE F 87 34.45 -1.08 -25.07
CA ILE F 87 34.17 -0.61 -23.72
C ILE F 87 35.41 -0.16 -22.94
N ASN F 88 36.53 0.03 -23.63
CA ASN F 88 37.75 0.49 -22.99
C ASN F 88 38.51 1.58 -23.75
N HIS F 89 37.92 2.09 -24.81
CA HIS F 89 38.58 3.13 -25.60
C HIS F 89 38.76 4.41 -24.77
N GLY F 90 39.95 5.00 -24.85
CA GLY F 90 40.23 6.22 -24.12
C GLY F 90 40.81 5.98 -22.74
N LYS F 91 40.74 4.73 -22.28
CA LYS F 91 41.31 4.37 -20.99
C LYS F 91 42.80 4.05 -21.14
N GLU F 92 43.62 4.54 -20.22
CA GLU F 92 45.04 4.21 -20.22
C GLU F 92 45.22 2.79 -19.72
N SER F 93 46.42 2.24 -19.90
CA SER F 93 46.67 0.85 -19.53
C SER F 93 48.01 0.63 -18.84
N VAL F 94 47.95 0.09 -17.62
CA VAL F 94 49.16 -0.29 -16.89
C VAL F 94 49.02 -1.72 -16.39
N VAL F 95 50.12 -2.48 -16.48
CA VAL F 95 50.13 -3.82 -15.90
C VAL F 95 50.77 -3.78 -14.52
N LEU F 96 50.00 -4.18 -13.51
CA LEU F 96 50.51 -4.28 -12.16
C LEU F 96 50.16 -5.64 -11.56
N ASP F 97 51.12 -6.23 -10.85
CA ASP F 97 50.89 -7.44 -10.10
C ASP F 97 50.77 -7.08 -8.63
N LEU F 98 49.53 -6.99 -8.14
CA LEU F 98 49.29 -6.54 -6.77
C LEU F 98 49.82 -7.49 -5.70
N LYS F 99 50.35 -8.64 -6.12
CA LYS F 99 50.97 -9.57 -5.19
C LYS F 99 52.45 -9.24 -5.02
N ASN F 100 53.03 -8.66 -6.05
CA ASN F 100 54.41 -8.20 -6.01
C ASN F 100 54.51 -6.88 -5.26
N ASP F 101 55.20 -6.90 -4.12
CA ASP F 101 55.22 -5.76 -3.21
C ASP F 101 55.69 -4.43 -3.83
N HIS F 102 56.53 -4.51 -4.86
CA HIS F 102 56.97 -3.30 -5.54
C HIS F 102 55.83 -2.65 -6.32
N ASP F 103 55.07 -3.46 -7.05
CA ASP F 103 53.94 -2.97 -7.83
C ASP F 103 52.86 -2.38 -6.92
N LYS F 104 52.62 -3.04 -5.79
CA LYS F 104 51.63 -2.60 -4.82
C LYS F 104 51.94 -1.20 -4.30
N SER F 105 53.23 -0.90 -4.15
CA SER F 105 53.67 0.42 -3.73
C SER F 105 53.27 1.48 -4.75
N ILE F 106 53.38 1.12 -6.03
CA ILE F 106 52.99 2.01 -7.12
C ILE F 106 51.47 2.16 -7.14
N PHE F 107 50.77 1.07 -6.83
CA PHE F 107 49.32 1.09 -6.75
C PHE F 107 48.85 1.97 -5.60
N ILE F 108 49.50 1.85 -4.46
CA ILE F 108 49.17 2.65 -3.28
C ILE F 108 49.44 4.14 -3.54
N ASN F 109 50.52 4.43 -4.27
CA ASN F 109 50.83 5.80 -4.68
C ASN F 109 49.74 6.37 -5.59
N MET F 110 49.06 5.49 -6.31
CA MET F 110 47.94 5.89 -7.16
C MET F 110 46.72 6.21 -6.30
N LEU F 111 46.44 5.33 -5.34
CA LEU F 111 45.25 5.43 -4.51
C LEU F 111 45.17 6.73 -3.71
N LYS F 112 46.33 7.19 -3.22
CA LYS F 112 46.38 8.42 -2.45
C LYS F 112 46.11 9.65 -3.31
N GLN F 113 46.26 9.51 -4.62
CA GLN F 113 46.07 10.63 -5.54
C GLN F 113 44.73 10.56 -6.27
N ALA F 114 44.22 9.35 -6.47
CA ALA F 114 43.01 9.16 -7.26
C ALA F 114 41.74 9.57 -6.52
N ASP F 115 40.71 9.90 -7.28
CA ASP F 115 39.41 10.21 -6.71
C ASP F 115 38.58 8.95 -6.58
N VAL F 116 38.78 8.01 -7.50
CA VAL F 116 37.95 6.81 -7.57
C VAL F 116 38.75 5.52 -7.81
N LEU F 117 38.50 4.51 -6.98
CA LEU F 117 38.95 3.16 -7.26
C LEU F 117 37.75 2.27 -7.59
N ALA F 118 37.73 1.72 -8.80
CA ALA F 118 36.60 0.92 -9.25
C ALA F 118 37.00 -0.52 -9.59
N GLU F 119 36.20 -1.48 -9.14
CA GLU F 119 36.48 -2.88 -9.45
C GLU F 119 35.22 -3.75 -9.48
N ASN F 120 35.28 -4.83 -10.25
CA ASN F 120 34.17 -5.79 -10.28
C ASN F 120 34.61 -7.24 -10.17
N PHE F 121 35.53 -7.52 -9.26
CA PHE F 121 35.92 -8.89 -8.95
C PHE F 121 34.82 -9.57 -8.14
N ARG F 122 35.06 -10.83 -7.76
CA ARG F 122 34.23 -11.48 -6.77
C ARG F 122 34.44 -10.72 -5.46
N PRO F 123 33.38 -10.61 -4.65
CA PRO F 123 33.51 -9.95 -3.34
C PRO F 123 34.61 -10.58 -2.49
N GLY F 124 35.46 -9.74 -1.90
CA GLY F 124 36.53 -10.22 -1.04
C GLY F 124 37.88 -10.29 -1.72
N THR F 125 37.88 -10.32 -3.05
CA THR F 125 39.13 -10.38 -3.82
C THR F 125 40.07 -9.26 -3.44
N MET F 126 39.57 -8.03 -3.48
CA MET F 126 40.35 -6.86 -3.11
C MET F 126 40.82 -6.92 -1.65
N GLU F 127 40.00 -7.50 -0.79
CA GLU F 127 40.31 -7.52 0.64
C GLU F 127 41.51 -8.39 0.98
N LYS F 128 41.67 -9.51 0.27
CA LYS F 128 42.75 -10.45 0.58
C LYS F 128 43.97 -10.24 -0.32
N LEU F 129 44.01 -9.08 -0.97
CA LEU F 129 45.22 -8.60 -1.60
C LEU F 129 45.75 -7.50 -0.69
N GLY F 130 44.93 -7.10 0.26
CA GLY F 130 45.32 -6.12 1.27
C GLY F 130 44.52 -4.83 1.21
N PHE F 131 43.47 -4.82 0.40
CA PHE F 131 42.71 -3.59 0.18
C PHE F 131 41.22 -3.70 0.49
N SER F 132 40.90 -3.86 1.78
CA SER F 132 39.51 -3.82 2.21
C SER F 132 39.05 -2.37 2.26
N TRP F 133 37.74 -2.15 2.44
CA TRP F 133 37.20 -0.80 2.49
C TRP F 133 37.77 -0.02 3.67
N GLU F 134 37.93 -0.68 4.80
CA GLU F 134 38.54 -0.07 5.98
C GLU F 134 39.96 0.37 5.68
N THR F 135 40.74 -0.53 5.10
CA THR F 135 42.12 -0.24 4.73
C THR F 135 42.19 0.90 3.71
N LEU F 136 41.29 0.85 2.73
CA LEU F 136 41.23 1.87 1.69
C LEU F 136 40.95 3.25 2.28
N GLN F 137 40.09 3.30 3.30
CA GLN F 137 39.80 4.56 3.97
C GLN F 137 41.05 5.12 4.63
N GLU F 138 41.80 4.25 5.31
CA GLU F 138 43.04 4.63 5.98
C GLU F 138 44.01 5.27 5.00
N ILE F 139 44.07 4.73 3.79
CA ILE F 139 44.97 5.22 2.76
C ILE F 139 44.52 6.57 2.20
N ASN F 140 43.22 6.71 1.98
CA ASN F 140 42.65 7.94 1.44
C ASN F 140 41.15 8.01 1.72
N PRO F 141 40.76 8.77 2.76
CA PRO F 141 39.34 8.90 3.15
C PRO F 141 38.53 9.74 2.16
N ARG F 142 39.21 10.37 1.21
CA ARG F 142 38.52 11.13 0.17
C ARG F 142 38.27 10.27 -1.07
N LEU F 143 38.86 9.07 -1.07
CA LEU F 143 38.74 8.15 -2.19
C LEU F 143 37.36 7.48 -2.23
N ILE F 144 36.78 7.44 -3.41
CA ILE F 144 35.52 6.72 -3.61
C ILE F 144 35.79 5.30 -4.08
N TYR F 145 35.45 4.33 -3.23
CA TYR F 145 35.61 2.93 -3.58
C TYR F 145 34.32 2.38 -4.19
N ALA F 146 34.37 2.07 -5.48
CA ALA F 146 33.18 1.64 -6.21
C ALA F 146 33.26 0.20 -6.68
N SER F 147 32.46 -0.66 -6.07
CA SER F 147 32.46 -2.07 -6.44
C SER F 147 31.16 -2.47 -7.11
N SER F 148 31.26 -3.35 -8.10
CA SER F 148 30.09 -3.94 -8.72
C SER F 148 30.28 -5.44 -8.77
N SER F 149 29.24 -6.18 -8.43
CA SER F 149 29.33 -7.63 -8.42
C SER F 149 27.97 -8.23 -8.74
N GLY F 150 27.92 -9.55 -8.87
CA GLY F 150 26.68 -10.23 -9.19
C GLY F 150 25.58 -9.97 -8.19
N PHE F 151 25.93 -10.02 -6.91
CA PHE F 151 24.93 -9.89 -5.84
C PHE F 151 25.28 -8.84 -4.79
N GLY F 152 26.38 -8.14 -4.99
CA GLY F 152 26.83 -7.15 -4.02
C GLY F 152 27.84 -7.75 -3.08
N HIS F 153 28.31 -6.95 -2.12
CA HIS F 153 29.28 -7.43 -1.15
C HIS F 153 28.63 -7.91 0.14
N THR F 154 27.30 -7.82 0.19
CA THR F 154 26.55 -8.28 1.36
C THR F 154 25.52 -9.35 0.97
N GLY F 155 24.99 -10.05 1.96
CA GLY F 155 23.95 -11.03 1.71
C GLY F 155 24.47 -12.44 1.48
N PRO F 156 23.57 -13.43 1.58
CA PRO F 156 23.86 -14.87 1.46
C PRO F 156 24.37 -15.31 0.09
N LEU F 157 24.07 -14.57 -0.97
CA LEU F 157 24.47 -14.98 -2.31
C LEU F 157 25.71 -14.25 -2.80
N LYS F 158 26.34 -13.48 -1.92
CA LYS F 158 27.44 -12.61 -2.31
C LYS F 158 28.63 -13.36 -2.94
N ASP F 159 28.79 -14.63 -2.59
CA ASP F 159 29.92 -15.42 -3.09
C ASP F 159 29.52 -16.38 -4.21
N ALA F 160 28.25 -16.36 -4.58
CA ALA F 160 27.75 -17.25 -5.63
C ALA F 160 28.13 -16.76 -7.03
N PRO F 161 28.40 -17.70 -7.95
CA PRO F 161 28.67 -17.37 -9.35
C PRO F 161 27.53 -16.57 -9.95
N ALA F 162 27.86 -15.55 -10.73
CA ALA F 162 26.83 -14.63 -11.23
C ALA F 162 27.13 -14.06 -12.61
N TYR F 163 27.06 -14.89 -13.63
CA TYR F 163 27.08 -14.43 -15.00
C TYR F 163 25.77 -13.69 -15.29
N ASP F 164 25.76 -12.91 -16.35
CA ASP F 164 24.58 -12.15 -16.74
C ASP F 164 23.34 -13.04 -16.89
N THR F 165 23.51 -14.16 -17.60
CA THR F 165 22.41 -15.06 -17.90
C THR F 165 21.82 -15.65 -16.63
N ILE F 166 22.65 -15.80 -15.60
CA ILE F 166 22.19 -16.31 -14.32
C ILE F 166 21.34 -15.27 -13.59
N ILE F 167 21.75 -14.00 -13.64
CA ILE F 167 20.99 -12.93 -13.02
C ILE F 167 19.63 -12.74 -13.68
N GLN F 168 19.59 -12.82 -15.00
CA GLN F 168 18.34 -12.72 -15.73
C GLN F 168 17.37 -13.84 -15.32
N ALA F 169 17.90 -15.06 -15.27
CA ALA F 169 17.12 -16.23 -14.89
C ALA F 169 16.51 -16.07 -13.49
N MET F 170 17.30 -15.54 -12.57
CA MET F 170 16.89 -15.45 -11.17
C MET F 170 16.08 -14.20 -10.83
N SER F 171 16.19 -13.16 -11.66
CA SER F 171 15.51 -11.90 -11.38
C SER F 171 14.03 -11.97 -11.76
N GLY F 172 13.71 -12.87 -12.69
CA GLY F 172 12.34 -13.04 -13.15
C GLY F 172 12.13 -12.59 -14.59
N ILE F 173 13.10 -11.85 -15.13
CA ILE F 173 12.93 -11.21 -16.43
C ILE F 173 12.84 -12.19 -17.60
N MET F 174 13.52 -13.33 -17.50
CA MET F 174 13.42 -14.37 -18.53
C MET F 174 12.00 -14.87 -18.60
N MET F 175 11.40 -15.05 -17.43
CA MET F 175 10.03 -15.51 -17.31
C MET F 175 9.08 -14.50 -17.92
N GLU F 176 9.43 -13.22 -17.81
CA GLU F 176 8.57 -12.15 -18.32
C GLU F 176 8.74 -11.93 -19.82
N THR F 177 9.79 -12.50 -20.40
CA THR F 177 10.20 -12.16 -21.76
C THR F 177 9.85 -13.24 -22.78
N GLY F 178 9.34 -12.81 -23.94
CA GLY F 178 9.02 -13.71 -25.02
C GLY F 178 7.52 -13.89 -25.20
N TYR F 179 7.15 -14.61 -26.24
CA TYR F 179 5.73 -14.86 -26.51
C TYR F 179 5.10 -15.71 -25.41
N PRO F 180 3.87 -15.34 -25.01
CA PRO F 180 3.12 -15.94 -23.90
C PRO F 180 3.08 -17.47 -23.90
N ASP F 181 2.96 -18.07 -25.09
CA ASP F 181 2.95 -19.52 -25.21
C ASP F 181 4.36 -20.09 -25.21
N ALA F 182 5.29 -19.33 -25.79
CA ALA F 182 6.68 -19.74 -25.95
C ALA F 182 7.39 -20.01 -24.62
N PRO F 183 8.55 -20.68 -24.65
CA PRO F 183 9.34 -20.85 -23.43
C PRO F 183 10.06 -19.56 -23.05
N PRO F 184 10.53 -19.45 -21.79
CA PRO F 184 11.25 -18.25 -21.34
C PRO F 184 12.51 -18.01 -22.17
N VAL F 185 12.91 -16.75 -22.29
CA VAL F 185 14.13 -16.42 -23.02
C VAL F 185 14.74 -15.12 -22.47
N ARG F 186 16.08 -15.07 -22.44
CA ARG F 186 16.78 -13.89 -21.97
C ARG F 186 16.48 -12.71 -22.89
N VAL F 187 16.63 -11.51 -22.36
CA VAL F 187 16.51 -10.32 -23.20
C VAL F 187 17.68 -10.32 -24.18
N GLY F 188 17.49 -9.70 -25.34
CA GLY F 188 18.46 -9.76 -26.42
C GLY F 188 19.75 -8.99 -26.19
N THR F 189 20.13 -8.83 -24.92
CA THR F 189 21.37 -8.15 -24.56
C THR F 189 21.74 -8.54 -23.14
N SER F 190 22.93 -8.15 -22.69
CA SER F 190 23.38 -8.46 -21.34
C SER F 190 22.82 -7.45 -20.35
N LEU F 191 21.50 -7.48 -20.15
CA LEU F 191 20.80 -6.48 -19.36
C LEU F 191 21.35 -6.28 -17.95
N ALA F 192 21.70 -7.38 -17.28
CA ALA F 192 22.18 -7.32 -15.91
C ALA F 192 23.54 -6.66 -15.80
N ASP F 193 24.45 -7.00 -16.70
CA ASP F 193 25.76 -6.36 -16.76
C ASP F 193 25.62 -4.87 -17.05
N LEU F 194 24.72 -4.54 -17.97
CA LEU F 194 24.54 -3.16 -18.39
C LEU F 194 23.85 -2.32 -17.31
N CYS F 195 22.81 -2.88 -16.70
CA CYS F 195 22.13 -2.22 -15.59
C CYS F 195 23.11 -1.96 -14.44
N GLY F 196 23.90 -2.97 -14.09
CA GLY F 196 24.91 -2.82 -13.06
C GLY F 196 25.90 -1.71 -13.40
N GLY F 197 26.30 -1.66 -14.66
CA GLY F 197 27.25 -0.66 -15.12
C GLY F 197 26.77 0.77 -14.94
N VAL F 198 25.57 1.07 -15.44
CA VAL F 198 25.04 2.43 -15.36
C VAL F 198 24.75 2.84 -13.91
N TYR F 199 24.34 1.89 -13.08
CA TYR F 199 24.15 2.16 -11.66
C TYR F 199 25.49 2.36 -10.95
N LEU F 200 26.51 1.67 -11.43
CA LEU F 200 27.86 1.85 -10.90
C LEU F 200 28.33 3.27 -11.22
N PHE F 201 28.15 3.67 -12.47
CA PHE F 201 28.50 5.02 -12.90
C PHE F 201 27.77 6.09 -12.10
N SER F 202 26.45 5.95 -12.01
CA SER F 202 25.63 6.95 -11.33
C SER F 202 25.84 6.90 -9.82
N GLY F 203 26.18 5.73 -9.30
CA GLY F 203 26.52 5.60 -7.90
C GLY F 203 27.80 6.35 -7.60
N ILE F 204 28.77 6.23 -8.52
CA ILE F 204 30.06 6.90 -8.37
C ILE F 204 29.92 8.43 -8.32
N VAL F 205 29.22 8.98 -9.30
CA VAL F 205 29.05 10.42 -9.39
C VAL F 205 28.18 10.97 -8.26
N SER F 206 27.30 10.12 -7.73
CA SER F 206 26.46 10.52 -6.60
C SER F 206 27.31 10.67 -5.33
N ALA F 207 28.33 9.84 -5.20
CA ALA F 207 29.24 9.91 -4.07
C ALA F 207 30.23 11.04 -4.26
N LEU F 208 30.54 11.35 -5.51
CA LEU F 208 31.44 12.45 -5.83
C LEU F 208 30.80 13.80 -5.51
N TYR F 209 29.52 13.92 -5.83
CA TYR F 209 28.77 15.13 -5.49
C TYR F 209 28.69 15.27 -3.98
N GLY F 210 28.36 14.16 -3.31
CA GLY F 210 28.24 14.16 -1.86
C GLY F 210 29.55 14.36 -1.15
N ARG F 211 30.65 14.17 -1.87
CA ARG F 211 31.98 14.38 -1.30
C ARG F 211 32.26 15.87 -1.16
N GLU F 212 31.74 16.66 -2.10
CA GLU F 212 31.92 18.11 -2.07
C GLU F 212 31.23 18.77 -0.88
N LYS F 213 30.58 17.96 -0.04
CA LYS F 213 29.90 18.47 1.14
C LYS F 213 30.31 17.74 2.41
N SER F 214 30.67 16.47 2.28
CA SER F 214 31.12 15.69 3.43
C SER F 214 32.64 15.70 3.53
N GLN F 215 33.30 16.04 2.42
CA GLN F 215 34.76 15.99 2.32
C GLN F 215 35.32 14.61 2.63
N ARG F 216 34.45 13.60 2.56
CA ARG F 216 34.83 12.21 2.77
C ARG F 216 34.52 11.39 1.53
N GLY F 217 35.15 10.23 1.43
CA GLY F 217 34.82 9.29 0.38
C GLY F 217 33.77 8.32 0.89
N ALA F 218 33.24 7.50 0.00
CA ALA F 218 32.26 6.50 0.38
C ALA F 218 32.47 5.23 -0.42
N HIS F 219 31.80 4.16 -0.02
CA HIS F 219 31.84 2.91 -0.77
C HIS F 219 30.54 2.67 -1.52
N VAL F 220 30.60 2.81 -2.83
CA VAL F 220 29.45 2.48 -3.68
C VAL F 220 29.45 0.97 -3.90
N ASP F 221 28.35 0.32 -3.51
CA ASP F 221 28.26 -1.14 -3.60
C ASP F 221 27.08 -1.56 -4.47
N ILE F 222 27.36 -1.91 -5.71
CA ILE F 222 26.33 -2.23 -6.71
C ILE F 222 26.20 -3.72 -6.98
N ALA F 223 24.96 -4.20 -7.02
CA ALA F 223 24.66 -5.58 -7.34
C ALA F 223 23.91 -5.68 -8.67
N MET F 224 24.35 -6.59 -9.54
CA MET F 224 23.68 -6.81 -10.82
C MET F 224 22.26 -7.30 -10.60
N PHE F 225 22.08 -8.12 -9.57
CA PHE F 225 20.78 -8.68 -9.23
C PHE F 225 19.82 -7.57 -8.81
N ASP F 226 20.26 -6.72 -7.89
CA ASP F 226 19.48 -5.57 -7.44
C ASP F 226 19.12 -4.68 -8.63
N ALA F 227 20.11 -4.42 -9.48
CA ALA F 227 19.95 -3.56 -10.64
C ALA F 227 18.86 -4.06 -11.58
N THR F 228 18.88 -5.36 -11.86
CA THR F 228 17.90 -5.95 -12.77
C THR F 228 16.49 -5.94 -12.16
N LEU F 229 16.40 -6.18 -10.86
CA LEU F 229 15.13 -6.12 -10.16
C LEU F 229 14.50 -4.73 -10.30
N SER F 230 15.34 -3.70 -10.25
CA SER F 230 14.88 -2.33 -10.37
C SER F 230 14.31 -2.04 -11.76
N PHE F 231 14.55 -2.96 -12.69
CA PHE F 231 14.09 -2.80 -14.07
C PHE F 231 12.90 -3.68 -14.41
N LEU F 232 12.30 -4.31 -13.39
CA LEU F 232 11.19 -5.23 -13.62
C LEU F 232 9.90 -4.52 -14.07
N GLU F 233 9.70 -3.29 -13.59
CA GLU F 233 8.57 -2.46 -13.97
C GLU F 233 7.22 -3.16 -13.83
N HIS F 234 6.59 -3.49 -14.95
CA HIS F 234 5.25 -4.07 -14.94
C HIS F 234 5.22 -5.50 -14.40
N GLY F 235 6.33 -6.21 -14.55
CA GLY F 235 6.44 -7.57 -14.05
C GLY F 235 6.23 -7.66 -12.55
N LEU F 236 6.79 -6.69 -11.83
CA LEU F 236 6.65 -6.66 -10.37
C LEU F 236 5.35 -5.99 -9.94
N MET F 237 5.03 -4.85 -10.54
CA MET F 237 3.84 -4.10 -10.17
C MET F 237 2.56 -4.91 -10.39
N ALA F 238 2.48 -5.60 -11.53
CA ALA F 238 1.31 -6.41 -11.84
C ALA F 238 1.17 -7.59 -10.89
N TYR F 239 2.30 -8.15 -10.45
CA TYR F 239 2.27 -9.22 -9.46
C TYR F 239 1.77 -8.70 -8.12
N ILE F 240 2.30 -7.56 -7.70
CA ILE F 240 1.88 -6.94 -6.45
C ILE F 240 0.38 -6.65 -6.49
N ALA F 241 -0.09 -6.25 -7.67
CA ALA F 241 -1.51 -5.93 -7.86
C ALA F 241 -2.41 -7.16 -7.77
N THR F 242 -2.07 -8.21 -8.51
CA THR F 242 -2.99 -9.33 -8.70
C THR F 242 -2.53 -10.65 -8.09
N GLY F 243 -1.28 -10.71 -7.64
CA GLY F 243 -0.74 -11.94 -7.08
C GLY F 243 -0.49 -12.99 -8.16
N LYS F 244 -0.45 -12.54 -9.41
CA LYS F 244 -0.21 -13.44 -10.54
C LYS F 244 1.15 -13.15 -11.17
N SER F 245 1.91 -14.22 -11.43
CA SER F 245 3.25 -14.09 -11.98
C SER F 245 3.72 -15.41 -12.57
N PRO F 246 4.36 -15.36 -13.75
CA PRO F 246 4.69 -14.17 -14.56
C PRO F 246 3.53 -13.69 -15.41
N GLN F 247 3.74 -12.59 -16.13
CA GLN F 247 2.68 -12.00 -16.95
C GLN F 247 2.72 -12.55 -18.38
N ARG F 248 3.91 -12.58 -18.98
CA ARG F 248 4.11 -13.01 -20.38
C ARG F 248 3.13 -12.38 -21.35
N LEU F 249 3.24 -11.09 -21.55
CA LEU F 249 2.33 -10.35 -22.41
C LEU F 249 2.81 -10.31 -23.85
N GLY F 250 4.05 -10.75 -24.06
CA GLY F 250 4.66 -10.68 -25.38
C GLY F 250 4.82 -9.24 -25.82
N ASN F 251 4.32 -8.93 -27.02
CA ASN F 251 4.43 -7.60 -27.59
C ASN F 251 3.28 -6.68 -27.21
N ARG F 252 2.26 -7.24 -26.57
CA ARG F 252 1.01 -6.54 -26.30
C ARG F 252 1.09 -5.65 -25.06
N HIS F 253 0.54 -4.44 -25.15
CA HIS F 253 0.50 -3.54 -24.00
C HIS F 253 -0.52 -4.05 -22.99
N PRO F 254 -0.20 -3.91 -21.69
CA PRO F 254 -1.09 -4.42 -20.64
C PRO F 254 -2.41 -3.66 -20.49
N TYR F 255 -2.43 -2.37 -20.85
CA TYR F 255 -3.58 -1.53 -20.52
C TYR F 255 -4.20 -0.77 -21.71
N MET F 256 -3.61 -0.91 -22.89
CA MET F 256 -4.13 -0.23 -24.08
C MET F 256 -4.19 -1.16 -25.28
N ALA F 257 -5.14 -0.91 -26.17
CA ALA F 257 -5.33 -1.72 -27.37
C ALA F 257 -6.08 -0.96 -28.47
N PRO F 258 -5.73 -1.20 -29.75
CA PRO F 258 -4.63 -2.07 -30.19
C PRO F 258 -3.28 -1.40 -29.99
N PHE F 259 -2.41 -2.07 -29.24
CA PHE F 259 -1.11 -1.55 -28.88
C PHE F 259 -0.20 -2.78 -28.81
N ASP F 260 0.42 -3.12 -29.93
CA ASP F 260 1.00 -4.44 -30.09
C ASP F 260 1.91 -4.45 -31.31
N VAL F 261 2.46 -5.62 -31.63
CA VAL F 261 3.19 -5.82 -32.87
C VAL F 261 2.31 -6.62 -33.83
N PHE F 262 2.18 -6.13 -35.06
CA PHE F 262 1.28 -6.72 -36.03
C PHE F 262 1.98 -7.18 -37.31
N ASN F 263 1.61 -8.35 -37.80
CA ASN F 263 2.13 -8.86 -39.07
C ASN F 263 1.42 -8.29 -40.28
N THR F 264 2.17 -8.02 -41.34
CA THR F 264 1.60 -7.55 -42.60
C THR F 264 1.84 -8.60 -43.68
N GLN F 265 2.11 -8.15 -44.90
CA GLN F 265 2.42 -9.05 -45.99
C GLN F 265 3.87 -9.53 -45.93
N ASP F 266 4.79 -8.60 -45.73
CA ASP F 266 6.22 -8.89 -45.82
C ASP F 266 6.94 -8.95 -44.46
N LYS F 267 6.51 -8.13 -43.51
CA LYS F 267 7.17 -8.09 -42.20
C LYS F 267 6.31 -7.38 -41.14
N PRO F 268 6.64 -7.59 -39.85
CA PRO F 268 5.83 -6.98 -38.79
C PRO F 268 6.08 -5.48 -38.62
N ILE F 269 5.11 -4.79 -38.03
CA ILE F 269 5.24 -3.39 -37.65
C ILE F 269 4.61 -3.19 -36.29
N THR F 270 4.97 -2.09 -35.62
CA THR F 270 4.32 -1.75 -34.36
C THR F 270 3.19 -0.76 -34.62
N ILE F 271 2.05 -0.99 -33.98
CA ILE F 271 0.95 -0.03 -34.00
C ILE F 271 0.57 0.30 -32.56
N CYS F 272 0.58 1.58 -32.22
CA CYS F 272 0.33 2.00 -30.85
C CYS F 272 -0.85 2.95 -30.74
N CYS F 273 -2.05 2.38 -30.58
CA CYS F 273 -3.27 3.18 -30.41
C CYS F 273 -3.66 3.33 -28.95
N GLY F 274 -3.25 4.43 -28.34
CA GLY F 274 -3.46 4.62 -26.91
C GLY F 274 -4.86 5.03 -26.51
N ASN F 275 -5.67 5.48 -27.45
CA ASN F 275 -7.01 5.98 -27.13
C ASN F 275 -8.02 5.89 -28.26
N ASP F 276 -9.26 6.31 -27.96
CA ASP F 276 -10.36 6.27 -28.92
C ASP F 276 -10.07 7.07 -30.19
N LYS F 277 -9.47 8.24 -30.02
CA LYS F 277 -9.14 9.11 -31.15
C LYS F 277 -8.23 8.41 -32.16
N LEU F 278 -7.11 7.89 -31.65
CA LEU F 278 -6.14 7.21 -32.49
C LEU F 278 -6.74 5.95 -33.12
N PHE F 279 -7.66 5.31 -32.40
CA PHE F 279 -8.30 4.10 -32.90
C PHE F 279 -9.17 4.37 -34.12
N SER F 280 -9.98 5.44 -34.04
CA SER F 280 -10.84 5.83 -35.15
C SER F 280 -10.00 6.16 -36.37
N ALA F 281 -8.87 6.83 -36.14
CA ALA F 281 -7.94 7.14 -37.21
C ALA F 281 -7.36 5.87 -37.81
N LEU F 282 -6.95 4.94 -36.96
CA LEU F 282 -6.40 3.67 -37.41
C LEU F 282 -7.41 2.91 -38.28
N CYS F 283 -8.65 2.85 -37.81
CA CYS F 283 -9.70 2.16 -38.55
C CYS F 283 -9.99 2.83 -39.89
N GLN F 284 -9.71 4.12 -39.98
CA GLN F 284 -9.88 4.85 -41.24
C GLN F 284 -8.86 4.42 -42.28
N ALA F 285 -7.60 4.33 -41.87
CA ALA F 285 -6.51 3.97 -42.79
C ALA F 285 -6.59 2.51 -43.21
N LEU F 286 -7.19 1.69 -42.36
CA LEU F 286 -7.31 0.26 -42.62
C LEU F 286 -8.67 -0.09 -43.25
N GLU F 287 -9.50 0.93 -43.40
CA GLU F 287 -10.86 0.77 -43.93
C GLU F 287 -11.71 -0.19 -43.11
N LEU F 288 -11.54 -0.14 -41.79
CA LEU F 288 -12.37 -0.92 -40.89
C LEU F 288 -13.18 0.03 -40.01
N THR F 289 -13.78 1.02 -40.64
CA THR F 289 -14.53 2.06 -39.92
C THR F 289 -15.74 1.50 -39.18
N GLU F 290 -16.20 0.32 -39.59
CA GLU F 290 -17.35 -0.32 -38.96
C GLU F 290 -17.03 -0.77 -37.54
N LEU F 291 -15.74 -0.91 -37.25
CA LEU F 291 -15.29 -1.40 -35.94
C LEU F 291 -15.31 -0.33 -34.87
N VAL F 292 -15.22 0.93 -35.28
CA VAL F 292 -15.12 2.06 -34.35
C VAL F 292 -16.25 2.08 -33.33
N ASN F 293 -17.45 1.69 -33.75
CA ASN F 293 -18.59 1.64 -32.84
C ASN F 293 -19.11 0.23 -32.57
N ASP F 294 -18.31 -0.77 -32.90
CA ASP F 294 -18.62 -2.14 -32.54
C ASP F 294 -18.65 -2.20 -31.01
N PRO F 295 -19.68 -2.85 -30.44
CA PRO F 295 -19.82 -2.93 -28.98
C PRO F 295 -18.61 -3.59 -28.31
N ARG F 296 -17.86 -4.37 -29.07
CA ARG F 296 -16.68 -5.04 -28.56
C ARG F 296 -15.46 -4.13 -28.50
N PHE F 297 -15.44 -3.09 -29.33
CA PHE F 297 -14.25 -2.28 -29.51
C PHE F 297 -14.48 -0.79 -29.27
N SER F 298 -15.61 -0.44 -28.67
CA SER F 298 -16.05 0.95 -28.56
C SER F 298 -15.16 1.82 -27.67
N SER F 299 -14.64 1.25 -26.60
CA SER F 299 -13.74 1.98 -25.71
C SER F 299 -12.39 1.27 -25.62
N ASN F 300 -11.44 1.88 -24.92
CA ASN F 300 -10.12 1.29 -24.78
C ASN F 300 -10.15 0.04 -23.91
N ILE F 301 -10.90 0.11 -22.82
CA ILE F 301 -11.02 -1.02 -21.89
C ILE F 301 -11.67 -2.23 -22.57
N LEU F 302 -12.66 -1.96 -23.43
CA LEU F 302 -13.32 -3.02 -24.18
C LEU F 302 -12.37 -3.64 -25.22
N ARG F 303 -11.51 -2.80 -25.79
CA ARG F 303 -10.55 -3.29 -26.77
C ARG F 303 -9.46 -4.11 -26.09
N VAL F 304 -9.08 -3.71 -24.88
CA VAL F 304 -8.13 -4.48 -24.09
C VAL F 304 -8.70 -5.88 -23.83
N GLN F 305 -9.94 -5.90 -23.37
CA GLN F 305 -10.66 -7.17 -23.13
C GLN F 305 -10.65 -8.06 -24.36
N ASN F 306 -11.03 -7.49 -25.50
CA ASN F 306 -11.18 -8.25 -26.73
C ASN F 306 -10.04 -8.02 -27.73
N GLN F 307 -8.83 -7.84 -27.22
CA GLN F 307 -7.67 -7.57 -28.06
C GLN F 307 -7.40 -8.68 -29.07
N ALA F 308 -7.64 -9.92 -28.65
CA ALA F 308 -7.32 -11.09 -29.46
C ALA F 308 -8.14 -11.11 -30.74
N ILE F 309 -9.46 -11.04 -30.60
CA ILE F 309 -10.34 -11.04 -31.75
C ILE F 309 -10.14 -9.77 -32.61
N LEU F 310 -9.82 -8.67 -31.93
CA LEU F 310 -9.55 -7.41 -32.63
C LEU F 310 -8.26 -7.51 -33.42
N LYS F 311 -7.30 -8.26 -32.89
CA LYS F 311 -6.02 -8.47 -33.56
C LYS F 311 -6.21 -9.26 -34.85
N GLN F 312 -7.17 -10.19 -34.84
CA GLN F 312 -7.50 -10.98 -36.02
C GLN F 312 -8.00 -10.10 -37.15
N TYR F 313 -8.93 -9.21 -36.83
CA TYR F 313 -9.49 -8.28 -37.80
C TYR F 313 -8.40 -7.42 -38.45
N ILE F 314 -7.52 -6.89 -37.62
CA ILE F 314 -6.47 -5.98 -38.10
C ILE F 314 -5.47 -6.68 -39.02
N GLU F 315 -5.01 -7.86 -38.61
CA GLU F 315 -4.03 -8.60 -39.42
C GLU F 315 -4.66 -9.14 -40.70
N ARG F 316 -5.95 -9.42 -40.63
CA ARG F 316 -6.71 -9.87 -41.80
C ARG F 316 -6.61 -8.85 -42.92
N THR F 317 -6.66 -7.57 -42.54
CA THR F 317 -6.53 -6.47 -43.50
C THR F 317 -5.07 -6.17 -43.80
N LEU F 318 -4.24 -6.17 -42.77
CA LEU F 318 -2.82 -5.83 -42.91
C LEU F 318 -2.04 -6.76 -43.85
N LYS F 319 -2.47 -8.02 -43.93
CA LYS F 319 -1.77 -9.01 -44.74
C LYS F 319 -2.03 -8.87 -46.24
N THR F 320 -2.73 -7.82 -46.63
CA THR F 320 -3.03 -7.57 -48.04
C THR F 320 -2.02 -6.64 -48.68
N GLN F 321 -1.18 -6.00 -47.87
CA GLN F 321 -0.26 -4.99 -48.37
C GLN F 321 1.11 -5.05 -47.68
N ALA F 322 2.14 -4.56 -48.37
CA ALA F 322 3.49 -4.51 -47.81
C ALA F 322 3.54 -3.62 -46.58
N ALA F 323 4.52 -3.87 -45.71
CA ALA F 323 4.66 -3.07 -44.50
C ALA F 323 4.93 -1.62 -44.85
N GLU F 324 5.64 -1.41 -45.95
CA GLU F 324 6.07 -0.07 -46.37
C GLU F 324 4.91 0.88 -46.66
N VAL F 325 3.79 0.32 -47.12
CA VAL F 325 2.63 1.15 -47.42
C VAL F 325 1.74 1.32 -46.18
N TRP F 326 1.67 0.29 -45.35
CA TRP F 326 0.94 0.39 -44.10
C TRP F 326 1.55 1.46 -43.19
N LEU F 327 2.88 1.57 -43.21
CA LEU F 327 3.57 2.62 -42.47
C LEU F 327 3.10 3.99 -42.97
N ALA F 328 3.10 4.16 -44.28
CA ALA F 328 2.71 5.43 -44.89
C ALA F 328 1.25 5.77 -44.62
N ARG F 329 0.36 4.81 -44.81
CA ARG F 329 -1.07 5.03 -44.64
C ARG F 329 -1.45 5.30 -43.18
N ILE F 330 -0.82 4.58 -42.26
CA ILE F 330 -1.12 4.74 -40.83
C ILE F 330 -0.48 6.02 -40.27
N HIS F 331 0.73 6.34 -40.71
CA HIS F 331 1.38 7.58 -40.28
C HIS F 331 0.64 8.80 -40.83
N GLU F 332 -0.04 8.61 -41.96
CA GLU F 332 -0.77 9.70 -42.60
C GLU F 332 -1.90 10.20 -41.69
N VAL F 333 -2.58 9.29 -41.02
CA VAL F 333 -3.69 9.66 -40.14
C VAL F 333 -3.23 9.97 -38.72
N GLY F 334 -1.92 9.99 -38.52
CA GLY F 334 -1.34 10.44 -37.25
C GLY F 334 -1.31 9.43 -36.13
N VAL F 335 -1.36 8.15 -36.48
CA VAL F 335 -1.27 7.08 -35.48
C VAL F 335 0.16 6.59 -35.36
N PRO F 336 0.71 6.58 -34.14
CA PRO F 336 2.07 6.08 -33.88
C PRO F 336 2.28 4.69 -34.48
N VAL F 337 3.28 4.58 -35.34
CA VAL F 337 3.57 3.36 -36.06
C VAL F 337 5.07 3.30 -36.37
N ALA F 338 5.63 2.11 -36.38
CA ALA F 338 7.07 1.95 -36.61
C ALA F 338 7.43 0.55 -37.09
N PRO F 339 8.46 0.47 -37.94
CA PRO F 339 8.97 -0.84 -38.40
C PRO F 339 9.86 -1.47 -37.33
N LEU F 340 10.04 -2.79 -37.39
CA LEU F 340 11.01 -3.45 -36.52
C LEU F 340 12.36 -3.46 -37.22
N LEU F 341 13.26 -2.56 -36.82
CA LEU F 341 14.55 -2.45 -37.48
C LEU F 341 15.54 -3.43 -36.88
N SER F 342 16.56 -3.77 -37.66
CA SER F 342 17.71 -4.51 -37.14
C SER F 342 18.69 -3.47 -36.61
N VAL F 343 19.65 -3.92 -35.82
CA VAL F 343 20.67 -3.04 -35.26
C VAL F 343 21.40 -2.28 -36.37
N ALA F 344 21.62 -2.97 -37.48
CA ALA F 344 22.32 -2.40 -38.63
C ALA F 344 21.60 -1.17 -39.19
N GLU F 345 20.29 -1.26 -39.31
CA GLU F 345 19.48 -0.16 -39.84
C GLU F 345 19.41 0.98 -38.84
N ALA F 346 19.22 0.64 -37.57
CA ALA F 346 19.08 1.62 -36.50
C ALA F 346 20.26 2.58 -36.44
N ILE F 347 21.46 2.04 -36.41
CA ILE F 347 22.66 2.87 -36.26
C ILE F 347 22.97 3.70 -37.50
N LYS F 348 22.26 3.43 -38.61
CA LYS F 348 22.47 4.18 -39.85
C LYS F 348 21.40 5.25 -40.07
N LEU F 349 20.40 5.27 -39.19
CA LEU F 349 19.35 6.29 -39.29
C LEU F 349 19.91 7.70 -39.13
N PRO F 350 19.32 8.66 -39.86
CA PRO F 350 19.71 10.07 -39.73
C PRO F 350 19.70 10.53 -38.29
N GLN F 351 18.72 10.05 -37.51
CA GLN F 351 18.59 10.44 -36.12
C GLN F 351 19.81 10.02 -35.30
N THR F 352 20.32 8.82 -35.59
CA THR F 352 21.51 8.32 -34.90
C THR F 352 22.69 9.22 -35.17
N GLN F 353 22.95 9.50 -36.45
CA GLN F 353 24.02 10.39 -36.85
C GLN F 353 23.82 11.77 -36.24
N ALA F 354 22.57 12.24 -36.26
CA ALA F 354 22.21 13.52 -35.69
C ALA F 354 22.59 13.60 -34.22
N ARG F 355 22.36 12.51 -33.49
CA ARG F 355 22.68 12.46 -32.07
C ARG F 355 24.12 12.01 -31.82
N ASN F 356 24.86 11.77 -32.89
CA ASN F 356 26.24 11.28 -32.80
C ASN F 356 26.32 10.04 -31.91
N MET F 357 25.42 9.10 -32.12
CA MET F 357 25.38 7.89 -31.30
C MET F 357 26.22 6.75 -31.88
N LEU F 358 26.83 7.01 -33.03
CA LEU F 358 27.80 6.08 -33.59
C LEU F 358 29.08 6.86 -33.87
N ILE F 359 30.09 6.62 -33.04
CA ILE F 359 31.36 7.33 -33.15
C ILE F 359 32.45 6.39 -33.65
N GLU F 360 33.57 6.95 -34.08
CA GLU F 360 34.73 6.12 -34.39
C GLU F 360 35.87 6.43 -33.43
N ALA F 361 36.40 5.37 -32.83
CA ALA F 361 37.51 5.49 -31.88
C ALA F 361 38.61 4.52 -32.27
N GLY F 362 39.74 5.06 -32.72
CA GLY F 362 40.82 4.24 -33.23
C GLY F 362 40.36 3.52 -34.49
N GLY F 363 39.66 4.26 -35.35
CA GLY F 363 39.23 3.72 -36.62
C GLY F 363 38.11 2.69 -36.54
N ILE F 364 37.48 2.57 -35.38
CA ILE F 364 36.40 1.61 -35.21
C ILE F 364 35.08 2.28 -34.82
N MET F 365 34.02 1.97 -35.57
CA MET F 365 32.70 2.52 -35.29
C MET F 365 32.08 1.85 -34.07
N MET F 366 31.85 2.63 -33.01
CA MET F 366 31.27 2.09 -31.79
C MET F 366 30.20 3.03 -31.20
N PRO F 367 29.32 2.51 -30.32
CA PRO F 367 28.23 3.32 -29.77
C PRO F 367 28.66 4.61 -29.07
N GLY F 368 27.91 5.68 -29.27
CA GLY F 368 28.21 6.95 -28.67
C GLY F 368 27.74 7.05 -27.24
N ASN F 369 27.88 8.25 -26.66
CA ASN F 369 27.42 8.52 -25.31
C ASN F 369 26.01 9.12 -25.34
N PRO F 370 25.03 8.40 -24.78
CA PRO F 370 23.64 8.83 -24.83
C PRO F 370 23.36 10.04 -23.93
N ILE F 371 24.27 10.34 -23.02
CA ILE F 371 24.12 11.49 -22.13
C ILE F 371 24.64 12.76 -22.79
N LYS F 372 23.72 13.58 -23.29
CA LYS F 372 24.09 14.86 -23.91
C LYS F 372 23.99 16.00 -22.90
N ILE F 373 25.04 16.81 -22.82
CA ILE F 373 25.07 17.95 -21.90
C ILE F 373 25.60 19.19 -22.62
N SER F 374 24.89 20.30 -22.49
CA SER F 374 25.27 21.55 -23.14
C SER F 374 26.62 22.05 -22.64
N GLY F 375 27.48 22.47 -23.57
CA GLY F 375 28.80 22.96 -23.23
C GLY F 375 29.86 21.88 -23.35
N CYS F 376 29.54 20.68 -22.87
CA CYS F 376 30.46 19.56 -22.92
C CYS F 376 30.61 19.05 -24.34
N ALA F 377 31.85 18.94 -24.81
CA ALA F 377 32.14 18.49 -26.17
C ALA F 377 31.68 17.06 -26.39
N ASP F 378 31.24 16.78 -27.62
CA ASP F 378 30.75 15.45 -27.98
C ASP F 378 31.33 15.02 -29.32
N PRO F 379 32.64 14.72 -29.35
CA PRO F 379 33.37 14.46 -30.60
C PRO F 379 32.93 13.17 -31.29
N HIS F 380 32.93 13.18 -32.61
CA HIS F 380 32.61 11.99 -33.39
C HIS F 380 33.84 11.09 -33.51
N VAL F 381 35.02 11.70 -33.37
CA VAL F 381 36.28 10.95 -33.44
C VAL F 381 36.98 10.98 -32.08
N MET F 382 37.21 9.80 -31.52
CA MET F 382 37.76 9.68 -30.17
C MET F 382 39.05 8.87 -30.16
N PRO F 383 39.81 8.94 -29.06
CA PRO F 383 40.95 8.04 -28.87
C PRO F 383 40.49 6.58 -28.86
N GLY F 384 41.24 5.71 -29.54
CA GLY F 384 40.93 4.29 -29.53
C GLY F 384 41.34 3.63 -28.23
N ALA F 385 41.25 2.31 -28.18
CA ALA F 385 41.58 1.58 -26.97
C ALA F 385 43.09 1.39 -26.85
N ALA F 386 43.58 1.32 -25.61
CA ALA F 386 45.00 1.14 -25.36
C ALA F 386 45.41 -0.32 -25.51
N THR F 387 46.63 -0.53 -26.00
CA THR F 387 47.21 -1.86 -26.00
C THR F 387 47.64 -2.18 -24.58
N LEU F 388 47.91 -3.46 -24.31
CA LEU F 388 48.30 -3.88 -22.97
C LEU F 388 49.56 -3.16 -22.49
N ASP F 389 49.46 -2.53 -21.32
CA ASP F 389 50.57 -1.82 -20.69
C ASP F 389 51.10 -0.64 -21.50
N GLN F 390 50.28 -0.12 -22.42
CA GLN F 390 50.70 0.96 -23.31
C GLN F 390 51.26 2.17 -22.56
N HIS F 391 50.65 2.50 -21.43
CA HIS F 391 51.08 3.65 -20.63
C HIS F 391 51.79 3.20 -19.36
N GLY F 392 52.14 1.92 -19.30
CA GLY F 392 52.77 1.35 -18.12
C GLY F 392 54.06 2.02 -17.73
N GLU F 393 54.91 2.29 -18.71
CA GLU F 393 56.19 2.93 -18.47
C GLU F 393 56.03 4.33 -17.90
N GLN F 394 55.26 5.16 -18.60
CA GLN F 394 55.04 6.55 -18.21
C GLN F 394 54.41 6.64 -16.83
N ILE F 395 53.47 5.74 -16.55
CA ILE F 395 52.70 5.79 -15.31
C ILE F 395 53.46 5.21 -14.11
N ARG F 396 54.23 4.15 -14.36
CA ARG F 396 55.07 3.55 -13.32
C ARG F 396 56.05 4.59 -12.78
N GLN F 397 56.57 5.43 -13.67
CA GLN F 397 57.47 6.50 -13.28
C GLN F 397 56.69 7.61 -12.60
N GLU F 398 55.47 7.84 -13.07
CA GLU F 398 54.61 8.90 -12.55
C GLU F 398 54.28 8.75 -11.06
N PHE F 399 54.05 7.50 -10.65
CA PHE F 399 53.64 7.22 -9.28
C PHE F 399 54.70 6.47 -8.49
N SER F 400 55.95 6.91 -8.61
CA SER F 400 57.06 6.23 -7.94
C SER F 400 57.44 6.89 -6.62
N SER F 401 57.28 6.16 -5.52
CA SER F 401 57.64 6.65 -4.20
C SER F 401 58.30 5.57 -3.35
#